data_9BYL
#
_entry.id   9BYL
#
loop_
_entity.id
_entity.type
_entity.pdbx_description
1 polymer 'Ribonucleoside-diphosphate reductase subunit alpha'
2 polymer 'Ribonucleoside-diphosphate reductase subunit beta'
3 polymer Thioredoxin
4 non-polymer "ADENOSINE-5'-TRIPHOSPHATE"
5 non-polymer "GUANOSINE-5'-DIPHOSPHATE"
6 non-polymer "THYMIDINE-5'-TRIPHOSPHATE"
7 non-polymer 'MAGNESIUM ION'
8 non-polymer 'MANGANESE (II) ION'
#
loop_
_entity_poly.entity_id
_entity_poly.type
_entity_poly.pdbx_seq_one_letter_code
_entity_poly.pdbx_strand_id
1 'polypeptide(L)'
;MSQNQVPKWIQLNNEIMIQKDGKFQFDKDKEAVHSYFVDYINQNTVFFHNLKEKLDYLVENQYYEEEFLSLYSFEDIKEV
FKTAYAKKFRFPSFMSAFKFYNDYALKTNDKKKILERYEDRISIVALFFANGDTEKAKEYVNLMINQEYQPSTPTFLNAG
RKRRGELVSCFLLEVNDSLNDISRAIDISMQLSKLGGGVSLNLSKLRAKGEAIKDVENATKGVVGVMKLLDNAFRYADQM
GQRQGSGAAYLNIFHRDINDFLDTKKISADEDVRVKTLSIGVVIPDKFVELAREDKAAYVFYPHTIYKEYGQHMDEMDMN
EMYDKFVDNPRVKKEKINPRKLLEKLAMLRSESGYPYIMFQDNVNKVHANNHISKVKFSNLCSEVLQASQVSSYTDYDEE
DEIGLDISCNLGSLNILNVMEHKSIEKTVKLATDSLTHVSETTDIRNAPAVRRANKAMKSIGLGAMNLHGYLAQNGIAYE
SPEARDFANTFFMMVNFYSIQRSAEIAKEKGETFDQYEGSTYATGEYFDKYVSTDFSPKYEKIANLFEGMHIPTTEDWKK
LKAFVAEHGMYHSYRLCIAPTGSISYVQSSTASVMPIMERIEERTYGNSKTYYPMPGLASNNWFFYKEAYDMDMFKVVDM
IATIQQHIDQGISFTLFLKDTMTTRDLNRIDLYAHHRGIKTIYYARTKDTGQDSCLSCVV
;
A,B
2 'polypeptide(L)'
;MGSSHHHHHHSSGLVPRGSHMMTKIYDAANWSKHEDDFTQMFYNQNVKQFWLPEEIALNGDLLTWKYLGKNEQDTYMKVL
AGLTLLDTEQGNTGMPIVAEHVDGHQRKAVLNFMAMMENAVHAKSYSNIFMTLAPTETINEVFEWVKQNKYLQKKAQMIV
GLYKAIQKDDEISLFKAMVASVYLESFLFYSGFYYPLYFYGQGKLMQSGEIINLILRDEAIHGVYVGLLAQEIYNKQTEE
KKAELREFAIDLLNQLYENELEYTEDLYDQVGLSHDVKKFIRYNANKALMNLGFDPYFEEEDINPIVLNGLNTKTKSHDF
FSMKGNGYKKATVEPLKDDDFYFEDEKEQI
;
C,D
3 'polypeptide(L)'
;MAIVKATDQSFSAETSEGVVLADFWAPWCGPCKMIAPVLEELDQEMGDKLKIVKIDVDENQETAGKYGVMSIPTLLVLKD
GEVVETSVGFKPKEALQELVNKHL
;
E
#
loop_
_chem_comp.id
_chem_comp.type
_chem_comp.name
_chem_comp.formula
ATP non-polymer ADENOSINE-5'-TRIPHOSPHATE 'C10 H16 N5 O13 P3'
GDP RNA linking GUANOSINE-5'-DIPHOSPHATE 'C10 H15 N5 O11 P2'
MG non-polymer 'MAGNESIUM ION' 'Mg 2'
MN non-polymer 'MANGANESE (II) ION' 'Mn 2'
TTP non-polymer THYMIDINE-5'-TRIPHOSPHATE 'C10 H17 N2 O14 P3'
#
# COMPACT_ATOMS: atom_id res chain seq x y z
N VAL A 6 31.19 8.43 -29.40
CA VAL A 6 31.61 9.31 -28.32
C VAL A 6 32.06 10.66 -28.88
N PRO A 7 31.49 11.74 -28.35
CA PRO A 7 31.84 13.08 -28.85
C PRO A 7 33.26 13.46 -28.43
N LYS A 8 33.84 14.39 -29.20
CA LYS A 8 35.24 14.75 -29.00
C LYS A 8 35.48 15.36 -27.63
N TRP A 9 34.57 16.23 -27.17
CA TRP A 9 34.76 16.84 -25.86
C TRP A 9 34.70 15.80 -24.75
N ILE A 10 33.88 14.76 -24.91
CA ILE A 10 33.82 13.71 -23.91
C ILE A 10 35.11 12.91 -23.88
N GLN A 11 35.71 12.64 -25.05
CA GLN A 11 37.01 11.98 -25.05
C GLN A 11 38.07 12.86 -24.38
N LEU A 12 38.07 14.16 -24.68
CA LEU A 12 39.03 15.05 -24.06
C LEU A 12 38.84 15.14 -22.55
N ASN A 13 37.59 15.00 -22.09
CA ASN A 13 37.32 15.00 -20.65
C ASN A 13 37.77 13.71 -20.00
N ASN A 14 37.50 12.56 -20.64
CA ASN A 14 37.95 11.28 -20.09
C ASN A 14 39.45 11.11 -20.18
N GLU A 15 40.14 11.91 -20.99
CA GLU A 15 41.60 11.86 -21.00
C GLU A 15 42.22 12.41 -19.73
N ILE A 16 41.43 13.01 -18.83
CA ILE A 16 41.96 13.51 -17.57
C ILE A 16 42.52 12.35 -16.74
N MET A 17 41.75 11.27 -16.63
CA MET A 17 42.17 10.13 -15.81
C MET A 17 43.41 9.45 -16.36
N ILE A 18 43.63 9.55 -17.68
CA ILE A 18 44.82 8.97 -18.28
C ILE A 18 46.02 9.74 -17.76
N GLN A 19 46.91 9.06 -17.04
CA GLN A 19 48.00 9.74 -16.34
C GLN A 19 49.22 9.84 -17.24
N LYS A 20 49.75 11.05 -17.36
CA LYS A 20 50.99 11.32 -18.09
C LYS A 20 52.05 11.75 -17.08
N ASP A 21 53.18 11.05 -17.08
CA ASP A 21 54.26 11.29 -16.12
C ASP A 21 53.75 11.17 -14.68
N GLY A 22 52.83 10.22 -14.46
CA GLY A 22 52.28 10.00 -13.14
C GLY A 22 51.40 11.11 -12.62
N LYS A 23 50.86 11.95 -13.50
CA LYS A 23 50.01 13.06 -13.10
C LYS A 23 48.76 13.09 -13.97
N PHE A 24 47.65 13.51 -13.37
CA PHE A 24 46.41 13.66 -14.10
C PHE A 24 46.50 14.83 -15.07
N GLN A 25 45.93 14.63 -16.27
CA GLN A 25 45.93 15.68 -17.29
C GLN A 25 44.73 16.61 -17.04
N PHE A 26 44.88 17.44 -16.00
CA PHE A 26 43.82 18.38 -15.66
C PHE A 26 43.61 19.42 -16.76
N ASP A 27 44.70 19.92 -17.34
CA ASP A 27 44.60 20.95 -18.37
C ASP A 27 43.78 20.47 -19.56
N LYS A 28 43.78 19.16 -19.83
CA LYS A 28 42.98 18.63 -20.93
C LYS A 28 41.51 18.99 -20.77
N ASP A 29 41.03 19.08 -19.53
CA ASP A 29 39.65 19.50 -19.30
C ASP A 29 39.36 20.83 -20.00
N LYS A 30 40.28 21.79 -19.88
CA LYS A 30 40.11 23.06 -20.57
C LYS A 30 39.89 22.84 -22.06
N GLU A 31 40.72 22.01 -22.68
CA GLU A 31 40.55 21.71 -24.10
C GLU A 31 39.16 21.16 -24.36
N ALA A 32 38.69 20.26 -23.49
CA ALA A 32 37.35 19.72 -23.63
C ALA A 32 36.32 20.83 -23.74
N VAL A 33 36.43 21.85 -22.87
CA VAL A 33 35.49 22.97 -22.91
C VAL A 33 35.48 23.57 -24.31
N HIS A 34 36.67 23.84 -24.84
CA HIS A 34 36.77 24.40 -26.18
C HIS A 34 36.02 23.51 -27.17
N SER A 35 36.28 22.20 -27.13
CA SER A 35 35.57 21.29 -28.01
C SER A 35 34.07 21.38 -27.77
N TYR A 36 33.65 21.39 -26.49
CA TYR A 36 32.24 21.45 -26.18
C TYR A 36 31.60 22.71 -26.73
N PHE A 37 32.40 23.76 -26.96
CA PHE A 37 31.89 24.97 -27.58
C PHE A 37 32.16 25.02 -29.07
N VAL A 38 33.20 24.35 -29.55
CA VAL A 38 33.49 24.39 -30.98
C VAL A 38 32.60 23.42 -31.74
N ASP A 39 32.28 22.28 -31.13
CA ASP A 39 31.53 21.23 -31.80
C ASP A 39 30.04 21.26 -31.50
N TYR A 40 29.64 21.59 -30.28
CA TYR A 40 28.25 21.45 -29.87
C TYR A 40 27.56 22.78 -29.58
N ILE A 41 28.10 23.59 -28.65
CA ILE A 41 27.34 24.72 -28.15
C ILE A 41 27.09 25.75 -29.24
N ASN A 42 28.14 26.12 -29.98
CA ASN A 42 27.98 27.11 -31.02
C ASN A 42 27.11 26.61 -32.17
N GLN A 43 27.19 25.31 -32.48
CA GLN A 43 26.38 24.76 -33.56
C GLN A 43 24.89 24.79 -33.23
N ASN A 44 24.54 24.50 -31.97
CA ASN A 44 23.15 24.43 -31.55
C ASN A 44 22.68 25.69 -30.83
N THR A 45 23.43 26.79 -30.93
CA THR A 45 23.02 28.05 -30.34
C THR A 45 22.34 28.91 -31.40
N VAL A 46 21.12 29.34 -31.11
CA VAL A 46 20.37 30.18 -32.04
C VAL A 46 20.96 31.58 -32.03
N PHE A 47 21.34 32.07 -33.21
CA PHE A 47 21.93 33.40 -33.35
C PHE A 47 20.97 34.30 -34.11
N PHE A 48 20.97 35.58 -33.72
CA PHE A 48 20.11 36.59 -34.32
C PHE A 48 20.96 37.71 -34.89
N HIS A 49 20.38 38.45 -35.84
CA HIS A 49 21.10 39.54 -36.47
C HIS A 49 21.46 40.63 -35.47
N ASN A 50 20.60 40.86 -34.49
CA ASN A 50 20.87 41.83 -33.44
C ASN A 50 20.10 41.44 -32.19
N LEU A 51 20.46 42.06 -31.07
CA LEU A 51 19.82 41.74 -29.80
C LEU A 51 18.34 42.11 -29.80
N LYS A 52 17.95 43.11 -30.58
CA LYS A 52 16.54 43.49 -30.67
C LYS A 52 15.71 42.33 -31.22
N GLU A 53 16.20 41.69 -32.28
CA GLU A 53 15.50 40.54 -32.85
C GLU A 53 15.44 39.39 -31.87
N LYS A 54 16.53 39.14 -31.14
CA LYS A 54 16.54 38.07 -30.15
C LYS A 54 15.51 38.31 -29.05
N LEU A 55 15.48 39.54 -28.52
CA LEU A 55 14.53 39.86 -27.46
C LEU A 55 13.10 39.79 -27.98
N ASP A 56 12.85 40.27 -29.20
CA ASP A 56 11.51 40.19 -29.76
C ASP A 56 11.07 38.75 -29.95
N TYR A 57 11.97 37.88 -30.44
CA TYR A 57 11.63 36.48 -30.63
C TYR A 57 11.37 35.79 -29.29
N LEU A 58 12.18 36.09 -28.27
CA LEU A 58 12.00 35.44 -26.99
C LEU A 58 10.72 35.92 -26.29
N VAL A 59 10.39 37.21 -26.40
CA VAL A 59 9.18 37.72 -25.78
C VAL A 59 7.94 37.20 -26.51
N GLU A 60 7.96 37.25 -27.85
CA GLU A 60 6.79 36.87 -28.63
C GLU A 60 6.49 35.38 -28.48
N ASN A 61 7.53 34.54 -28.43
CA ASN A 61 7.35 33.10 -28.30
C ASN A 61 7.16 32.66 -26.85
N GLN A 62 6.80 33.58 -25.96
CA GLN A 62 6.48 33.27 -24.56
C GLN A 62 7.66 32.64 -23.83
N TYR A 63 8.89 33.03 -24.21
CA TYR A 63 10.08 32.62 -23.46
C TYR A 63 10.34 33.55 -22.29
N TYR A 64 10.28 34.86 -22.53
CA TYR A 64 10.54 35.88 -21.52
C TYR A 64 9.23 36.55 -21.09
N GLU A 65 9.36 37.38 -20.06
CA GLU A 65 8.26 38.22 -19.61
C GLU A 65 8.42 39.62 -20.18
N GLU A 66 7.30 40.24 -20.55
CA GLU A 66 7.33 41.59 -21.09
C GLU A 66 7.53 42.63 -20.01
N GLU A 67 7.06 42.36 -18.79
CA GLU A 67 7.02 43.39 -17.75
C GLU A 67 8.42 43.84 -17.36
N PHE A 68 9.32 42.89 -17.11
CA PHE A 68 10.64 43.25 -16.62
C PHE A 68 11.50 43.86 -17.71
N LEU A 69 11.29 43.47 -18.97
CA LEU A 69 12.03 44.08 -20.07
C LEU A 69 11.49 45.45 -20.43
N SER A 70 10.19 45.70 -20.18
CA SER A 70 9.61 46.99 -20.53
C SER A 70 10.07 48.11 -19.61
N LEU A 71 10.67 47.78 -18.46
CA LEU A 71 11.15 48.81 -17.54
C LEU A 71 12.40 49.51 -18.06
N TYR A 72 13.06 48.95 -19.07
CA TYR A 72 14.26 49.54 -19.65
C TYR A 72 14.03 49.91 -21.09
N SER A 73 14.70 50.96 -21.54
CA SER A 73 14.81 51.19 -22.97
C SER A 73 15.71 50.14 -23.59
N PHE A 74 15.55 49.93 -24.90
CA PHE A 74 16.35 48.92 -25.57
C PHE A 74 17.84 49.26 -25.52
N GLU A 75 18.18 50.55 -25.49
CA GLU A 75 19.58 50.93 -25.37
C GLU A 75 20.18 50.46 -24.05
N ASP A 76 19.41 50.59 -22.96
CA ASP A 76 19.90 50.14 -21.65
C ASP A 76 20.07 48.62 -21.62
N ILE A 77 19.12 47.87 -22.20
CA ILE A 77 19.24 46.42 -22.25
C ILE A 77 20.45 46.01 -23.07
N LYS A 78 20.66 46.68 -24.21
CA LYS A 78 21.82 46.39 -25.04
C LYS A 78 23.12 46.70 -24.29
N GLU A 79 23.14 47.79 -23.52
CA GLU A 79 24.32 48.12 -22.74
C GLU A 79 24.58 47.08 -21.66
N VAL A 80 23.53 46.57 -21.02
CA VAL A 80 23.69 45.53 -20.03
C VAL A 80 24.24 44.25 -20.66
N PHE A 81 23.71 43.88 -21.82
CA PHE A 81 24.21 42.70 -22.52
C PHE A 81 25.66 42.89 -22.95
N LYS A 82 26.01 44.10 -23.40
CA LYS A 82 27.39 44.38 -23.79
C LYS A 82 28.32 44.31 -22.59
N THR A 83 27.87 44.80 -21.43
CA THR A 83 28.66 44.67 -20.22
C THR A 83 28.87 43.21 -19.84
N ALA A 84 27.83 42.39 -20.01
CA ALA A 84 27.97 40.97 -19.74
C ALA A 84 28.97 40.30 -20.68
N TYR A 85 28.92 40.66 -21.97
CA TYR A 85 29.79 40.03 -22.96
C TYR A 85 31.20 40.61 -22.98
N ALA A 86 31.42 41.78 -22.38
CA ALA A 86 32.74 42.37 -22.36
C ALA A 86 33.71 41.61 -21.48
N LYS A 87 33.21 40.85 -20.50
CA LYS A 87 34.09 40.06 -19.66
C LYS A 87 34.78 38.96 -20.46
N LYS A 88 34.16 38.51 -21.55
CA LYS A 88 34.65 37.36 -22.32
C LYS A 88 34.80 36.14 -21.42
N PHE A 89 33.77 35.89 -20.61
CA PHE A 89 33.80 34.79 -19.66
C PHE A 89 33.95 33.46 -20.37
N ARG A 90 34.84 32.63 -19.84
CA ARG A 90 35.06 31.28 -20.36
C ARG A 90 34.92 30.28 -19.22
N PHE A 91 34.14 29.24 -19.45
CA PHE A 91 34.01 28.17 -18.46
C PHE A 91 35.36 27.46 -18.33
N PRO A 92 35.92 27.34 -17.11
CA PRO A 92 37.23 26.70 -16.97
C PRO A 92 37.21 25.20 -17.07
N SER A 93 36.06 24.56 -16.85
CA SER A 93 35.93 23.12 -16.90
C SER A 93 34.75 22.74 -17.77
N PHE A 94 34.82 21.53 -18.33
CA PHE A 94 33.75 21.06 -19.20
C PHE A 94 32.44 20.93 -18.46
N MET A 95 32.49 20.45 -17.21
CA MET A 95 31.27 20.19 -16.46
C MET A 95 30.52 21.48 -16.15
N SER A 96 31.23 22.60 -15.96
CA SER A 96 30.54 23.87 -15.72
C SER A 96 29.65 24.24 -16.89
N ALA A 97 30.21 24.25 -18.10
CA ALA A 97 29.44 24.58 -19.29
C ALA A 97 28.35 23.55 -19.56
N PHE A 98 28.68 22.27 -19.36
CA PHE A 98 27.69 21.22 -19.59
C PHE A 98 26.50 21.38 -18.66
N LYS A 99 26.75 21.62 -17.37
CA LYS A 99 25.67 21.79 -16.41
C LYS A 99 24.85 23.03 -16.72
N PHE A 100 25.50 24.13 -17.10
CA PHE A 100 24.73 25.33 -17.42
C PHE A 100 23.85 25.11 -18.65
N TYR A 101 24.43 24.58 -19.73
CA TYR A 101 23.69 24.44 -20.98
C TYR A 101 22.76 23.23 -20.99
N ASN A 102 22.82 22.37 -19.97
CA ASN A 102 21.87 21.29 -19.85
C ASN A 102 20.79 21.55 -18.81
N ASP A 103 21.04 22.45 -17.86
CA ASP A 103 20.10 22.70 -16.77
C ASP A 103 19.54 24.11 -16.74
N TYR A 104 20.32 25.12 -17.12
CA TYR A 104 19.93 26.51 -16.93
C TYR A 104 19.76 27.30 -18.21
N ALA A 105 20.50 26.96 -19.27
CA ALA A 105 20.37 27.71 -20.53
C ALA A 105 18.98 27.50 -21.12
N LEU A 106 18.38 28.60 -21.58
CA LEU A 106 17.06 28.54 -22.17
C LEU A 106 17.11 27.82 -23.51
N LYS A 107 16.25 26.84 -23.69
CA LYS A 107 16.16 26.06 -24.92
C LYS A 107 14.79 26.26 -25.56
N THR A 108 14.72 25.94 -26.85
CA THR A 108 13.46 26.03 -27.57
C THR A 108 12.45 25.03 -27.03
N ASN A 109 11.20 25.15 -27.48
CA ASN A 109 10.15 24.24 -27.03
C ASN A 109 10.46 22.80 -27.42
N ASP A 110 11.18 22.61 -28.52
CA ASP A 110 11.58 21.28 -28.98
C ASP A 110 12.87 20.80 -28.33
N LYS A 111 13.51 21.62 -27.50
CA LYS A 111 14.67 21.22 -26.69
C LYS A 111 15.83 20.74 -27.56
N LYS A 112 16.01 21.32 -28.74
CA LYS A 112 17.13 20.95 -29.60
C LYS A 112 18.06 22.11 -29.91
N LYS A 113 17.66 23.34 -29.58
CA LYS A 113 18.47 24.53 -29.85
C LYS A 113 18.64 25.32 -28.56
N ILE A 114 19.73 26.08 -28.50
CA ILE A 114 20.08 26.87 -27.33
C ILE A 114 19.78 28.33 -27.63
N LEU A 115 18.86 28.92 -26.86
CA LEU A 115 18.50 30.31 -27.04
C LEU A 115 19.32 31.25 -26.17
N GLU A 116 19.78 30.78 -25.00
CA GLU A 116 20.47 31.62 -24.04
C GLU A 116 21.89 31.12 -23.84
N ARG A 117 22.86 32.03 -23.96
CA ARG A 117 24.21 31.76 -23.51
C ARG A 117 24.32 32.09 -22.02
N TYR A 118 25.52 31.91 -21.47
CA TYR A 118 25.74 32.31 -20.08
C TYR A 118 25.57 33.81 -19.90
N GLU A 119 26.12 34.60 -20.83
CA GLU A 119 25.99 36.05 -20.75
C GLU A 119 24.55 36.49 -20.92
N ASP A 120 23.80 35.82 -21.80
CA ASP A 120 22.39 36.17 -21.99
C ASP A 120 21.59 35.92 -20.73
N ARG A 121 21.77 34.74 -20.12
CA ARG A 121 21.05 34.43 -18.89
C ARG A 121 21.43 35.37 -17.77
N ILE A 122 22.72 35.69 -17.65
CA ILE A 122 23.18 36.60 -16.61
C ILE A 122 22.59 38.00 -16.83
N SER A 123 22.57 38.46 -18.08
CA SER A 123 22.00 39.78 -18.37
C SER A 123 20.51 39.81 -18.06
N ILE A 124 19.79 38.74 -18.40
CA ILE A 124 18.35 38.71 -18.12
C ILE A 124 18.10 38.71 -16.63
N VAL A 125 18.87 37.92 -15.87
CA VAL A 125 18.69 37.89 -14.41
C VAL A 125 19.03 39.24 -13.80
N ALA A 126 20.07 39.90 -14.32
CA ALA A 126 20.45 41.22 -13.83
C ALA A 126 19.35 42.25 -14.11
N LEU A 127 18.79 42.22 -15.32
CA LEU A 127 17.72 43.15 -15.65
C LEU A 127 16.48 42.90 -14.79
N PHE A 128 16.19 41.63 -14.50
CA PHE A 128 15.10 41.31 -13.59
C PHE A 128 15.38 41.84 -12.19
N PHE A 129 16.64 41.67 -11.72
CA PHE A 129 17.00 42.13 -10.39
C PHE A 129 16.88 43.64 -10.26
N ALA A 130 17.36 44.38 -11.26
CA ALA A 130 17.47 45.83 -11.12
C ALA A 130 16.10 46.52 -11.13
N ASN A 131 15.11 45.90 -11.77
CA ASN A 131 13.74 46.42 -11.79
C ASN A 131 13.66 47.82 -12.37
N GLY A 132 14.44 48.07 -13.42
CA GLY A 132 14.38 49.32 -14.16
C GLY A 132 15.61 50.20 -14.06
N ASP A 133 16.59 49.85 -13.23
CA ASP A 133 17.80 50.64 -13.06
C ASP A 133 18.91 50.05 -13.92
N THR A 134 19.29 50.77 -14.98
CA THR A 134 20.32 50.26 -15.89
C THR A 134 21.67 50.14 -15.19
N GLU A 135 22.03 51.11 -14.35
CA GLU A 135 23.29 51.03 -13.63
C GLU A 135 23.30 49.87 -12.64
N LYS A 136 22.18 49.68 -11.93
CA LYS A 136 22.07 48.54 -11.03
C LYS A 136 22.12 47.23 -11.80
N ALA A 137 21.50 47.19 -12.99
CA ALA A 137 21.57 46.00 -13.82
C ALA A 137 23.00 45.71 -14.25
N LYS A 138 23.76 46.75 -14.61
CA LYS A 138 25.16 46.54 -14.98
C LYS A 138 25.98 46.07 -13.78
N GLU A 139 25.67 46.60 -12.59
CA GLU A 139 26.35 46.12 -11.38
C GLU A 139 26.07 44.64 -11.14
N TYR A 140 24.81 44.23 -11.31
CA TYR A 140 24.46 42.82 -11.16
C TYR A 140 25.16 41.97 -12.21
N VAL A 141 25.25 42.47 -13.45
CA VAL A 141 25.92 41.74 -14.52
C VAL A 141 27.39 41.56 -14.19
N ASN A 142 28.03 42.60 -13.67
CA ASN A 142 29.44 42.48 -13.26
C ASN A 142 29.58 41.54 -12.08
N LEU A 143 28.61 41.52 -11.18
CA LEU A 143 28.66 40.62 -10.03
C LEU A 143 28.57 39.16 -10.47
N MET A 144 27.67 38.85 -11.40
CA MET A 144 27.45 37.46 -11.82
C MET A 144 28.43 36.99 -12.89
N ILE A 145 28.96 37.89 -13.71
CA ILE A 145 29.93 37.48 -14.72
C ILE A 145 31.32 37.37 -14.10
N ASN A 146 31.60 38.10 -13.03
CA ASN A 146 32.76 37.80 -12.19
C ASN A 146 32.52 36.57 -11.33
N GLN A 147 31.29 36.06 -11.32
CA GLN A 147 30.92 34.87 -10.56
C GLN A 147 31.19 35.06 -9.07
N GLU A 148 31.03 36.29 -8.60
CA GLU A 148 31.14 36.56 -7.17
C GLU A 148 29.87 36.12 -6.43
N TYR A 149 28.72 36.32 -7.05
CA TYR A 149 27.44 35.93 -6.47
C TYR A 149 26.67 35.10 -7.47
N GLN A 150 25.96 34.09 -6.96
CA GLN A 150 25.17 33.18 -7.79
C GLN A 150 23.77 33.11 -7.21
N PRO A 151 22.75 33.57 -7.92
CA PRO A 151 21.38 33.32 -7.48
C PRO A 151 21.10 31.82 -7.49
N SER A 152 20.19 31.41 -6.61
CA SER A 152 19.87 30.00 -6.48
C SER A 152 19.34 29.44 -7.81
N THR A 153 19.28 28.12 -7.89
CA THR A 153 18.74 27.46 -9.07
C THR A 153 17.36 27.98 -9.47
N PRO A 154 16.39 28.14 -8.57
CA PRO A 154 15.11 28.75 -9.01
C PRO A 154 15.28 30.14 -9.58
N THR A 155 15.97 31.03 -8.86
CA THR A 155 16.15 32.40 -9.33
C THR A 155 16.95 32.43 -10.62
N PHE A 156 18.09 31.73 -10.66
CA PHE A 156 18.95 31.76 -11.84
C PHE A 156 18.24 31.19 -13.05
N LEU A 157 17.49 30.09 -12.87
CA LEU A 157 16.85 29.43 -14.00
C LEU A 157 15.62 30.17 -14.48
N ASN A 158 14.84 30.74 -13.56
CA ASN A 158 13.49 31.21 -13.89
C ASN A 158 13.37 32.72 -13.99
N ALA A 159 14.38 33.49 -13.58
CA ALA A 159 14.27 34.94 -13.60
C ALA A 159 14.09 35.44 -15.03
N GLY A 160 13.02 36.17 -15.27
CA GLY A 160 12.75 36.73 -16.57
C GLY A 160 12.09 35.80 -17.56
N ARG A 161 11.70 34.59 -17.15
CA ARG A 161 11.09 33.61 -18.04
C ARG A 161 9.60 33.52 -17.76
N LYS A 162 8.80 33.55 -18.82
CA LYS A 162 7.35 33.45 -18.66
C LYS A 162 6.94 32.04 -18.24
N ARG A 163 7.49 31.03 -18.91
CA ARG A 163 7.23 29.63 -18.56
C ARG A 163 8.20 29.26 -17.45
N ARG A 164 7.77 29.45 -16.21
CA ARG A 164 8.67 29.30 -15.07
C ARG A 164 7.88 28.90 -13.83
N GLY A 165 8.60 28.33 -12.87
CA GLY A 165 8.09 28.16 -11.52
C GLY A 165 8.40 29.37 -10.66
N GLU A 166 8.11 29.23 -9.37
CA GLU A 166 8.42 30.31 -8.45
C GLU A 166 9.93 30.40 -8.21
N LEU A 167 10.38 31.61 -7.87
CA LEU A 167 11.78 31.84 -7.59
C LEU A 167 12.21 31.35 -6.22
N VAL A 168 11.26 30.97 -5.37
CA VAL A 168 11.53 30.39 -4.06
C VAL A 168 11.23 28.91 -4.13
N SER A 169 12.15 28.09 -3.63
CA SER A 169 11.94 26.65 -3.60
C SER A 169 12.07 26.03 -2.21
N CYS A 170 12.31 26.82 -1.18
CA CYS A 170 12.30 26.34 0.19
C CYS A 170 11.08 26.92 0.90
N PHE A 171 10.18 26.04 1.32
CA PHE A 171 8.94 26.44 1.99
C PHE A 171 8.79 25.62 3.26
N LEU A 172 8.48 26.30 4.36
CA LEU A 172 8.24 25.65 5.64
C LEU A 172 6.80 25.91 6.05
N LEU A 173 6.07 24.84 6.31
CA LEU A 173 4.66 24.93 6.67
C LEU A 173 4.45 24.45 8.10
N GLU A 174 3.62 25.19 8.84
CA GLU A 174 3.14 24.74 10.13
C GLU A 174 1.78 24.10 9.97
N VAL A 175 1.62 22.90 10.52
CA VAL A 175 0.37 22.15 10.43
C VAL A 175 -0.27 22.11 11.81
N ASN A 176 -1.47 22.66 11.92
CA ASN A 176 -2.21 22.64 13.18
C ASN A 176 -2.93 21.30 13.34
N ASP A 177 -3.29 21.00 14.59
CA ASP A 177 -3.86 19.70 14.94
C ASP A 177 -5.35 19.70 14.64
N SER A 178 -5.67 19.57 13.35
CA SER A 178 -7.06 19.47 12.91
C SER A 178 -7.08 18.85 11.53
N LEU A 179 -8.24 18.28 11.18
CA LEU A 179 -8.41 17.71 9.84
C LEU A 179 -8.43 18.80 8.78
N ASN A 180 -9.07 19.94 9.09
CA ASN A 180 -9.04 21.07 8.17
C ASN A 180 -7.61 21.54 7.92
N ASP A 181 -6.82 21.65 8.98
CA ASP A 181 -5.44 22.11 8.84
C ASP A 181 -4.59 21.08 8.11
N ILE A 182 -4.84 19.79 8.35
CA ILE A 182 -4.09 18.75 7.65
C ILE A 182 -4.41 18.77 6.16
N SER A 183 -5.70 18.89 5.81
CA SER A 183 -6.07 18.96 4.41
C SER A 183 -5.52 20.21 3.74
N ARG A 184 -5.55 21.35 4.45
CA ARG A 184 -4.97 22.57 3.90
C ARG A 184 -3.46 22.44 3.72
N ALA A 185 -2.78 21.75 4.66
CA ALA A 185 -1.35 21.52 4.51
C ALA A 185 -1.06 20.65 3.31
N ILE A 186 -1.86 19.62 3.08
CA ILE A 186 -1.69 18.78 1.90
C ILE A 186 -1.88 19.61 0.63
N ASP A 187 -2.92 20.44 0.61
CA ASP A 187 -3.20 21.28 -0.55
C ASP A 187 -2.04 22.25 -0.82
N ILE A 188 -1.55 22.91 0.24
CA ILE A 188 -0.48 23.88 0.08
C ILE A 188 0.80 23.19 -0.35
N SER A 189 1.08 22.00 0.18
CA SER A 189 2.25 21.24 -0.25
C SER A 189 2.15 20.89 -1.73
N MET A 190 0.97 20.49 -2.19
CA MET A 190 0.78 20.20 -3.61
C MET A 190 0.99 21.45 -4.45
N GLN A 191 0.43 22.59 -4.01
CA GLN A 191 0.55 23.81 -4.78
C GLN A 191 1.99 24.29 -4.85
N LEU A 192 2.75 24.16 -3.76
CA LEU A 192 4.13 24.61 -3.75
C LEU A 192 5.06 23.65 -4.50
N SER A 193 4.77 22.35 -4.46
CA SER A 193 5.50 21.42 -5.30
C SER A 193 5.20 21.66 -6.78
N LYS A 194 3.96 22.05 -7.09
CA LYS A 194 3.62 22.44 -8.44
C LYS A 194 4.45 23.64 -8.90
N LEU A 195 4.69 24.59 -7.99
CA LEU A 195 5.54 25.73 -8.29
C LEU A 195 7.02 25.35 -8.38
N GLY A 196 7.37 24.12 -8.01
CA GLY A 196 8.75 23.67 -8.07
C GLY A 196 9.52 23.79 -6.78
N GLY A 197 8.85 24.06 -5.66
CA GLY A 197 9.53 24.26 -4.41
C GLY A 197 9.55 23.04 -3.52
N GLY A 198 10.61 22.93 -2.71
CA GLY A 198 10.67 21.90 -1.69
C GLY A 198 9.93 22.37 -0.45
N VAL A 199 9.06 21.51 0.06
CA VAL A 199 8.14 21.87 1.14
C VAL A 199 8.51 21.08 2.39
N SER A 200 8.67 21.79 3.50
CA SER A 200 8.90 21.19 4.80
C SER A 200 7.69 21.49 5.69
N LEU A 201 7.21 20.46 6.36
CA LEU A 201 6.03 20.56 7.21
C LEU A 201 6.38 20.17 8.64
N ASN A 202 5.96 20.98 9.59
CA ASN A 202 6.11 20.68 11.01
C ASN A 202 4.90 19.86 11.47
N LEU A 203 5.16 18.66 11.96
CA LEU A 203 4.11 17.75 12.40
C LEU A 203 4.06 17.61 13.91
N SER A 204 4.79 18.44 14.65
CA SER A 204 4.84 18.30 16.10
C SER A 204 3.54 18.71 16.76
N LYS A 205 2.82 19.67 16.19
CA LYS A 205 1.54 20.08 16.77
C LYS A 205 0.46 19.03 16.58
N LEU A 206 0.63 18.13 15.61
CA LEU A 206 -0.35 17.06 15.40
C LEU A 206 -0.33 16.08 16.55
N ARG A 207 -1.52 15.68 16.99
CA ARG A 207 -1.62 14.74 18.10
C ARG A 207 -1.21 13.34 17.64
N ALA A 208 -0.70 12.56 18.60
CA ALA A 208 -0.07 11.29 18.29
C ALA A 208 -1.11 10.20 18.04
N LYS A 209 -0.62 9.01 17.74
CA LYS A 209 -1.49 7.86 17.52
C LYS A 209 -2.11 7.41 18.83
N GLY A 210 -3.41 7.12 18.82
CA GLY A 210 -4.10 6.73 20.02
C GLY A 210 -4.66 7.87 20.84
N GLU A 211 -4.81 9.05 20.26
CA GLU A 211 -5.38 10.20 20.95
C GLU A 211 -6.86 10.32 20.61
N ALA A 212 -7.53 11.25 21.29
CA ALA A 212 -8.97 11.38 21.19
C ALA A 212 -9.37 12.43 20.16
N ILE A 213 -10.39 12.10 19.37
CA ILE A 213 -11.01 13.02 18.44
C ILE A 213 -12.46 13.20 18.88
N LYS A 214 -12.81 14.41 19.32
CA LYS A 214 -14.14 14.71 19.84
C LYS A 214 -14.51 13.77 20.98
N ASP A 215 -13.56 13.53 21.87
CA ASP A 215 -13.77 12.76 23.10
C ASP A 215 -14.17 11.31 22.82
N VAL A 216 -13.61 10.74 21.74
CA VAL A 216 -13.66 9.30 21.51
C VAL A 216 -12.22 8.80 21.50
N GLU A 217 -11.97 7.72 22.24
CA GLU A 217 -10.60 7.33 22.57
C GLU A 217 -9.99 6.48 21.46
N ASN A 218 -8.65 6.51 21.41
CA ASN A 218 -7.86 5.69 20.49
C ASN A 218 -8.30 5.89 19.04
N ALA A 219 -8.51 7.14 18.66
CA ALA A 219 -9.05 7.47 17.35
C ALA A 219 -8.02 8.03 16.38
N THR A 220 -7.03 8.76 16.87
CA THR A 220 -6.08 9.42 15.99
C THR A 220 -5.13 8.41 15.36
N LYS A 221 -4.83 8.60 14.08
CA LYS A 221 -3.85 7.78 13.38
C LYS A 221 -2.42 8.23 13.63
N GLY A 222 -2.23 9.36 14.30
CA GLY A 222 -0.90 9.88 14.55
C GLY A 222 -0.35 10.67 13.38
N VAL A 223 0.94 11.00 13.51
CA VAL A 223 1.60 11.74 12.44
C VAL A 223 1.99 10.85 11.28
N VAL A 224 1.98 9.53 11.44
CA VAL A 224 2.37 8.64 10.36
C VAL A 224 1.32 8.63 9.24
N GLY A 225 0.04 8.67 9.60
CA GLY A 225 -0.99 8.79 8.57
C GLY A 225 -0.90 10.09 7.81
N VAL A 226 -0.61 11.18 8.52
CA VAL A 226 -0.40 12.47 7.86
C VAL A 226 0.82 12.42 6.96
N MET A 227 1.86 11.69 7.39
CA MET A 227 3.05 11.53 6.56
C MET A 227 2.72 10.74 5.29
N LYS A 228 1.88 9.71 5.41
CA LYS A 228 1.45 8.97 4.22
C LYS A 228 0.68 9.87 3.27
N LEU A 229 -0.23 10.69 3.80
CA LEU A 229 -0.97 11.62 2.97
C LEU A 229 -0.03 12.61 2.27
N LEU A 230 0.93 13.15 3.02
CA LEU A 230 1.87 14.10 2.46
C LEU A 230 2.78 13.44 1.41
N ASP A 231 3.19 12.20 1.66
CA ASP A 231 4.00 11.48 0.70
C ASP A 231 3.25 11.25 -0.60
N ASN A 232 1.96 10.87 -0.50
CA ASN A 232 1.16 10.73 -1.70
C ASN A 232 0.99 12.07 -2.42
N ALA A 233 0.78 13.15 -1.66
CA ALA A 233 0.64 14.46 -2.27
C ALA A 233 1.91 14.89 -3.00
N PHE A 234 3.08 14.61 -2.40
CA PHE A 234 4.34 14.98 -3.03
C PHE A 234 4.65 14.10 -4.23
N ARG A 235 4.26 12.82 -4.17
CA ARG A 235 4.41 11.97 -5.35
C ARG A 235 3.53 12.48 -6.48
N TYR A 236 2.31 12.91 -6.17
CA TYR A 236 1.41 13.40 -7.20
C TYR A 236 1.92 14.70 -7.83
N ALA A 237 2.35 15.64 -7.00
CA ALA A 237 2.83 16.94 -7.46
C ALA A 237 4.35 16.84 -7.63
N ASP A 238 4.79 16.58 -8.86
CA ASP A 238 6.19 16.33 -9.17
C ASP A 238 6.66 17.21 -10.33
N GLN A 239 6.34 18.50 -10.25
CA GLN A 239 6.78 19.49 -11.23
C GLN A 239 6.37 19.10 -12.66
N MET A 240 5.10 18.72 -12.81
CA MET A 240 4.56 18.32 -14.11
C MET A 240 5.35 17.15 -14.71
N GLY A 241 5.73 16.20 -13.87
CA GLY A 241 6.48 15.04 -14.31
C GLY A 241 7.88 15.35 -14.79
N GLN A 242 8.61 16.22 -14.10
CA GLN A 242 9.98 16.56 -14.44
C GLN A 242 10.96 16.08 -13.37
N ARG A 243 10.73 16.47 -12.12
CA ARG A 243 11.55 16.03 -11.00
C ARG A 243 10.67 15.32 -9.98
N GLN A 244 11.28 14.43 -9.20
CA GLN A 244 10.54 13.73 -8.16
C GLN A 244 10.15 14.69 -7.05
N GLY A 245 8.87 14.69 -6.68
CA GLY A 245 8.38 15.56 -5.65
C GLY A 245 9.09 15.36 -4.32
N SER A 246 9.68 16.42 -3.79
CA SER A 246 10.52 16.35 -2.60
C SER A 246 9.82 17.08 -1.46
N GLY A 247 9.64 16.38 -0.35
CA GLY A 247 9.06 16.98 0.83
C GLY A 247 9.77 16.49 2.07
N ALA A 248 9.66 17.29 3.13
CA ALA A 248 10.27 16.97 4.42
C ALA A 248 9.22 17.12 5.52
N ALA A 249 9.33 16.26 6.52
CA ALA A 249 8.48 16.30 7.70
C ALA A 249 9.36 16.37 8.93
N TYR A 250 9.05 17.31 9.82
CA TYR A 250 9.82 17.51 11.05
C TYR A 250 8.94 17.20 12.25
N LEU A 251 9.48 16.40 13.17
CA LEU A 251 8.79 16.05 14.40
C LEU A 251 9.72 16.27 15.57
N ASN A 252 9.18 16.85 16.65
CA ASN A 252 9.95 16.99 17.87
C ASN A 252 10.24 15.63 18.47
N ILE A 253 11.44 15.48 19.05
CA ILE A 253 11.84 14.20 19.60
C ILE A 253 11.03 13.84 20.84
N PHE A 254 10.39 14.81 21.48
CA PHE A 254 9.52 14.55 22.61
C PHE A 254 8.08 14.26 22.19
N HIS A 255 7.79 14.34 20.89
CA HIS A 255 6.51 13.89 20.38
C HIS A 255 6.39 12.38 20.55
N ARG A 256 5.17 11.93 20.85
CA ARG A 256 4.96 10.51 21.14
C ARG A 256 5.25 9.64 19.92
N ASP A 257 4.87 10.10 18.73
CA ASP A 257 5.05 9.33 17.51
C ASP A 257 6.48 9.25 17.04
N ILE A 258 7.45 9.75 17.81
CA ILE A 258 8.81 9.93 17.31
C ILE A 258 9.39 8.61 16.82
N ASN A 259 9.09 7.51 17.52
CA ASN A 259 9.57 6.20 17.06
C ASN A 259 8.90 5.82 15.74
N ASP A 260 7.58 5.89 15.68
CA ASP A 260 6.88 5.53 14.45
C ASP A 260 7.29 6.43 13.30
N PHE A 261 7.39 7.74 13.58
CA PHE A 261 8.03 8.69 12.68
C PHE A 261 9.34 8.11 12.12
N LEU A 262 10.26 7.79 13.02
CA LEU A 262 11.53 7.22 12.59
C LEU A 262 11.33 5.89 11.88
N ASP A 263 10.34 5.11 12.32
CA ASP A 263 10.08 3.82 11.70
C ASP A 263 9.65 3.97 10.24
N THR A 264 9.27 5.17 9.82
CA THR A 264 8.94 5.38 8.42
C THR A 264 10.15 5.28 7.51
N LYS A 265 11.36 5.37 8.05
CA LYS A 265 12.57 5.32 7.25
C LYS A 265 13.33 4.00 7.36
N LYS A 266 12.85 3.06 8.17
CA LYS A 266 13.49 1.77 8.26
C LYS A 266 13.20 0.94 7.00
N ILE A 267 14.20 0.16 6.58
CA ILE A 267 14.03 -0.69 5.41
C ILE A 267 13.01 -1.79 5.69
N SER A 268 12.99 -2.31 6.91
CA SER A 268 12.06 -3.37 7.28
C SER A 268 10.62 -2.89 7.41
N ALA A 269 10.38 -1.59 7.35
CA ALA A 269 9.03 -1.06 7.49
C ALA A 269 8.14 -1.55 6.35
N ASP A 270 6.87 -1.79 6.69
CA ASP A 270 5.90 -2.27 5.71
C ASP A 270 5.51 -1.14 4.75
N GLU A 271 4.73 -1.52 3.74
CA GLU A 271 4.31 -0.55 2.73
C GLU A 271 3.34 0.48 3.29
N ASP A 272 2.60 0.13 4.33
CA ASP A 272 1.68 1.06 4.97
C ASP A 272 2.35 1.90 6.05
N VAL A 273 3.66 1.73 6.26
CA VAL A 273 4.40 2.49 7.26
C VAL A 273 5.46 3.38 6.62
N ARG A 274 6.16 2.88 5.60
CA ARG A 274 7.29 3.59 5.03
C ARG A 274 6.83 4.65 4.05
N VAL A 275 7.41 5.84 4.15
CA VAL A 275 7.23 6.92 3.18
C VAL A 275 8.54 7.08 2.42
N LYS A 276 8.45 7.08 1.09
CA LYS A 276 9.65 7.02 0.25
C LYS A 276 10.09 8.38 -0.26
N THR A 277 9.17 9.27 -0.60
CA THR A 277 9.52 10.59 -1.13
C THR A 277 9.38 11.69 -0.08
N LEU A 278 9.24 11.33 1.19
CA LEU A 278 9.10 12.30 2.27
C LEU A 278 10.32 12.21 3.18
N SER A 279 11.20 13.19 3.09
CA SER A 279 12.31 13.28 4.03
C SER A 279 11.78 13.56 5.44
N ILE A 280 12.54 13.14 6.43
CA ILE A 280 12.14 13.32 7.82
C ILE A 280 13.26 14.02 8.58
N GLY A 281 12.87 14.92 9.47
CA GLY A 281 13.81 15.55 10.37
C GLY A 281 13.29 15.51 11.79
N VAL A 282 14.22 15.42 12.74
CA VAL A 282 13.89 15.33 14.15
C VAL A 282 14.42 16.57 14.85
N VAL A 283 13.56 17.21 15.63
CA VAL A 283 13.94 18.38 16.43
C VAL A 283 14.28 17.89 17.84
N ILE A 284 15.50 18.15 18.27
CA ILE A 284 16.02 17.64 19.53
C ILE A 284 16.29 18.83 20.45
N PRO A 285 15.42 19.07 21.43
CA PRO A 285 15.69 20.11 22.42
C PRO A 285 16.84 19.70 23.34
N ASP A 286 17.38 20.69 24.05
CA ASP A 286 18.47 20.42 24.99
C ASP A 286 18.04 19.48 26.09
N LYS A 287 16.74 19.43 26.41
CA LYS A 287 16.27 18.55 27.47
C LYS A 287 16.51 17.09 27.12
N PHE A 288 16.28 16.71 25.85
CA PHE A 288 16.53 15.34 25.44
C PHE A 288 18.01 14.98 25.56
N VAL A 289 18.90 15.90 25.19
CA VAL A 289 20.32 15.65 25.28
C VAL A 289 20.74 15.53 26.75
N GLU A 290 20.15 16.36 27.62
CA GLU A 290 20.45 16.26 29.05
C GLU A 290 19.96 14.93 29.61
N LEU A 291 18.78 14.48 29.21
CA LEU A 291 18.26 13.20 29.70
C LEU A 291 19.12 12.04 29.21
N ALA A 292 19.55 12.07 27.95
CA ALA A 292 20.43 11.01 27.44
C ALA A 292 21.78 11.05 28.12
N ARG A 293 22.31 12.24 28.39
CA ARG A 293 23.62 12.38 29.02
C ARG A 293 23.62 11.79 30.43
N GLU A 294 22.57 12.06 31.19
CA GLU A 294 22.46 11.55 32.56
C GLU A 294 21.87 10.14 32.60
N ASP A 295 21.53 9.56 31.45
CA ASP A 295 20.95 8.23 31.33
C ASP A 295 19.59 8.11 32.00
N LYS A 296 19.00 9.22 32.42
CA LYS A 296 17.64 9.19 32.96
C LYS A 296 16.66 8.86 31.86
N ALA A 297 15.68 8.01 32.17
CA ALA A 297 14.66 7.67 31.20
C ALA A 297 13.79 8.88 30.89
N ALA A 298 13.54 9.09 29.60
CA ALA A 298 12.78 10.24 29.14
C ALA A 298 11.31 9.85 28.95
N TYR A 299 10.49 10.85 28.64
CA TYR A 299 9.08 10.63 28.38
C TYR A 299 8.71 11.28 27.06
N VAL A 300 8.01 10.54 26.21
CA VAL A 300 7.41 11.09 25.00
C VAL A 300 5.95 11.38 25.29
N PHE A 301 5.52 12.60 25.01
CA PHE A 301 4.22 13.09 25.45
C PHE A 301 3.22 13.09 24.31
N TYR A 302 1.96 12.92 24.67
CA TYR A 302 0.86 13.04 23.72
C TYR A 302 0.52 14.52 23.59
N PRO A 303 0.70 15.10 22.40
CA PRO A 303 0.55 16.56 22.27
C PRO A 303 -0.83 17.08 22.60
N HIS A 304 -1.89 16.32 22.29
CA HIS A 304 -3.24 16.83 22.50
C HIS A 304 -3.56 16.94 23.99
N THR A 305 -3.07 16.01 24.81
CA THR A 305 -3.28 16.13 26.25
C THR A 305 -2.59 17.36 26.81
N ILE A 306 -1.38 17.65 26.33
CA ILE A 306 -0.67 18.86 26.76
C ILE A 306 -1.45 20.10 26.31
N TYR A 307 -1.97 20.09 25.08
CA TYR A 307 -2.74 21.23 24.60
C TYR A 307 -4.00 21.43 25.41
N LYS A 308 -4.68 20.34 25.78
CA LYS A 308 -5.89 20.45 26.60
C LYS A 308 -5.56 20.97 27.99
N GLU A 309 -4.44 20.53 28.56
CA GLU A 309 -4.11 20.93 29.93
C GLU A 309 -3.63 22.37 30.00
N TYR A 310 -2.80 22.80 29.04
CA TYR A 310 -2.14 24.09 29.12
C TYR A 310 -2.63 25.12 28.11
N GLY A 311 -3.42 24.70 27.11
CA GLY A 311 -3.90 25.63 26.11
C GLY A 311 -2.91 25.98 25.04
N GLN A 312 -1.71 25.41 25.07
CA GLN A 312 -0.68 25.64 24.07
C GLN A 312 -0.14 24.30 23.59
N HIS A 313 0.39 24.29 22.38
CA HIS A 313 0.97 23.09 21.82
C HIS A 313 2.28 22.74 22.50
N MET A 314 2.63 21.46 22.45
CA MET A 314 3.85 21.00 23.12
C MET A 314 5.10 21.66 22.53
N ASP A 315 5.13 21.83 21.21
CA ASP A 315 6.28 22.44 20.56
C ASP A 315 6.29 23.97 20.67
N GLU A 316 5.24 24.57 21.22
CA GLU A 316 5.16 26.02 21.35
C GLU A 316 5.71 26.53 22.67
N MET A 317 6.05 25.66 23.61
CA MET A 317 6.63 26.08 24.88
C MET A 317 8.02 25.46 25.05
N ASP A 318 8.79 26.05 25.95
CA ASP A 318 10.16 25.62 26.21
C ASP A 318 10.13 24.32 26.99
N MET A 319 10.58 23.24 26.35
CA MET A 319 10.59 21.94 27.00
C MET A 319 11.57 21.87 28.17
N ASN A 320 12.59 22.73 28.19
CA ASN A 320 13.54 22.70 29.30
C ASN A 320 12.85 23.03 30.62
N GLU A 321 11.95 24.00 30.62
CA GLU A 321 11.20 24.36 31.82
C GLU A 321 9.85 23.66 31.92
N MET A 322 9.39 23.03 30.85
CA MET A 322 8.07 22.40 30.82
C MET A 322 8.12 20.89 31.00
N TYR A 323 9.28 20.25 30.88
CA TYR A 323 9.35 18.80 30.88
C TYR A 323 8.96 18.22 32.24
N ASP A 324 9.49 18.81 33.32
CA ASP A 324 9.16 18.32 34.65
C ASP A 324 7.67 18.51 34.95
N LYS A 325 7.11 19.64 34.53
CA LYS A 325 5.68 19.87 34.75
C LYS A 325 4.84 18.90 33.93
N PHE A 326 5.25 18.59 32.70
CA PHE A 326 4.54 17.59 31.91
C PHE A 326 4.59 16.23 32.58
N VAL A 327 5.77 15.84 33.07
CA VAL A 327 5.93 14.53 33.69
C VAL A 327 5.10 14.43 34.97
N ASP A 328 5.12 15.48 35.79
CA ASP A 328 4.41 15.49 37.05
C ASP A 328 2.92 15.75 36.90
N ASN A 329 2.44 16.08 35.69
CA ASN A 329 1.03 16.35 35.48
C ASN A 329 0.31 15.05 35.18
N PRO A 330 -0.65 14.63 36.01
CA PRO A 330 -1.38 13.39 35.70
C PRO A 330 -2.26 13.50 34.47
N ARG A 331 -2.71 14.70 34.12
CA ARG A 331 -3.58 14.89 32.97
C ARG A 331 -2.82 14.93 31.65
N VAL A 332 -1.49 14.90 31.69
CA VAL A 332 -0.66 14.82 30.49
C VAL A 332 -0.26 13.36 30.29
N LYS A 333 -0.62 12.80 29.14
CA LYS A 333 -0.33 11.41 28.84
C LYS A 333 1.04 11.29 28.18
N LYS A 334 1.80 10.27 28.58
CA LYS A 334 3.15 10.09 28.10
C LYS A 334 3.53 8.61 28.18
N GLU A 335 4.58 8.25 27.46
CA GLU A 335 5.18 6.93 27.61
C GLU A 335 6.68 7.05 27.93
N LYS A 336 7.16 6.11 28.73
CA LYS A 336 8.56 6.00 29.08
C LYS A 336 9.38 5.55 27.87
N ILE A 337 10.52 6.21 27.64
CA ILE A 337 11.46 5.82 26.60
C ILE A 337 12.88 5.95 27.16
N ASN A 338 13.82 5.32 26.46
CA ASN A 338 15.23 5.48 26.82
C ASN A 338 15.87 6.46 25.85
N PRO A 339 16.24 7.66 26.28
CA PRO A 339 16.83 8.63 25.34
C PRO A 339 18.10 8.15 24.67
N ARG A 340 18.93 7.37 25.36
CA ARG A 340 20.13 6.84 24.73
C ARG A 340 19.78 5.82 23.65
N LYS A 341 18.77 4.99 23.90
CA LYS A 341 18.29 4.08 22.85
C LYS A 341 17.75 4.86 21.66
N LEU A 342 17.05 5.96 21.92
CA LEU A 342 16.55 6.79 20.83
C LEU A 342 17.68 7.43 20.03
N LEU A 343 18.73 7.88 20.72
CA LEU A 343 19.90 8.43 20.03
C LEU A 343 20.59 7.35 19.18
N GLU A 344 20.71 6.14 19.72
CA GLU A 344 21.29 5.05 18.94
C GLU A 344 20.43 4.70 17.74
N LYS A 345 19.10 4.77 17.89
CA LYS A 345 18.21 4.54 16.77
C LYS A 345 18.38 5.63 15.71
N LEU A 346 18.53 6.89 16.13
CA LEU A 346 18.79 7.97 15.18
C LEU A 346 20.08 7.73 14.43
N ALA A 347 21.14 7.34 15.14
CA ALA A 347 22.43 7.08 14.49
C ALA A 347 22.34 5.91 13.53
N MET A 348 21.64 4.84 13.92
CA MET A 348 21.48 3.69 13.04
C MET A 348 20.70 4.06 11.78
N LEU A 349 19.62 4.83 11.94
CA LEU A 349 18.83 5.25 10.78
C LEU A 349 19.63 6.15 9.86
N ARG A 350 20.45 7.05 10.44
CA ARG A 350 21.29 7.90 9.61
C ARG A 350 22.36 7.11 8.89
N SER A 351 22.89 6.06 9.53
CA SER A 351 23.83 5.18 8.83
C SER A 351 23.15 4.45 7.69
N GLU A 352 21.92 3.98 7.90
CA GLU A 352 21.23 3.23 6.85
C GLU A 352 20.85 4.13 5.67
N SER A 353 20.24 5.29 5.94
CA SER A 353 19.65 6.10 4.89
C SER A 353 19.98 7.59 4.96
N GLY A 354 20.74 8.03 5.96
CA GLY A 354 21.03 9.44 6.10
C GLY A 354 19.94 10.24 6.78
N TYR A 355 18.84 9.61 7.17
CA TYR A 355 17.72 10.24 7.84
C TYR A 355 17.69 9.85 9.31
N PRO A 356 17.13 10.69 10.19
CA PRO A 356 16.51 11.99 9.94
C PRO A 356 17.49 13.15 9.96
N TYR A 357 17.06 14.31 9.49
CA TYR A 357 17.79 15.54 9.80
C TYR A 357 17.68 15.83 11.28
N ILE A 358 18.74 16.39 11.86
CA ILE A 358 18.80 16.69 13.28
C ILE A 358 18.74 18.20 13.45
N MET A 359 17.76 18.68 14.22
CA MET A 359 17.67 20.08 14.59
C MET A 359 17.86 20.19 16.09
N PHE A 360 18.91 20.89 16.50
CA PHE A 360 19.15 21.16 17.91
C PHE A 360 18.42 22.43 18.27
N GLN A 361 17.24 22.28 18.87
CA GLN A 361 16.32 23.40 19.05
C GLN A 361 16.95 24.52 19.86
N ASP A 362 17.60 24.19 20.97
CA ASP A 362 18.16 25.23 21.82
C ASP A 362 19.39 25.87 21.19
N ASN A 363 20.16 25.13 20.40
CA ASN A 363 21.26 25.73 19.67
C ASN A 363 20.75 26.77 18.68
N VAL A 364 19.61 26.51 18.06
CA VAL A 364 19.01 27.48 17.15
C VAL A 364 18.47 28.68 17.91
N ASN A 365 17.78 28.42 19.02
CA ASN A 365 16.99 29.45 19.68
C ASN A 365 17.77 30.28 20.70
N LYS A 366 18.97 29.84 21.11
CA LYS A 366 19.77 30.66 22.00
C LYS A 366 20.45 31.81 21.26
N VAL A 367 20.51 31.76 19.94
CA VAL A 367 21.01 32.85 19.11
C VAL A 367 19.94 33.38 18.16
N HIS A 368 18.71 32.88 18.24
CA HIS A 368 17.63 33.35 17.39
C HIS A 368 17.27 34.78 17.76
N ALA A 369 17.22 35.66 16.76
CA ALA A 369 16.95 37.06 17.00
C ALA A 369 15.46 37.37 17.12
N ASN A 370 14.59 36.46 16.67
CA ASN A 370 13.16 36.71 16.61
C ASN A 370 12.39 35.70 17.44
N ASN A 371 12.88 35.41 18.65
CA ASN A 371 12.17 34.53 19.55
C ASN A 371 10.86 35.13 20.04
N HIS A 372 10.74 36.46 20.04
CA HIS A 372 9.48 37.10 20.43
C HIS A 372 8.37 36.74 19.46
N ILE A 373 8.67 36.73 18.16
CA ILE A 373 7.67 36.30 17.17
C ILE A 373 7.33 34.84 17.38
N SER A 374 8.36 34.00 17.46
CA SER A 374 8.22 32.56 17.67
C SER A 374 9.59 31.94 17.81
N LYS A 375 9.69 30.80 18.50
CA LYS A 375 10.91 30.04 18.49
C LYS A 375 10.96 29.15 17.24
N VAL A 376 12.17 28.92 16.75
CA VAL A 376 12.34 28.08 15.56
C VAL A 376 12.01 26.65 15.96
N LYS A 377 10.93 26.10 15.42
CA LYS A 377 10.47 24.78 15.79
C LYS A 377 10.93 23.69 14.82
N PHE A 378 11.29 24.05 13.60
CA PHE A 378 11.68 23.07 12.60
C PHE A 378 12.46 23.77 11.50
N SER A 379 13.02 22.98 10.60
CA SER A 379 13.85 23.46 9.51
C SER A 379 13.23 23.08 8.17
N ASN A 380 13.97 23.34 7.09
CA ASN A 380 13.48 23.11 5.75
C ASN A 380 13.90 21.73 5.25
N LEU A 381 13.65 21.48 3.96
CA LEU A 381 14.03 20.21 3.35
C LEU A 381 15.56 20.03 3.30
N CYS A 382 16.32 21.12 3.26
CA CYS A 382 17.77 21.06 3.28
C CYS A 382 18.36 21.33 4.65
N SER A 383 17.51 21.56 5.66
CA SER A 383 17.94 21.72 7.05
C SER A 383 18.92 22.88 7.22
N GLU A 384 18.63 24.02 6.61
CA GLU A 384 19.41 25.22 6.83
C GLU A 384 18.57 26.46 7.07
N VAL A 385 17.27 26.44 6.78
CA VAL A 385 16.38 27.55 7.05
C VAL A 385 15.86 27.42 8.48
N LEU A 386 16.16 28.40 9.32
CA LEU A 386 15.77 28.38 10.72
C LEU A 386 15.14 29.74 11.06
N GLN A 387 13.82 29.80 11.03
CA GLN A 387 13.10 31.05 11.20
C GLN A 387 11.91 30.85 12.12
N ALA A 388 11.43 31.96 12.68
CA ALA A 388 10.22 31.93 13.47
C ALA A 388 9.01 31.67 12.58
N SER A 389 8.12 30.80 13.06
CA SER A 389 6.90 30.48 12.32
C SER A 389 5.73 30.43 13.30
N GLN A 390 4.59 30.93 12.85
CA GLN A 390 3.35 30.88 13.61
C GLN A 390 2.35 30.01 12.88
N VAL A 391 1.75 29.06 13.60
CA VAL A 391 0.81 28.15 12.98
C VAL A 391 -0.46 28.90 12.59
N SER A 392 -1.12 28.40 11.54
CA SER A 392 -2.37 28.98 11.06
C SER A 392 -3.54 28.11 11.49
N SER A 393 -4.67 28.75 11.75
CA SER A 393 -5.90 28.07 12.11
C SER A 393 -6.82 28.10 10.89
N TYR A 394 -6.71 27.07 10.06
CA TYR A 394 -7.58 26.95 8.89
C TYR A 394 -8.89 26.32 9.33
N THR A 395 -9.95 27.12 9.36
CA THR A 395 -11.24 26.68 9.88
C THR A 395 -12.04 26.00 8.77
N ASP A 396 -13.32 25.76 9.02
CA ASP A 396 -14.20 25.16 8.04
C ASP A 396 -14.43 26.12 6.88
N TYR A 397 -15.20 25.67 5.89
CA TYR A 397 -15.60 26.55 4.81
C TYR A 397 -16.44 27.70 5.35
N ASP A 398 -16.63 28.72 4.50
CA ASP A 398 -17.35 29.96 4.75
C ASP A 398 -17.09 30.50 6.15
N GLU A 399 -15.87 30.27 6.64
CA GLU A 399 -15.41 30.75 7.94
C GLU A 399 -14.00 31.30 7.77
N GLU A 400 -13.74 32.46 8.38
CA GLU A 400 -12.46 33.12 8.19
C GLU A 400 -11.34 32.34 8.85
N ASP A 401 -10.27 32.10 8.09
CA ASP A 401 -9.09 31.44 8.62
C ASP A 401 -8.21 32.44 9.36
N GLU A 402 -7.47 31.92 10.35
CA GLU A 402 -6.47 32.71 11.06
C GLU A 402 -5.14 32.39 10.39
N ILE A 403 -4.65 33.32 9.58
CA ILE A 403 -3.43 33.08 8.81
C ILE A 403 -2.22 33.41 9.66
N GLY A 404 -1.31 32.46 9.79
CA GLY A 404 -0.09 32.61 10.53
C GLY A 404 1.09 32.97 9.65
N LEU A 405 2.27 32.50 10.05
CA LEU A 405 3.51 32.76 9.31
C LEU A 405 4.12 31.43 8.92
N ASP A 406 4.29 31.22 7.61
CA ASP A 406 4.97 30.05 7.07
C ASP A 406 6.24 30.49 6.36
N ILE A 407 7.35 29.87 6.73
CA ILE A 407 8.67 30.35 6.32
C ILE A 407 8.89 30.06 4.83
N SER A 408 9.42 31.06 4.13
CA SER A 408 9.86 30.89 2.75
C SER A 408 10.97 31.91 2.50
N CYS A 409 12.22 31.47 2.62
CA CYS A 409 13.35 32.37 2.47
C CYS A 409 13.92 32.31 1.06
N ASN A 410 14.72 33.32 0.74
CA ASN A 410 15.20 33.56 -0.61
C ASN A 410 16.68 33.20 -0.68
N LEU A 411 17.02 32.25 -1.54
CA LEU A 411 18.37 31.70 -1.58
C LEU A 411 19.27 32.43 -2.57
N GLY A 412 20.56 32.49 -2.23
CA GLY A 412 21.58 33.06 -3.07
C GLY A 412 22.94 32.89 -2.40
N SER A 413 23.97 32.52 -3.17
CA SER A 413 25.24 32.10 -2.58
C SER A 413 26.39 32.98 -3.09
N LEU A 414 27.22 33.43 -2.16
CA LEU A 414 28.47 34.07 -2.51
C LEU A 414 29.51 33.02 -2.87
N ASN A 415 30.30 33.30 -3.91
CA ASN A 415 31.44 32.47 -4.26
C ASN A 415 32.64 33.01 -3.51
N ILE A 416 33.04 32.31 -2.45
CA ILE A 416 34.05 32.84 -1.54
C ILE A 416 35.37 33.09 -2.26
N LEU A 417 35.75 32.18 -3.14
CA LEU A 417 36.99 32.37 -3.90
C LEU A 417 36.92 33.62 -4.77
N ASN A 418 35.86 33.73 -5.58
CA ASN A 418 35.73 34.87 -6.47
C ASN A 418 35.51 36.17 -5.70
N VAL A 419 34.74 36.11 -4.61
CA VAL A 419 34.50 37.30 -3.81
C VAL A 419 35.80 37.80 -3.18
N MET A 420 36.59 36.89 -2.61
CA MET A 420 37.78 37.33 -1.90
C MET A 420 38.92 37.70 -2.84
N GLU A 421 39.03 37.06 -4.00
CA GLU A 421 40.07 37.46 -4.94
C GLU A 421 39.79 38.82 -5.56
N HIS A 422 38.53 39.22 -5.62
CA HIS A 422 38.14 40.55 -6.07
C HIS A 422 38.13 41.58 -4.94
N LYS A 423 38.36 41.15 -3.70
CA LYS A 423 38.37 42.02 -2.53
C LYS A 423 37.08 42.83 -2.46
N SER A 424 35.96 42.14 -2.66
CA SER A 424 34.64 42.77 -2.79
C SER A 424 33.62 42.05 -1.92
N ILE A 425 33.95 41.81 -0.65
CA ILE A 425 32.99 41.22 0.26
C ILE A 425 31.80 42.16 0.46
N GLU A 426 32.08 43.44 0.73
CA GLU A 426 31.01 44.39 1.03
C GLU A 426 30.09 44.58 -0.16
N LYS A 427 30.65 44.88 -1.33
CA LYS A 427 29.84 45.15 -2.51
C LYS A 427 29.03 43.93 -2.92
N THR A 428 29.67 42.74 -2.92
CA THR A 428 28.96 41.54 -3.29
C THR A 428 27.84 41.21 -2.31
N VAL A 429 28.11 41.34 -1.01
CA VAL A 429 27.08 41.04 -0.01
C VAL A 429 25.91 42.01 -0.16
N LYS A 430 26.19 43.31 -0.34
CA LYS A 430 25.11 44.28 -0.44
C LYS A 430 24.30 44.08 -1.73
N LEU A 431 24.97 43.82 -2.85
CA LEU A 431 24.24 43.58 -4.09
C LEU A 431 23.43 42.30 -4.03
N ALA A 432 23.97 41.25 -3.42
CA ALA A 432 23.22 40.01 -3.25
C ALA A 432 22.01 40.22 -2.35
N THR A 433 22.18 41.02 -1.28
CA THR A 433 21.06 41.34 -0.42
C THR A 433 19.97 42.10 -1.17
N ASP A 434 20.38 43.05 -2.01
CA ASP A 434 19.40 43.79 -2.81
C ASP A 434 18.66 42.88 -3.78
N SER A 435 19.39 41.98 -4.45
CA SER A 435 18.74 41.04 -5.37
C SER A 435 17.79 40.10 -4.64
N LEU A 436 18.20 39.61 -3.47
CA LEU A 436 17.33 38.73 -2.69
C LEU A 436 16.09 39.48 -2.21
N THR A 437 16.26 40.74 -1.81
CA THR A 437 15.11 41.55 -1.43
C THR A 437 14.16 41.75 -2.61
N HIS A 438 14.70 42.00 -3.80
CA HIS A 438 13.86 42.16 -4.98
C HIS A 438 13.09 40.89 -5.28
N VAL A 439 13.76 39.73 -5.23
CA VAL A 439 13.08 38.48 -5.52
C VAL A 439 12.03 38.16 -4.46
N SER A 440 12.31 38.47 -3.20
CA SER A 440 11.32 38.27 -2.15
C SER A 440 10.11 39.18 -2.35
N GLU A 441 10.34 40.42 -2.78
CA GLU A 441 9.24 41.35 -3.00
C GLU A 441 8.42 40.96 -4.23
N THR A 442 9.04 40.39 -5.24
CA THR A 442 8.34 40.00 -6.46
C THR A 442 7.71 38.62 -6.36
N THR A 443 7.83 37.94 -5.24
CA THR A 443 7.21 36.64 -5.04
C THR A 443 5.80 36.82 -4.49
N ASP A 444 4.82 36.25 -5.17
CA ASP A 444 3.42 36.35 -4.77
C ASP A 444 2.77 34.99 -5.02
N ILE A 445 2.57 34.23 -3.95
CA ILE A 445 1.97 32.90 -4.03
C ILE A 445 0.52 33.00 -3.57
N ARG A 446 -0.41 32.68 -4.48
CA ARG A 446 -1.83 32.87 -4.25
C ARG A 446 -2.52 31.63 -3.67
N ASN A 447 -1.78 30.54 -3.44
CA ASN A 447 -2.35 29.33 -2.88
C ASN A 447 -1.74 28.95 -1.55
N ALA A 448 -0.79 29.72 -1.04
CA ALA A 448 -0.19 29.52 0.28
C ALA A 448 -0.35 30.80 1.07
N PRO A 449 -1.43 30.94 1.85
CA PRO A 449 -1.69 32.23 2.51
C PRO A 449 -0.65 32.58 3.55
N ALA A 450 -0.26 31.62 4.39
CA ALA A 450 0.73 31.90 5.42
C ALA A 450 2.11 32.15 4.83
N VAL A 451 2.47 31.43 3.76
CA VAL A 451 3.74 31.68 3.09
C VAL A 451 3.79 33.10 2.54
N ARG A 452 2.71 33.52 1.88
CA ARG A 452 2.65 34.88 1.33
C ARG A 452 2.69 35.93 2.44
N ARG A 453 1.94 35.70 3.52
CA ARG A 453 1.91 36.66 4.61
C ARG A 453 3.29 36.78 5.27
N ALA A 454 3.97 35.66 5.48
CA ALA A 454 5.30 35.70 6.09
C ALA A 454 6.33 36.29 5.14
N ASN A 455 6.18 36.09 3.83
CA ASN A 455 7.07 36.74 2.88
C ASN A 455 6.88 38.26 2.90
N LYS A 456 5.63 38.72 2.99
CA LYS A 456 5.38 40.15 3.04
C LYS A 456 5.86 40.75 4.37
N ALA A 457 5.69 40.03 5.47
CA ALA A 457 5.97 40.59 6.79
C ALA A 457 7.44 40.44 7.16
N MET A 458 7.94 39.22 7.19
CA MET A 458 9.30 38.94 7.65
C MET A 458 10.36 39.45 6.68
N LYS A 459 10.09 39.39 5.37
CA LYS A 459 11.06 39.78 4.35
C LYS A 459 12.37 39.04 4.53
N SER A 460 12.28 37.77 4.88
CA SER A 460 13.46 36.97 5.18
C SER A 460 14.12 36.48 3.89
N ILE A 461 15.44 36.60 3.85
CA ILE A 461 16.24 36.13 2.72
C ILE A 461 17.33 35.23 3.27
N GLY A 462 17.82 34.34 2.40
CA GLY A 462 18.97 33.54 2.75
C GLY A 462 20.17 33.78 1.84
N LEU A 463 21.20 34.44 2.36
CA LEU A 463 22.41 34.69 1.62
C LEU A 463 23.45 33.66 2.07
N GLY A 464 23.77 32.72 1.18
CA GLY A 464 24.72 31.67 1.48
C GLY A 464 26.10 31.94 0.90
N ALA A 465 26.98 30.97 1.11
CA ALA A 465 28.33 31.02 0.59
C ALA A 465 28.71 29.64 0.07
N MET A 466 29.64 29.63 -0.88
CA MET A 466 30.13 28.38 -1.45
C MET A 466 31.59 28.56 -1.83
N ASN A 467 32.20 27.47 -2.28
CA ASN A 467 33.62 27.44 -2.66
C ASN A 467 34.53 27.76 -1.49
N LEU A 468 34.10 27.43 -0.26
CA LEU A 468 34.96 27.60 0.89
C LEU A 468 36.15 26.65 0.82
N HIS A 469 35.89 25.36 0.61
CA HIS A 469 36.97 24.40 0.50
C HIS A 469 37.82 24.65 -0.74
N GLY A 470 37.18 25.03 -1.85
CA GLY A 470 37.95 25.37 -3.03
C GLY A 470 38.89 26.54 -2.77
N TYR A 471 38.37 27.60 -2.15
CA TYR A 471 39.21 28.75 -1.86
C TYR A 471 40.35 28.39 -0.92
N LEU A 472 40.05 27.59 0.12
CA LEU A 472 41.09 27.22 1.08
C LEU A 472 42.16 26.34 0.44
N ALA A 473 41.75 25.40 -0.42
CA ALA A 473 42.69 24.49 -1.05
C ALA A 473 43.56 25.22 -2.08
N GLN A 474 42.97 26.13 -2.85
CA GLN A 474 43.76 26.90 -3.80
C GLN A 474 44.65 27.94 -3.12
N ASN A 475 44.50 28.15 -1.81
CA ASN A 475 45.35 29.06 -1.07
C ASN A 475 46.27 28.31 -0.10
N GLY A 476 46.41 27.00 -0.27
CA GLY A 476 47.29 26.23 0.58
C GLY A 476 46.86 26.17 2.04
N ILE A 477 45.57 25.98 2.28
CA ILE A 477 45.03 25.90 3.63
C ILE A 477 44.18 24.64 3.74
N ALA A 478 44.49 23.80 4.72
CA ALA A 478 43.70 22.61 4.96
C ALA A 478 42.36 22.98 5.57
N TYR A 479 41.30 22.29 5.14
CA TYR A 479 39.95 22.59 5.63
C TYR A 479 39.85 22.39 7.14
N GLU A 480 40.58 21.43 7.69
CA GLU A 480 40.54 21.15 9.12
C GLU A 480 41.54 21.98 9.91
N SER A 481 42.36 22.79 9.26
CA SER A 481 43.37 23.57 9.96
C SER A 481 42.73 24.70 10.75
N PRO A 482 43.36 25.12 11.85
CA PRO A 482 42.86 26.31 12.57
C PRO A 482 42.88 27.57 11.72
N GLU A 483 43.78 27.65 10.74
CA GLU A 483 43.80 28.79 9.84
C GLU A 483 42.53 28.85 8.99
N ALA A 484 42.03 27.70 8.55
CA ALA A 484 40.78 27.67 7.80
C ALA A 484 39.62 28.18 8.64
N ARG A 485 39.56 27.76 9.92
CA ARG A 485 38.51 28.24 10.79
C ARG A 485 38.66 29.73 11.08
N ASP A 486 39.90 30.22 11.21
CA ASP A 486 40.12 31.65 11.38
C ASP A 486 39.61 32.42 10.16
N PHE A 487 39.91 31.94 8.96
CA PHE A 487 39.42 32.58 7.76
C PHE A 487 37.90 32.56 7.69
N ALA A 488 37.30 31.41 8.02
CA ALA A 488 35.84 31.33 8.00
C ALA A 488 35.23 32.30 8.99
N ASN A 489 35.79 32.38 10.19
CA ASN A 489 35.32 33.32 11.20
C ASN A 489 35.35 34.74 10.66
N THR A 490 36.51 35.17 10.14
CA THR A 490 36.63 36.55 9.68
C THR A 490 35.71 36.81 8.49
N PHE A 491 35.72 35.92 7.49
CA PHE A 491 34.96 36.13 6.27
C PHE A 491 33.47 36.20 6.56
N PHE A 492 32.97 35.28 7.37
CA PHE A 492 31.55 35.27 7.65
C PHE A 492 31.14 36.34 8.64
N MET A 493 32.05 36.81 9.48
CA MET A 493 31.74 38.00 10.28
C MET A 493 31.60 39.23 9.39
N MET A 494 32.48 39.37 8.39
CA MET A 494 32.31 40.46 7.43
C MET A 494 31.02 40.32 6.63
N VAL A 495 30.68 39.09 6.24
CA VAL A 495 29.44 38.85 5.50
C VAL A 495 28.25 39.25 6.36
N ASN A 496 28.25 38.85 7.63
CA ASN A 496 27.17 39.24 8.54
C ASN A 496 27.12 40.75 8.73
N PHE A 497 28.28 41.38 8.89
CA PHE A 497 28.33 42.83 9.08
C PHE A 497 27.72 43.56 7.90
N TYR A 498 28.13 43.20 6.68
CA TYR A 498 27.63 43.90 5.51
C TYR A 498 26.20 43.53 5.20
N SER A 499 25.77 42.31 5.55
CA SER A 499 24.37 41.95 5.39
C SER A 499 23.48 42.76 6.32
N ILE A 500 23.90 42.91 7.58
CA ILE A 500 23.15 43.72 8.53
C ILE A 500 23.16 45.19 8.09
N GLN A 501 24.29 45.67 7.60
CA GLN A 501 24.37 47.05 7.13
C GLN A 501 23.45 47.28 5.95
N ARG A 502 23.41 46.35 5.00
CA ARG A 502 22.53 46.50 3.85
C ARG A 502 21.06 46.41 4.26
N SER A 503 20.74 45.50 5.21
CA SER A 503 19.37 45.41 5.68
C SER A 503 18.93 46.70 6.37
N ALA A 504 19.81 47.28 7.19
CA ALA A 504 19.48 48.54 7.85
C ALA A 504 19.38 49.68 6.84
N GLU A 505 20.24 49.68 5.82
CA GLU A 505 20.15 50.71 4.78
C GLU A 505 18.86 50.61 4.00
N ILE A 506 18.43 49.38 3.68
CA ILE A 506 17.16 49.20 2.99
C ILE A 506 16.00 49.63 3.87
N ALA A 507 16.07 49.31 5.17
CA ALA A 507 15.03 49.75 6.09
C ALA A 507 14.96 51.27 6.16
N LYS A 508 16.12 51.93 6.19
CA LYS A 508 16.14 53.39 6.22
C LYS A 508 15.60 53.99 4.92
N GLU A 509 15.98 53.41 3.78
CA GLU A 509 15.54 53.93 2.49
C GLU A 509 14.03 53.78 2.33
N LYS A 510 13.51 52.58 2.59
CA LYS A 510 12.09 52.33 2.45
C LYS A 510 11.28 52.80 3.65
N GLY A 511 11.93 53.12 4.76
CA GLY A 511 11.22 53.58 5.94
C GLY A 511 10.48 52.50 6.69
N GLU A 512 10.72 51.23 6.38
CA GLU A 512 10.01 50.13 7.01
C GLU A 512 10.98 49.02 7.37
N THR A 513 10.71 48.35 8.48
CA THR A 513 11.43 47.17 8.91
C THR A 513 10.54 45.95 8.74
N PHE A 514 11.04 44.79 9.15
CA PHE A 514 10.20 43.60 9.12
C PHE A 514 9.23 43.61 10.29
N ASP A 515 8.11 42.92 10.12
CA ASP A 515 7.06 42.94 11.14
C ASP A 515 7.58 42.39 12.46
N GLN A 516 7.20 43.04 13.55
CA GLN A 516 7.64 42.70 14.90
C GLN A 516 9.16 42.78 15.04
N TYR A 517 9.78 43.76 14.36
CA TYR A 517 11.21 43.96 14.53
C TYR A 517 11.55 44.53 15.90
N GLU A 518 10.66 45.35 16.47
CA GLU A 518 10.95 46.03 17.72
C GLU A 518 11.25 45.06 18.85
N GLY A 519 10.63 43.87 18.83
CA GLY A 519 10.93 42.87 19.83
C GLY A 519 12.16 42.03 19.56
N SER A 520 12.77 42.18 18.38
CA SER A 520 13.92 41.38 18.03
C SER A 520 15.17 41.83 18.78
N THR A 521 16.16 40.94 18.82
CA THR A 521 17.43 41.27 19.46
C THR A 521 18.21 42.32 18.68
N TYR A 522 17.90 42.49 17.38
CA TYR A 522 18.49 43.60 16.64
C TYR A 522 18.05 44.93 17.22
N ALA A 523 16.77 45.07 17.53
CA ALA A 523 16.25 46.33 18.07
C ALA A 523 16.81 46.60 19.46
N THR A 524 16.89 45.56 20.29
CA THR A 524 17.42 45.72 21.65
C THR A 524 18.95 45.78 21.69
N GLY A 525 19.61 45.49 20.59
CA GLY A 525 21.07 45.51 20.54
C GLY A 525 21.75 44.29 21.11
N GLU A 526 20.98 43.29 21.57
CA GLU A 526 21.58 42.09 22.13
C GLU A 526 22.35 41.31 21.06
N TYR A 527 21.81 41.29 19.83
CA TYR A 527 22.46 40.55 18.74
C TYR A 527 23.90 40.98 18.55
N PHE A 528 24.19 42.27 18.73
CA PHE A 528 25.52 42.81 18.51
C PHE A 528 26.44 42.66 19.70
N ASP A 529 25.97 42.06 20.80
CA ASP A 529 26.79 41.95 22.01
C ASP A 529 28.13 41.31 21.72
N LYS A 530 28.12 40.07 21.22
CA LYS A 530 29.38 39.38 20.91
C LYS A 530 30.18 40.11 19.85
N TYR A 531 29.54 40.99 19.08
CA TYR A 531 30.24 41.76 18.07
C TYR A 531 30.85 43.04 18.60
N VAL A 532 30.30 43.58 19.70
CA VAL A 532 30.86 44.81 20.27
C VAL A 532 31.86 44.51 21.37
N SER A 533 32.11 43.24 21.68
CA SER A 533 33.07 42.85 22.71
C SER A 533 34.18 41.95 22.20
N THR A 534 33.91 41.11 21.20
CA THR A 534 34.89 40.19 20.65
C THR A 534 35.35 40.68 19.28
N ASP A 535 36.66 40.79 19.10
CA ASP A 535 37.24 41.17 17.82
C ASP A 535 37.42 39.93 16.96
N PHE A 536 36.87 39.97 15.75
CA PHE A 536 36.91 38.82 14.84
C PHE A 536 37.93 39.00 13.71
N SER A 537 38.93 39.86 13.92
CA SER A 537 40.02 39.97 12.98
C SER A 537 40.84 38.68 12.97
N PRO A 538 41.45 38.33 11.84
CA PRO A 538 42.21 37.07 11.78
C PRO A 538 43.35 37.03 12.80
N LYS A 539 43.51 35.87 13.42
CA LYS A 539 44.58 35.64 14.38
C LYS A 539 45.85 35.09 13.73
N TYR A 540 45.80 34.75 12.45
CA TYR A 540 46.93 34.22 11.73
C TYR A 540 47.36 35.21 10.66
N GLU A 541 48.69 35.33 10.46
CA GLU A 541 49.20 36.28 9.49
C GLU A 541 48.78 35.90 8.07
N LYS A 542 48.71 34.61 7.76
CA LYS A 542 48.31 34.18 6.43
C LYS A 542 46.90 34.62 6.10
N ILE A 543 45.98 34.47 7.05
CA ILE A 543 44.59 34.87 6.81
C ILE A 543 44.49 36.38 6.68
N ALA A 544 45.26 37.12 7.50
CA ALA A 544 45.27 38.57 7.40
C ALA A 544 45.77 39.02 6.03
N ASN A 545 46.82 38.36 5.52
CA ASN A 545 47.29 38.67 4.17
C ASN A 545 46.26 38.29 3.13
N LEU A 546 45.48 37.24 3.37
CA LEU A 546 44.38 36.90 2.48
C LEU A 546 43.36 38.03 2.44
N PHE A 547 43.07 38.63 3.59
CA PHE A 547 42.12 39.73 3.68
C PHE A 547 42.73 41.08 3.36
N GLU A 548 43.96 41.12 2.86
CA GLU A 548 44.61 42.38 2.54
C GLU A 548 43.86 43.10 1.43
N GLY A 549 43.77 44.42 1.54
CA GLY A 549 43.03 45.23 0.60
C GLY A 549 41.56 45.38 0.93
N MET A 550 41.07 44.76 1.99
CA MET A 550 39.68 44.82 2.40
C MET A 550 39.61 45.28 3.85
N HIS A 551 38.71 46.21 4.14
CA HIS A 551 38.53 46.68 5.51
C HIS A 551 37.79 45.64 6.32
N ILE A 552 38.41 45.17 7.40
CA ILE A 552 37.80 44.18 8.28
C ILE A 552 37.08 44.92 9.40
N PRO A 553 35.77 44.74 9.55
CA PRO A 553 35.04 45.48 10.59
C PRO A 553 35.55 45.15 11.97
N THR A 554 35.82 46.19 12.76
CA THR A 554 36.32 46.05 14.11
C THR A 554 35.16 46.15 15.11
N THR A 555 35.48 46.21 16.40
CA THR A 555 34.44 46.38 17.41
C THR A 555 33.81 47.77 17.32
N GLU A 556 34.58 48.80 16.97
CA GLU A 556 34.01 50.12 16.80
C GLU A 556 33.07 50.17 15.61
N ASP A 557 33.44 49.51 14.51
CA ASP A 557 32.55 49.42 13.36
C ASP A 557 31.27 48.68 13.71
N TRP A 558 31.38 47.62 14.52
CA TRP A 558 30.18 46.90 14.95
C TRP A 558 29.32 47.74 15.88
N LYS A 559 29.93 48.56 16.74
CA LYS A 559 29.16 49.48 17.57
C LYS A 559 28.42 50.50 16.72
N LYS A 560 29.09 51.04 15.70
CA LYS A 560 28.43 51.96 14.78
C LYS A 560 27.28 51.29 14.05
N LEU A 561 27.47 50.04 13.61
CA LEU A 561 26.39 49.31 12.96
C LEU A 561 25.24 49.04 13.92
N LYS A 562 25.54 48.73 15.18
CA LYS A 562 24.49 48.54 16.17
C LYS A 562 23.68 49.82 16.38
N ALA A 563 24.36 50.96 16.46
CA ALA A 563 23.66 52.23 16.60
C ALA A 563 22.83 52.53 15.35
N PHE A 564 23.37 52.22 14.17
CA PHE A 564 22.63 52.43 12.92
C PHE A 564 21.37 51.58 12.88
N VAL A 565 21.48 50.32 13.31
CA VAL A 565 20.32 49.43 13.34
C VAL A 565 19.30 49.91 14.36
N ALA A 566 19.78 50.41 15.51
CA ALA A 566 18.86 50.95 16.51
C ALA A 566 18.11 52.16 15.97
N GLU A 567 18.80 53.02 15.22
CA GLU A 567 18.15 54.23 14.70
C GLU A 567 17.21 53.91 13.55
N HIS A 568 17.60 53.01 12.64
CA HIS A 568 16.88 52.80 11.40
C HIS A 568 16.17 51.47 11.29
N GLY A 569 16.49 50.51 12.15
CA GLY A 569 15.87 49.20 12.04
C GLY A 569 16.56 48.31 11.04
N MET A 570 15.96 47.15 10.81
CA MET A 570 16.48 46.16 9.87
C MET A 570 15.34 45.67 8.99
N TYR A 571 15.57 45.67 7.67
CA TYR A 571 14.51 45.33 6.74
C TYR A 571 14.21 43.84 6.71
N HIS A 572 15.22 42.98 6.87
CA HIS A 572 15.05 41.55 6.77
C HIS A 572 15.07 40.92 8.17
N SER A 573 14.08 40.08 8.45
CA SER A 573 14.10 39.31 9.69
C SER A 573 15.26 38.33 9.70
N TYR A 574 15.55 37.73 8.56
CA TYR A 574 16.66 36.81 8.40
C TYR A 574 17.39 37.13 7.11
N ARG A 575 18.71 37.01 7.13
CA ARG A 575 19.53 37.42 5.99
C ARG A 575 20.40 36.30 5.44
N LEU A 576 21.01 35.49 6.29
CA LEU A 576 22.03 34.54 5.87
C LEU A 576 21.59 33.12 6.17
N CYS A 577 21.66 32.25 5.16
CA CYS A 577 21.51 30.82 5.34
C CYS A 577 22.33 30.14 4.26
N ILE A 578 23.09 29.11 4.64
CA ILE A 578 24.01 28.44 3.73
C ILE A 578 23.32 27.17 3.23
N ALA A 579 22.84 27.22 1.99
CA ALA A 579 22.17 26.13 1.31
C ALA A 579 23.18 25.17 0.70
N PRO A 580 22.77 23.94 0.39
CA PRO A 580 23.73 22.98 -0.21
C PRO A 580 24.32 23.43 -1.54
N THR A 581 23.58 24.19 -2.35
CA THR A 581 24.04 24.66 -3.66
C THR A 581 24.48 23.50 -4.54
N GLY A 582 23.49 22.67 -4.89
CA GLY A 582 23.74 21.44 -5.62
C GLY A 582 24.37 21.61 -7.00
N SER A 583 23.61 22.15 -7.94
CA SER A 583 24.06 22.22 -9.33
C SER A 583 24.66 23.56 -9.72
N ILE A 584 24.32 24.64 -9.02
CA ILE A 584 24.91 25.94 -9.34
C ILE A 584 26.39 25.97 -9.03
N SER A 585 26.87 25.11 -8.12
CA SER A 585 28.30 25.05 -7.84
C SER A 585 29.09 24.56 -9.05
N TYR A 586 28.47 23.72 -9.90
CA TYR A 586 29.12 23.31 -11.14
C TYR A 586 29.30 24.49 -12.08
N VAL A 587 28.22 25.25 -12.32
CA VAL A 587 28.26 26.35 -13.26
C VAL A 587 29.25 27.42 -12.80
N GLN A 588 29.34 27.63 -11.50
CA GLN A 588 30.26 28.61 -10.94
C GLN A 588 31.67 28.07 -10.78
N SER A 589 31.90 26.80 -11.14
CA SER A 589 33.18 26.12 -10.94
C SER A 589 33.64 26.29 -9.50
N SER A 590 32.82 25.77 -8.58
CA SER A 590 33.03 25.96 -7.16
C SER A 590 32.67 24.67 -6.43
N THR A 591 33.25 24.51 -5.24
CA THR A 591 32.87 23.42 -4.37
C THR A 591 31.52 23.73 -3.72
N ALA A 592 30.76 22.67 -3.45
CA ALA A 592 29.38 22.84 -3.01
C ALA A 592 29.34 23.36 -1.58
N SER A 593 28.66 24.48 -1.38
CA SER A 593 28.37 25.06 -0.07
C SER A 593 29.69 25.31 0.67
N VAL A 594 29.64 25.30 2.01
CA VAL A 594 30.84 25.35 2.83
C VAL A 594 31.30 23.95 3.21
N MET A 595 30.69 22.92 2.62
CA MET A 595 31.10 21.56 2.89
C MET A 595 32.46 21.27 2.26
N PRO A 596 33.23 20.36 2.86
CA PRO A 596 34.43 19.85 2.18
C PRO A 596 34.04 18.96 1.01
N ILE A 597 34.97 18.85 0.06
CA ILE A 597 34.69 18.09 -1.15
C ILE A 597 34.60 16.60 -0.82
N MET A 598 33.63 15.93 -1.45
CA MET A 598 33.48 14.49 -1.26
C MET A 598 34.56 13.73 -2.02
N GLU A 599 34.83 14.12 -3.26
CA GLU A 599 35.84 13.49 -4.09
C GLU A 599 36.68 14.56 -4.77
N ARG A 600 37.96 14.25 -5.01
CA ARG A 600 38.80 15.18 -5.75
C ARG A 600 38.37 15.25 -7.22
N ILE A 601 38.16 14.10 -7.84
CA ILE A 601 37.63 14.01 -9.19
C ILE A 601 36.40 13.11 -9.11
N GLU A 602 35.25 13.63 -9.56
CA GLU A 602 34.00 12.89 -9.51
C GLU A 602 33.67 12.33 -10.88
N GLU A 603 33.24 11.07 -10.89
CA GLU A 603 32.84 10.36 -12.10
C GLU A 603 31.33 10.35 -12.21
N ARG A 604 30.81 10.82 -13.34
CA ARG A 604 29.37 10.85 -13.57
C ARG A 604 29.03 10.16 -14.88
N THR A 605 27.81 9.66 -14.97
CA THR A 605 27.32 8.98 -16.16
C THR A 605 26.12 9.74 -16.70
N TYR A 606 26.27 10.36 -17.86
CA TYR A 606 25.19 11.06 -18.53
C TYR A 606 24.86 10.32 -19.82
N GLY A 607 23.59 9.94 -19.98
CA GLY A 607 23.23 9.08 -21.10
C GLY A 607 23.98 7.77 -20.99
N ASN A 608 24.67 7.40 -22.07
CA ASN A 608 25.56 6.25 -22.08
C ASN A 608 27.02 6.65 -22.07
N SER A 609 27.33 7.87 -21.64
CA SER A 609 28.69 8.40 -21.68
C SER A 609 29.17 8.70 -20.26
N LYS A 610 30.48 8.57 -20.07
CA LYS A 610 31.13 8.85 -18.79
C LYS A 610 31.82 10.21 -18.86
N THR A 611 31.79 10.93 -17.74
CA THR A 611 32.41 12.24 -17.66
C THR A 611 33.11 12.38 -16.32
N TYR A 612 34.12 13.25 -16.30
CA TYR A 612 35.03 13.39 -15.17
C TYR A 612 35.12 14.86 -14.81
N TYR A 613 34.80 15.19 -13.56
CA TYR A 613 34.88 16.57 -13.07
C TYR A 613 35.89 16.66 -11.93
N PRO A 614 37.08 17.18 -12.18
CA PRO A 614 37.97 17.50 -11.07
C PRO A 614 37.44 18.70 -10.29
N MET A 615 37.79 18.76 -9.01
CA MET A 615 37.41 19.90 -8.21
C MET A 615 38.10 21.16 -8.73
N PRO A 616 37.45 22.32 -8.62
CA PRO A 616 37.98 23.53 -9.25
C PRO A 616 39.36 23.90 -8.70
N GLY A 617 40.28 24.19 -9.61
CA GLY A 617 41.64 24.53 -9.22
C GLY A 617 42.48 23.36 -8.76
N LEU A 618 42.01 22.13 -8.94
CA LEU A 618 42.78 20.96 -8.51
C LEU A 618 44.00 20.78 -9.40
N ALA A 619 45.14 20.56 -8.77
CA ALA A 619 46.40 20.33 -9.48
C ALA A 619 47.29 19.47 -8.60
N SER A 620 48.52 19.25 -9.06
CA SER A 620 49.46 18.45 -8.28
C SER A 620 49.88 19.20 -7.01
N ASN A 621 49.99 20.52 -7.08
CA ASN A 621 50.44 21.29 -5.92
C ASN A 621 49.40 21.31 -4.81
N ASN A 622 48.12 21.41 -5.18
CA ASN A 622 47.05 21.49 -4.20
C ASN A 622 46.24 20.19 -4.11
N TRP A 623 46.80 19.08 -4.59
CA TRP A 623 46.11 17.80 -4.47
C TRP A 623 45.95 17.39 -3.02
N PHE A 624 46.97 17.63 -2.20
CA PHE A 624 46.90 17.28 -0.79
C PHE A 624 45.94 18.19 -0.02
N PHE A 625 45.88 19.47 -0.39
CA PHE A 625 44.97 20.38 0.29
C PHE A 625 43.52 20.14 -0.09
N TYR A 626 43.26 19.48 -1.22
CA TYR A 626 41.90 19.11 -1.58
C TYR A 626 41.52 17.79 -0.95
N LYS A 627 41.69 17.69 0.37
CA LYS A 627 41.38 16.46 1.08
C LYS A 627 39.91 16.12 0.96
N GLU A 628 39.62 14.84 0.74
CA GLU A 628 38.23 14.42 0.63
C GLU A 628 37.53 14.49 1.98
N ALA A 629 36.22 14.72 1.93
CA ALA A 629 35.46 14.93 3.16
C ALA A 629 35.45 13.69 4.03
N TYR A 630 35.38 12.50 3.43
CA TYR A 630 35.33 11.27 4.20
C TYR A 630 36.63 11.02 4.96
N ASP A 631 37.76 11.39 4.38
CA ASP A 631 39.04 11.23 5.05
C ASP A 631 39.25 12.23 6.19
N MET A 632 38.40 13.25 6.29
CA MET A 632 38.58 14.29 7.29
C MET A 632 38.03 13.86 8.64
N ASP A 633 38.54 14.49 9.69
CA ASP A 633 38.01 14.32 11.04
C ASP A 633 36.71 15.11 11.15
N MET A 634 35.61 14.42 11.43
CA MET A 634 34.32 15.09 11.50
C MET A 634 34.22 16.08 12.66
N PHE A 635 35.05 15.92 13.69
CA PHE A 635 35.07 16.90 14.77
C PHE A 635 35.58 18.26 14.29
N LYS A 636 36.61 18.24 13.44
CA LYS A 636 37.13 19.50 12.91
C LYS A 636 36.19 20.12 11.89
N VAL A 637 35.47 19.29 11.12
CA VAL A 637 34.43 19.80 10.24
C VAL A 637 33.32 20.45 11.07
N VAL A 638 32.95 19.81 12.18
CA VAL A 638 31.97 20.41 13.09
C VAL A 638 32.48 21.74 13.63
N ASP A 639 33.77 21.80 13.97
CA ASP A 639 34.35 23.04 14.48
C ASP A 639 34.27 24.16 13.45
N MET A 640 34.60 23.85 12.20
CA MET A 640 34.51 24.85 11.14
C MET A 640 33.06 25.29 10.92
N ILE A 641 32.13 24.33 10.92
CA ILE A 641 30.74 24.69 10.69
C ILE A 641 30.19 25.52 11.83
N ALA A 642 30.61 25.25 13.07
CA ALA A 642 30.21 26.08 14.20
C ALA A 642 30.83 27.47 14.11
N THR A 643 32.08 27.55 13.67
CA THR A 643 32.72 28.85 13.47
C THR A 643 31.95 29.68 12.47
N ILE A 644 31.50 29.07 11.37
CA ILE A 644 30.69 29.78 10.40
C ILE A 644 29.32 30.10 11.00
N GLN A 645 28.72 29.16 11.73
CA GLN A 645 27.37 29.31 12.24
C GLN A 645 27.26 30.43 13.25
N GLN A 646 28.35 30.74 13.95
CA GLN A 646 28.30 31.85 14.90
C GLN A 646 28.08 33.19 14.20
N HIS A 647 28.22 33.25 12.87
CA HIS A 647 27.97 34.47 12.11
C HIS A 647 26.79 34.35 11.17
N ILE A 648 26.06 33.23 11.20
CA ILE A 648 24.90 33.01 10.34
C ILE A 648 23.67 32.97 11.23
N ASP A 649 22.70 33.83 10.92
CA ASP A 649 21.49 33.90 11.74
C ASP A 649 20.63 32.65 11.57
N GLN A 650 20.53 32.13 10.36
CA GLN A 650 19.84 30.87 10.11
C GLN A 650 20.87 29.74 10.19
N GLY A 651 20.50 28.55 9.73
CA GLY A 651 21.37 27.40 9.82
C GLY A 651 22.24 27.20 8.59
N ILE A 652 23.06 26.16 8.66
CA ILE A 652 23.94 25.74 7.57
C ILE A 652 23.62 24.30 7.24
N SER A 653 23.47 24.01 5.95
CA SER A 653 23.26 22.63 5.52
C SER A 653 24.54 21.85 5.79
N PHE A 654 24.54 21.07 6.86
CA PHE A 654 25.74 20.40 7.37
C PHE A 654 25.56 18.91 7.18
N THR A 655 26.23 18.37 6.16
CA THR A 655 26.20 16.93 5.88
C THR A 655 27.40 16.28 6.56
N LEU A 656 27.14 15.21 7.31
CA LEU A 656 28.20 14.40 7.87
C LEU A 656 28.74 13.45 6.81
N PHE A 657 30.06 13.29 6.79
CA PHE A 657 30.72 12.40 5.83
C PHE A 657 31.41 11.30 6.62
N LEU A 658 30.86 10.10 6.56
CA LEU A 658 31.29 8.98 7.38
C LEU A 658 31.91 7.89 6.53
N LYS A 659 32.85 7.16 7.13
CA LYS A 659 33.37 5.94 6.54
C LYS A 659 32.51 4.76 6.96
N ASP A 660 32.55 3.69 6.16
CA ASP A 660 31.80 2.49 6.50
C ASP A 660 32.35 1.80 7.73
N THR A 661 33.58 2.10 8.13
CA THR A 661 34.19 1.42 9.27
C THR A 661 33.60 1.91 10.59
N MET A 662 33.37 3.21 10.72
CA MET A 662 32.92 3.77 12.00
C MET A 662 31.49 3.36 12.29
N THR A 663 31.19 3.20 13.58
CA THR A 663 29.95 2.63 14.06
C THR A 663 28.93 3.73 14.33
N THR A 664 27.75 3.33 14.84
CA THR A 664 26.74 4.31 15.24
C THR A 664 27.18 5.09 16.47
N ARG A 665 28.08 4.54 17.28
CA ARG A 665 28.62 5.31 18.40
C ARG A 665 29.39 6.52 17.89
N ASP A 666 30.16 6.36 16.82
CA ASP A 666 30.88 7.49 16.24
C ASP A 666 29.93 8.53 15.68
N LEU A 667 28.85 8.08 15.01
CA LEU A 667 27.85 9.03 14.51
C LEU A 667 27.20 9.79 15.66
N ASN A 668 26.85 9.10 16.73
CA ASN A 668 26.26 9.75 17.90
C ASN A 668 27.24 10.72 18.54
N ARG A 669 28.53 10.35 18.58
CA ARG A 669 29.54 11.26 19.12
C ARG A 669 29.67 12.52 18.28
N ILE A 670 29.63 12.37 16.95
CA ILE A 670 29.67 13.55 16.08
C ILE A 670 28.44 14.42 16.32
N ASP A 671 27.26 13.80 16.44
CA ASP A 671 26.04 14.57 16.70
C ASP A 671 26.11 15.30 18.04
N LEU A 672 26.62 14.63 19.07
CA LEU A 672 26.70 15.26 20.39
C LEU A 672 27.76 16.35 20.43
N TYR A 673 28.85 16.19 19.68
CA TYR A 673 29.85 17.25 19.60
C TYR A 673 29.31 18.44 18.81
N ALA A 674 28.50 18.17 17.78
CA ALA A 674 27.84 19.25 17.07
C ALA A 674 26.88 20.00 17.98
N HIS A 675 26.12 19.28 18.80
CA HIS A 675 25.25 19.92 19.78
C HIS A 675 26.06 20.72 20.78
N HIS A 676 27.19 20.18 21.23
CA HIS A 676 28.04 20.88 22.19
C HIS A 676 28.67 22.13 21.58
N ARG A 677 29.07 22.05 20.31
CA ARG A 677 29.75 23.17 19.65
C ARG A 677 28.81 24.23 19.12
N GLY A 678 27.50 24.04 19.28
CA GLY A 678 26.54 25.02 18.82
C GLY A 678 26.02 24.83 17.42
N ILE A 679 26.21 23.64 16.84
CA ILE A 679 25.66 23.35 15.52
C ILE A 679 24.15 23.35 15.61
N LYS A 680 23.50 24.07 14.69
CA LYS A 680 22.06 24.20 14.71
C LYS A 680 21.37 23.03 14.04
N THR A 681 21.85 22.61 12.87
CA THR A 681 21.24 21.53 12.12
C THR A 681 22.32 20.60 11.58
N ILE A 682 21.97 19.31 11.46
CA ILE A 682 22.78 18.32 10.77
C ILE A 682 21.97 17.77 9.62
N TYR A 683 22.51 17.87 8.40
CA TYR A 683 21.72 17.56 7.21
C TYR A 683 21.71 16.07 6.91
N TYR A 684 22.86 15.50 6.58
CA TYR A 684 22.90 14.15 6.05
C TYR A 684 24.09 13.39 6.64
N ALA A 685 23.98 12.07 6.65
CA ALA A 685 25.04 11.17 7.05
C ALA A 685 25.38 10.32 5.82
N ARG A 686 26.25 10.84 4.98
CA ARG A 686 26.66 10.14 3.76
C ARG A 686 27.81 9.19 4.09
N THR A 687 27.57 7.90 3.92
CA THR A 687 28.57 6.87 4.18
C THR A 687 29.27 6.49 2.89
N LYS A 688 30.59 6.50 2.92
CA LYS A 688 31.39 6.15 1.75
C LYS A 688 31.46 4.64 1.55
N VAL B 6 -20.36 -21.21 26.28
CA VAL B 6 -21.22 -20.57 25.29
C VAL B 6 -22.53 -20.13 25.93
N PRO B 7 -23.05 -18.97 25.50
CA PRO B 7 -24.30 -18.47 26.05
C PRO B 7 -25.48 -19.36 25.70
N LYS B 8 -26.52 -19.31 26.55
CA LYS B 8 -27.70 -20.14 26.35
C LYS B 8 -28.41 -19.79 25.04
N TRP B 9 -28.55 -18.49 24.75
CA TRP B 9 -29.21 -18.09 23.51
C TRP B 9 -28.41 -18.53 22.30
N ILE B 10 -27.07 -18.55 22.40
CA ILE B 10 -26.25 -19.04 21.31
C ILE B 10 -26.52 -20.52 21.05
N GLN B 11 -26.63 -21.31 22.11
CA GLN B 11 -26.97 -22.73 21.94
C GLN B 11 -28.35 -22.90 21.35
N LEU B 12 -29.32 -22.11 21.80
CA LEU B 12 -30.67 -22.21 21.26
C LEU B 12 -30.70 -21.83 19.77
N ASN B 13 -29.93 -20.81 19.39
CA ASN B 13 -29.87 -20.42 17.98
C ASN B 13 -29.16 -21.47 17.14
N ASN B 14 -28.12 -22.11 17.69
CA ASN B 14 -27.46 -23.19 16.97
C ASN B 14 -28.32 -24.45 16.90
N GLU B 15 -29.31 -24.57 17.78
CA GLU B 15 -30.22 -25.70 17.73
C GLU B 15 -31.11 -25.70 16.51
N ILE B 16 -31.16 -24.60 15.74
CA ILE B 16 -31.97 -24.57 14.53
C ILE B 16 -31.49 -25.61 13.52
N MET B 17 -30.17 -25.67 13.32
CA MET B 17 -29.61 -26.56 12.30
C MET B 17 -29.63 -28.02 12.72
N ILE B 18 -29.76 -28.31 14.01
CA ILE B 18 -29.94 -29.69 14.45
C ILE B 18 -31.33 -30.12 14.04
N GLN B 19 -31.41 -30.93 13.00
CA GLN B 19 -32.71 -31.28 12.42
C GLN B 19 -33.45 -32.27 13.30
N LYS B 20 -34.75 -32.05 13.44
CA LYS B 20 -35.64 -32.96 14.16
C LYS B 20 -36.67 -33.48 13.17
N ASP B 21 -36.72 -34.80 13.00
CA ASP B 21 -37.60 -35.44 12.02
C ASP B 21 -37.33 -34.92 10.61
N GLY B 22 -36.06 -34.65 10.31
CA GLY B 22 -35.67 -34.20 9.00
C GLY B 22 -35.98 -32.76 8.67
N LYS B 23 -36.40 -31.97 9.66
CA LYS B 23 -36.78 -30.58 9.44
C LYS B 23 -35.98 -29.67 10.37
N PHE B 24 -35.65 -28.48 9.90
CA PHE B 24 -34.92 -27.50 10.71
C PHE B 24 -35.82 -26.99 11.84
N GLN B 25 -35.23 -26.75 13.00
CA GLN B 25 -35.94 -26.29 14.19
C GLN B 25 -35.94 -24.76 14.19
N PHE B 26 -36.79 -24.20 13.33
CA PHE B 26 -36.87 -22.74 13.22
C PHE B 26 -37.42 -22.12 14.50
N ASP B 27 -38.39 -22.80 15.14
CA ASP B 27 -39.00 -22.24 16.35
C ASP B 27 -37.97 -22.04 17.46
N LYS B 28 -36.91 -22.86 17.48
CA LYS B 28 -35.85 -22.68 18.46
C LYS B 28 -35.30 -21.27 18.42
N ASP B 29 -35.24 -20.68 17.22
CA ASP B 29 -34.77 -19.30 17.07
C ASP B 29 -35.54 -18.38 18.01
N LYS B 30 -36.87 -18.50 18.01
CA LYS B 30 -37.69 -17.68 18.91
C LYS B 30 -37.24 -17.84 20.35
N GLU B 31 -37.06 -19.10 20.79
CA GLU B 31 -36.58 -19.35 22.14
C GLU B 31 -35.30 -18.58 22.40
N ALA B 32 -34.37 -18.59 21.43
CA ALA B 32 -33.11 -17.88 21.58
C ALA B 32 -33.36 -16.42 21.95
N VAL B 33 -34.25 -15.76 21.22
CA VAL B 33 -34.53 -14.35 21.51
C VAL B 33 -34.95 -14.19 22.96
N HIS B 34 -35.86 -15.06 23.41
CA HIS B 34 -36.29 -15.01 24.81
C HIS B 34 -35.09 -15.11 25.73
N SER B 35 -34.24 -16.12 25.50
CA SER B 35 -33.02 -16.23 26.29
C SER B 35 -32.20 -14.95 26.19
N TYR B 36 -32.00 -14.47 24.95
CA TYR B 36 -31.17 -13.28 24.74
C TYR B 36 -31.72 -12.09 25.51
N PHE B 37 -33.02 -12.10 25.81
CA PHE B 37 -33.59 -11.01 26.59
C PHE B 37 -33.65 -11.34 28.08
N VAL B 38 -33.89 -12.60 28.44
CA VAL B 38 -34.04 -12.93 29.85
C VAL B 38 -32.71 -13.20 30.54
N ASP B 39 -31.62 -13.23 29.78
CA ASP B 39 -30.30 -13.47 30.34
C ASP B 39 -29.28 -12.38 30.05
N TYR B 40 -29.43 -11.65 28.95
CA TYR B 40 -28.46 -10.61 28.59
C TYR B 40 -29.07 -9.21 28.54
N ILE B 41 -30.13 -9.01 27.76
CA ILE B 41 -30.60 -7.65 27.49
C ILE B 41 -31.22 -7.03 28.74
N ASN B 42 -32.09 -7.78 29.42
CA ASN B 42 -32.76 -7.22 30.61
C ASN B 42 -31.76 -7.00 31.74
N GLN B 43 -30.73 -7.84 31.84
CA GLN B 43 -29.71 -7.65 32.87
C GLN B 43 -28.77 -6.51 32.52
N ASN B 44 -28.44 -6.35 31.24
CA ASN B 44 -27.51 -5.31 30.80
C ASN B 44 -28.20 -3.98 30.53
N THR B 45 -29.52 -3.92 30.59
CA THR B 45 -30.21 -2.67 30.41
C THR B 45 -30.14 -1.82 31.68
N VAL B 46 -30.22 -0.51 31.50
CA VAL B 46 -30.20 0.44 32.61
C VAL B 46 -31.61 0.97 32.80
N PHE B 47 -32.20 0.68 33.95
CA PHE B 47 -33.55 1.09 34.25
C PHE B 47 -33.55 2.26 35.23
N PHE B 48 -34.48 3.18 35.01
CA PHE B 48 -34.65 4.35 35.86
C PHE B 48 -36.02 4.29 36.54
N HIS B 49 -36.21 5.16 37.53
CA HIS B 49 -37.48 5.17 38.24
C HIS B 49 -38.64 5.52 37.32
N ASN B 50 -38.44 6.52 36.45
CA ASN B 50 -39.42 6.86 35.43
C ASN B 50 -38.68 7.42 34.22
N LEU B 51 -39.44 7.82 33.21
CA LEU B 51 -38.84 8.33 31.98
C LEU B 51 -38.12 9.66 32.20
N LYS B 52 -38.55 10.43 33.19
CA LYS B 52 -37.93 11.73 33.45
C LYS B 52 -36.46 11.57 33.83
N GLU B 53 -36.17 10.63 34.74
CA GLU B 53 -34.79 10.41 35.15
C GLU B 53 -33.94 9.90 33.99
N LYS B 54 -34.51 9.00 33.18
CA LYS B 54 -33.79 8.49 32.01
C LYS B 54 -33.44 9.61 31.05
N LEU B 55 -34.41 10.46 30.72
CA LEU B 55 -34.17 11.55 29.80
C LEU B 55 -33.16 12.54 30.36
N ASP B 56 -33.27 12.86 31.66
CA ASP B 56 -32.31 13.79 32.26
C ASP B 56 -30.91 13.20 32.24
N TYR B 57 -30.76 11.91 32.58
CA TYR B 57 -29.45 11.28 32.57
C TYR B 57 -28.86 11.26 31.16
N LEU B 58 -29.68 10.98 30.16
CA LEU B 58 -29.18 10.95 28.79
C LEU B 58 -28.87 12.36 28.27
N VAL B 59 -29.52 13.38 28.80
CA VAL B 59 -29.28 14.74 28.34
C VAL B 59 -28.03 15.33 28.97
N GLU B 60 -27.92 15.24 30.30
CA GLU B 60 -26.76 15.84 30.96
C GLU B 60 -25.46 15.09 30.67
N ASN B 61 -25.54 13.79 30.44
CA ASN B 61 -24.35 12.99 30.15
C ASN B 61 -23.97 13.03 28.68
N GLN B 62 -24.49 14.01 27.92
CA GLN B 62 -24.12 14.22 26.52
C GLN B 62 -24.40 12.98 25.67
N TYR B 63 -25.49 12.28 25.98
CA TYR B 63 -25.97 11.21 25.11
C TYR B 63 -27.00 11.72 24.10
N TYR B 64 -27.86 12.64 24.51
CA TYR B 64 -28.92 13.16 23.68
C TYR B 64 -28.74 14.65 23.48
N GLU B 65 -29.15 15.14 22.31
CA GLU B 65 -29.26 16.57 22.09
C GLU B 65 -30.51 17.09 22.80
N GLU B 66 -30.36 18.14 23.59
CA GLU B 66 -31.49 18.67 24.35
C GLU B 66 -32.42 19.53 23.51
N GLU B 67 -31.98 19.97 22.33
CA GLU B 67 -32.78 20.88 21.53
C GLU B 67 -34.04 20.19 21.00
N PHE B 68 -33.88 18.99 20.44
CA PHE B 68 -35.04 18.31 19.85
C PHE B 68 -36.01 17.84 20.92
N LEU B 69 -35.51 17.48 22.11
CA LEU B 69 -36.38 17.12 23.22
C LEU B 69 -37.04 18.33 23.86
N SER B 70 -36.44 19.51 23.75
CA SER B 70 -37.02 20.70 24.36
C SER B 70 -38.26 21.20 23.61
N LEU B 71 -38.48 20.74 22.39
CA LEU B 71 -39.66 21.14 21.63
C LEU B 71 -40.94 20.48 22.13
N TYR B 72 -40.83 19.47 23.00
CA TYR B 72 -41.98 18.78 23.56
C TYR B 72 -41.99 18.96 25.07
N SER B 73 -43.18 19.14 25.63
CA SER B 73 -43.35 19.00 27.06
C SER B 73 -43.13 17.54 27.46
N PHE B 74 -42.71 17.33 28.71
CA PHE B 74 -42.40 15.96 29.14
C PHE B 74 -43.62 15.06 29.06
N GLU B 75 -44.82 15.62 29.21
CA GLU B 75 -46.03 14.82 29.06
C GLU B 75 -46.14 14.25 27.65
N ASP B 76 -45.81 15.07 26.64
CA ASP B 76 -45.86 14.61 25.26
C ASP B 76 -44.82 13.53 25.00
N ILE B 77 -43.61 13.69 25.53
CA ILE B 77 -42.57 12.67 25.38
C ILE B 77 -42.98 11.38 26.06
N LYS B 78 -43.57 11.49 27.25
CA LYS B 78 -44.08 10.31 27.95
C LYS B 78 -45.17 9.62 27.13
N GLU B 79 -46.06 10.39 26.52
CA GLU B 79 -47.11 9.80 25.69
C GLU B 79 -46.51 9.10 24.47
N VAL B 80 -45.48 9.69 23.86
CA VAL B 80 -44.83 9.06 22.72
C VAL B 80 -44.16 7.76 23.13
N PHE B 81 -43.46 7.75 24.26
CA PHE B 81 -42.81 6.53 24.73
C PHE B 81 -43.85 5.46 25.09
N LYS B 82 -44.96 5.88 25.69
CA LYS B 82 -46.03 4.94 26.00
C LYS B 82 -46.65 4.35 24.74
N THR B 83 -46.79 5.18 23.70
CA THR B 83 -47.26 4.67 22.42
C THR B 83 -46.29 3.66 21.84
N ALA B 84 -44.99 3.92 21.97
CA ALA B 84 -43.99 2.97 21.48
C ALA B 84 -44.05 1.65 22.24
N TYR B 85 -44.21 1.71 23.56
CA TYR B 85 -44.23 0.49 24.36
C TYR B 85 -45.58 -0.21 24.38
N ALA B 86 -46.64 0.44 23.92
CA ALA B 86 -47.96 -0.19 23.91
C ALA B 86 -48.04 -1.30 22.88
N LYS B 87 -47.22 -1.26 21.83
CA LYS B 87 -47.25 -2.30 20.81
C LYS B 87 -46.72 -3.62 21.32
N LYS B 88 -45.95 -3.61 22.42
CA LYS B 88 -45.31 -4.82 22.95
C LYS B 88 -44.51 -5.53 21.87
N PHE B 89 -43.68 -4.76 21.17
CA PHE B 89 -42.91 -5.29 20.06
C PHE B 89 -41.95 -6.38 20.55
N ARG B 90 -41.94 -7.50 19.84
CA ARG B 90 -41.04 -8.60 20.13
C ARG B 90 -40.22 -8.92 18.89
N PHE B 91 -38.92 -9.10 19.07
CA PHE B 91 -38.07 -9.51 17.97
C PHE B 91 -38.33 -10.97 17.65
N PRO B 92 -38.75 -11.31 16.42
CA PRO B 92 -39.08 -12.71 16.12
C PRO B 92 -37.87 -13.60 15.97
N SER B 93 -36.69 -13.03 15.77
CA SER B 93 -35.47 -13.81 15.60
C SER B 93 -34.39 -13.27 16.51
N PHE B 94 -33.47 -14.14 16.91
CA PHE B 94 -32.37 -13.72 17.79
C PHE B 94 -31.49 -12.70 17.10
N MET B 95 -31.22 -12.88 15.81
CA MET B 95 -30.29 -12.01 15.11
C MET B 95 -30.82 -10.59 14.98
N SER B 96 -32.14 -10.41 14.89
CA SER B 96 -32.70 -9.06 14.82
C SER B 96 -32.36 -8.27 16.09
N ALA B 97 -32.67 -8.85 17.25
CA ALA B 97 -32.37 -8.18 18.51
C ALA B 97 -30.87 -8.04 18.72
N PHE B 98 -30.10 -9.05 18.34
CA PHE B 98 -28.65 -8.98 18.50
C PHE B 98 -28.08 -7.83 17.67
N LYS B 99 -28.51 -7.72 16.42
CA LYS B 99 -28.01 -6.66 15.55
C LYS B 99 -28.42 -5.29 16.06
N PHE B 100 -29.67 -5.15 16.52
CA PHE B 100 -30.07 -3.86 17.06
C PHE B 100 -29.25 -3.48 18.29
N TYR B 101 -29.12 -4.40 19.24
CA TYR B 101 -28.47 -4.08 20.50
C TYR B 101 -26.95 -4.07 20.41
N ASN B 102 -26.38 -4.52 19.30
CA ASN B 102 -24.95 -4.43 19.09
C ASN B 102 -24.56 -3.28 18.17
N ASP B 103 -25.41 -2.88 17.23
CA ASP B 103 -25.07 -1.85 16.26
C ASP B 103 -25.84 -0.56 16.43
N TYR B 104 -27.05 -0.60 16.98
CA TYR B 104 -27.92 0.58 16.99
C TYR B 104 -28.41 1.01 18.37
N ALA B 105 -28.50 0.11 19.34
CA ALA B 105 -28.93 0.52 20.67
C ALA B 105 -27.85 1.37 21.34
N LEU B 106 -28.27 2.43 22.00
CA LEU B 106 -27.33 3.32 22.66
C LEU B 106 -26.78 2.65 23.92
N LYS B 107 -25.46 2.68 24.06
CA LYS B 107 -24.77 2.12 25.21
C LYS B 107 -24.06 3.24 25.97
N THR B 108 -23.50 2.89 27.13
CA THR B 108 -22.79 3.85 27.93
C THR B 108 -21.45 4.19 27.28
N ASN B 109 -20.72 5.11 27.91
CA ASN B 109 -19.42 5.53 27.38
C ASN B 109 -18.44 4.36 27.33
N ASP B 110 -18.44 3.53 28.37
CA ASP B 110 -17.59 2.34 28.39
C ASP B 110 -18.23 1.14 27.70
N LYS B 111 -19.44 1.29 27.17
CA LYS B 111 -20.14 0.23 26.44
C LYS B 111 -20.29 -1.03 27.29
N LYS B 112 -20.60 -0.85 28.57
CA LYS B 112 -20.84 -1.97 29.47
C LYS B 112 -22.31 -2.23 29.73
N LYS B 113 -23.18 -1.27 29.43
CA LYS B 113 -24.60 -1.40 29.70
C LYS B 113 -25.39 -0.82 28.53
N ILE B 114 -26.67 -1.19 28.47
CA ILE B 114 -27.56 -0.77 27.41
C ILE B 114 -28.49 0.31 27.94
N LEU B 115 -28.44 1.49 27.34
CA LEU B 115 -29.29 2.60 27.76
C LEU B 115 -30.56 2.70 26.94
N GLU B 116 -30.56 2.22 25.70
CA GLU B 116 -31.69 2.36 24.79
C GLU B 116 -32.26 1.00 24.44
N ARG B 117 -33.56 0.84 24.64
CA ARG B 117 -34.28 -0.30 24.09
C ARG B 117 -34.69 0.01 22.65
N TYR B 118 -35.33 -0.97 22.00
CA TYR B 118 -35.85 -0.70 20.66
C TYR B 118 -36.93 0.37 20.70
N GLU B 119 -37.83 0.30 21.69
CA GLU B 119 -38.86 1.30 21.82
C GLU B 119 -38.27 2.67 22.16
N ASP B 120 -37.24 2.71 22.99
CA ASP B 120 -36.60 3.98 23.32
C ASP B 120 -35.97 4.61 22.08
N ARG B 121 -35.25 3.81 21.30
CA ARG B 121 -34.63 4.33 20.08
C ARG B 121 -35.68 4.80 19.10
N ILE B 122 -36.75 4.04 18.93
CA ILE B 122 -37.82 4.43 18.00
C ILE B 122 -38.50 5.71 18.48
N SER B 123 -38.74 5.84 19.78
CA SER B 123 -39.35 7.05 20.31
C SER B 123 -38.46 8.27 20.09
N ILE B 124 -37.15 8.12 20.32
CA ILE B 124 -36.25 9.24 20.13
C ILE B 124 -36.20 9.64 18.66
N VAL B 125 -36.13 8.65 17.76
CA VAL B 125 -36.11 8.96 16.33
C VAL B 125 -37.41 9.64 15.91
N ALA B 126 -38.54 9.17 16.43
CA ALA B 126 -39.83 9.77 16.08
C ALA B 126 -39.93 11.20 16.60
N LEU B 127 -39.47 11.44 17.83
CA LEU B 127 -39.50 12.79 18.38
C LEU B 127 -38.60 13.72 17.58
N PHE B 128 -37.44 13.22 17.13
CA PHE B 128 -36.59 14.03 16.27
C PHE B 128 -37.27 14.31 14.94
N PHE B 129 -37.96 13.31 14.38
CA PHE B 129 -38.62 13.49 13.09
C PHE B 129 -39.75 14.51 13.17
N ALA B 130 -40.55 14.45 14.24
CA ALA B 130 -41.76 15.27 14.30
C ALA B 130 -41.44 16.75 14.48
N ASN B 131 -40.33 17.07 15.12
CA ASN B 131 -39.89 18.46 15.32
C ASN B 131 -40.94 19.28 16.07
N GLY B 132 -41.40 18.72 17.20
CA GLY B 132 -42.32 19.43 18.07
C GLY B 132 -43.78 19.04 17.95
N ASP B 133 -44.12 18.12 17.05
CA ASP B 133 -45.51 17.70 16.84
C ASP B 133 -45.74 16.36 17.53
N THR B 134 -46.52 16.38 18.61
CA THR B 134 -46.76 15.17 19.38
C THR B 134 -47.52 14.12 18.56
N GLU B 135 -48.55 14.57 17.82
CA GLU B 135 -49.30 13.62 16.99
C GLU B 135 -48.45 13.04 15.88
N LYS B 136 -47.62 13.89 15.25
CA LYS B 136 -46.70 13.39 14.23
C LYS B 136 -45.68 12.43 14.84
N ALA B 137 -45.23 12.72 16.06
CA ALA B 137 -44.30 11.81 16.74
C ALA B 137 -44.95 10.47 17.00
N LYS B 138 -46.22 10.47 17.41
CA LYS B 138 -46.93 9.21 17.61
C LYS B 138 -47.13 8.47 16.29
N GLU B 139 -47.39 9.20 15.21
CA GLU B 139 -47.51 8.56 13.90
C GLU B 139 -46.20 7.91 13.50
N TYR B 140 -45.07 8.59 13.71
CA TYR B 140 -43.78 7.99 13.41
C TYR B 140 -43.50 6.79 14.29
N VAL B 141 -43.89 6.87 15.57
CA VAL B 141 -43.72 5.74 16.49
C VAL B 141 -44.51 4.53 16.00
N ASN B 142 -45.76 4.76 15.60
CA ASN B 142 -46.57 3.65 15.09
C ASN B 142 -46.02 3.12 13.78
N LEU B 143 -45.42 3.98 12.96
CA LEU B 143 -44.86 3.54 11.69
C LEU B 143 -43.61 2.69 11.89
N MET B 144 -42.77 3.05 12.86
CA MET B 144 -41.52 2.33 13.08
C MET B 144 -41.67 1.11 13.99
N ILE B 145 -42.55 1.17 14.99
CA ILE B 145 -42.77 0.02 15.85
C ILE B 145 -43.53 -1.07 15.12
N ASN B 146 -44.42 -0.71 14.20
CA ASN B 146 -44.99 -1.68 13.27
C ASN B 146 -43.99 -2.13 12.24
N GLN B 147 -42.82 -1.48 12.18
CA GLN B 147 -41.75 -1.80 11.25
C GLN B 147 -42.23 -1.66 9.80
N GLU B 148 -43.14 -0.73 9.54
CA GLU B 148 -43.52 -0.41 8.17
C GLU B 148 -42.44 0.40 7.47
N TYR B 149 -41.77 1.29 8.20
CA TYR B 149 -40.73 2.14 7.66
C TYR B 149 -39.50 2.05 8.55
N GLN B 150 -38.34 2.09 7.93
CA GLN B 150 -37.06 2.01 8.65
C GLN B 150 -36.16 3.13 8.18
N PRO B 151 -35.83 4.10 9.03
CA PRO B 151 -34.80 5.08 8.65
C PRO B 151 -33.46 4.41 8.44
N SER B 152 -32.65 5.01 7.58
CA SER B 152 -31.35 4.45 7.27
C SER B 152 -30.49 4.30 8.53
N THR B 153 -29.43 3.51 8.42
CA THR B 153 -28.51 3.31 9.53
C THR B 153 -27.98 4.61 10.12
N PRO B 154 -27.51 5.59 9.33
CA PRO B 154 -27.12 6.87 9.94
C PRO B 154 -28.25 7.55 10.69
N THR B 155 -29.44 7.63 10.08
CA THR B 155 -30.56 8.32 10.72
C THR B 155 -31.04 7.54 11.93
N PHE B 156 -31.26 6.23 11.80
CA PHE B 156 -31.77 5.45 12.91
C PHE B 156 -30.78 5.43 14.07
N LEU B 157 -29.48 5.32 13.77
CA LEU B 157 -28.47 5.21 14.82
C LEU B 157 -28.19 6.56 15.47
N ASN B 158 -28.22 7.65 14.71
CA ASN B 158 -27.69 8.91 15.18
C ASN B 158 -28.74 9.98 15.49
N ALA B 159 -30.02 9.71 15.21
CA ALA B 159 -31.03 10.74 15.45
C ALA B 159 -31.14 11.07 16.93
N GLY B 160 -31.08 12.35 17.25
CA GLY B 160 -31.24 12.79 18.62
C GLY B 160 -30.06 12.54 19.52
N ARG B 161 -28.90 12.16 18.99
CA ARG B 161 -27.72 11.86 19.78
C ARG B 161 -26.75 13.03 19.76
N LYS B 162 -26.14 13.32 20.90
CA LYS B 162 -25.16 14.39 20.97
C LYS B 162 -23.86 14.00 20.28
N ARG B 163 -23.39 12.77 20.52
CA ARG B 163 -22.16 12.25 19.92
C ARG B 163 -22.40 11.71 18.51
N ARG B 164 -23.49 12.10 17.87
CA ARG B 164 -23.85 11.57 16.57
C ARG B 164 -22.93 12.11 15.48
N GLY B 165 -22.97 11.44 14.34
CA GLY B 165 -22.36 11.93 13.11
C GLY B 165 -23.37 12.66 12.26
N GLU B 166 -23.34 12.38 10.96
CA GLU B 166 -24.34 12.92 10.06
C GLU B 166 -25.38 11.87 9.71
N LEU B 167 -26.61 12.33 9.49
CA LEU B 167 -27.70 11.43 9.14
C LEU B 167 -27.72 11.04 7.68
N VAL B 168 -26.92 11.70 6.84
CA VAL B 168 -26.86 11.37 5.42
C VAL B 168 -25.89 10.21 5.22
N SER B 169 -26.33 9.21 4.46
CA SER B 169 -25.52 8.01 4.26
C SER B 169 -24.46 8.21 3.18
N CYS B 170 -24.85 8.74 2.03
CA CYS B 170 -23.98 8.80 0.87
C CYS B 170 -23.81 10.24 0.39
N PHE B 171 -22.61 10.54 -0.11
CA PHE B 171 -22.30 11.83 -0.71
C PHE B 171 -21.63 11.60 -2.04
N LEU B 172 -21.97 12.44 -3.02
CA LEU B 172 -21.43 12.35 -4.37
C LEU B 172 -20.78 13.68 -4.72
N LEU B 173 -19.49 13.63 -5.07
CA LEU B 173 -18.72 14.83 -5.36
C LEU B 173 -18.32 14.87 -6.82
N GLU B 174 -18.41 16.05 -7.42
CA GLU B 174 -17.88 16.30 -8.75
C GLU B 174 -16.51 16.96 -8.62
N VAL B 175 -15.51 16.38 -9.26
CA VAL B 175 -14.14 16.87 -9.18
C VAL B 175 -13.79 17.53 -10.50
N ASN B 176 -13.51 18.83 -10.46
CA ASN B 176 -13.11 19.55 -11.65
C ASN B 176 -11.64 19.30 -11.95
N ASP B 177 -11.25 19.57 -13.20
CA ASP B 177 -9.91 19.27 -13.69
C ASP B 177 -8.96 20.40 -13.29
N SER B 178 -8.54 20.38 -12.04
CA SER B 178 -7.58 21.35 -11.54
C SER B 178 -6.99 20.83 -10.23
N LEU B 179 -5.77 21.29 -9.92
CA LEU B 179 -5.13 20.90 -8.67
C LEU B 179 -5.90 21.43 -7.47
N ASN B 180 -6.39 22.67 -7.57
CA ASN B 180 -7.21 23.23 -6.49
C ASN B 180 -8.46 22.39 -6.26
N ASP B 181 -9.13 21.99 -7.34
CA ASP B 181 -10.33 21.19 -7.22
C ASP B 181 -10.02 19.79 -6.71
N ILE B 182 -8.89 19.22 -7.12
CA ILE B 182 -8.49 17.90 -6.63
C ILE B 182 -8.21 17.94 -5.13
N SER B 183 -7.48 18.96 -4.69
CA SER B 183 -7.19 19.10 -3.25
C SER B 183 -8.47 19.35 -2.46
N ARG B 184 -9.37 20.17 -2.99
CA ARG B 184 -10.64 20.40 -2.31
C ARG B 184 -11.46 19.12 -2.25
N ALA B 185 -11.43 18.31 -3.31
CA ALA B 185 -12.15 17.04 -3.30
C ALA B 185 -11.58 16.10 -2.25
N ILE B 186 -10.25 16.06 -2.13
CA ILE B 186 -9.63 15.24 -1.08
C ILE B 186 -10.05 15.72 0.29
N ASP B 187 -10.03 17.04 0.51
CA ASP B 187 -10.44 17.60 1.79
C ASP B 187 -11.88 17.26 2.12
N ILE B 188 -12.78 17.43 1.14
CA ILE B 188 -14.20 17.18 1.36
C ILE B 188 -14.45 15.69 1.58
N SER B 189 -13.71 14.83 0.88
CA SER B 189 -13.84 13.40 1.10
C SER B 189 -13.42 13.03 2.51
N MET B 190 -12.31 13.59 3.00
CA MET B 190 -11.91 13.32 4.38
C MET B 190 -12.94 13.85 5.37
N GLN B 191 -13.49 15.04 5.11
CA GLN B 191 -14.48 15.62 6.01
C GLN B 191 -15.74 14.78 6.07
N LEU B 192 -16.21 14.28 4.92
CA LEU B 192 -17.44 13.50 4.89
C LEU B 192 -17.24 12.08 5.40
N SER B 193 -16.04 11.51 5.23
CA SER B 193 -15.74 10.23 5.85
C SER B 193 -15.61 10.38 7.36
N LYS B 194 -15.11 11.53 7.82
CA LYS B 194 -15.14 11.84 9.24
C LYS B 194 -16.56 11.88 9.77
N LEU B 195 -17.48 12.44 8.98
CA LEU B 195 -18.89 12.46 9.34
C LEU B 195 -19.54 11.08 9.22
N GLY B 196 -18.85 10.10 8.64
CA GLY B 196 -19.33 8.75 8.57
C GLY B 196 -19.95 8.34 7.25
N GLY B 197 -20.13 9.28 6.31
CA GLY B 197 -20.79 8.96 5.07
C GLY B 197 -19.86 8.44 4.00
N GLY B 198 -20.41 7.58 3.15
CA GLY B 198 -19.67 7.08 2.01
C GLY B 198 -19.62 8.14 0.91
N VAL B 199 -18.43 8.37 0.38
CA VAL B 199 -18.19 9.46 -0.57
C VAL B 199 -17.90 8.87 -1.94
N SER B 200 -18.60 9.36 -2.95
CA SER B 200 -18.37 9.00 -4.34
C SER B 200 -17.90 10.22 -5.10
N LEU B 201 -16.87 10.04 -5.92
CA LEU B 201 -16.26 11.13 -6.67
C LEU B 201 -16.25 10.80 -8.15
N ASN B 202 -16.71 11.74 -8.97
CA ASN B 202 -16.67 11.61 -10.42
C ASN B 202 -15.33 12.13 -10.91
N LEU B 203 -14.51 11.22 -11.44
CA LEU B 203 -13.18 11.57 -11.94
C LEU B 203 -13.16 11.73 -13.46
N SER B 204 -14.32 11.78 -14.11
CA SER B 204 -14.38 11.84 -15.56
C SER B 204 -13.93 13.19 -16.12
N LYS B 205 -14.04 14.26 -15.33
CA LYS B 205 -13.59 15.57 -15.79
C LYS B 205 -12.08 15.73 -15.70
N LEU B 206 -11.41 14.98 -14.82
CA LEU B 206 -9.97 15.05 -14.72
C LEU B 206 -9.33 14.57 -16.01
N ARG B 207 -8.34 15.32 -16.49
CA ARG B 207 -7.68 14.95 -17.74
C ARG B 207 -6.84 13.70 -17.55
N ALA B 208 -6.70 12.94 -18.63
CA ALA B 208 -6.07 11.63 -18.57
C ALA B 208 -4.55 11.77 -18.41
N LYS B 209 -3.91 10.61 -18.27
CA LYS B 209 -2.45 10.57 -18.17
C LYS B 209 -1.82 11.02 -19.48
N GLY B 210 -0.73 11.76 -19.39
CA GLY B 210 -0.06 12.26 -20.56
C GLY B 210 -0.67 13.50 -21.17
N GLU B 211 -1.35 14.31 -20.38
CA GLU B 211 -1.91 15.56 -20.84
C GLU B 211 -1.06 16.73 -20.37
N ALA B 212 -1.35 17.91 -20.90
CA ALA B 212 -0.54 19.09 -20.68
C ALA B 212 -1.07 19.93 -19.53
N ILE B 213 -0.19 20.33 -18.62
CA ILE B 213 -0.50 21.28 -17.57
C ILE B 213 0.19 22.59 -17.94
N LYS B 214 -0.54 23.48 -18.62
CA LYS B 214 -0.01 24.76 -19.11
C LYS B 214 1.18 24.55 -20.04
N ASP B 215 0.89 23.92 -21.18
CA ASP B 215 1.76 23.90 -22.35
C ASP B 215 2.97 22.97 -22.21
N VAL B 216 3.15 22.35 -21.05
CA VAL B 216 4.16 21.30 -20.91
C VAL B 216 3.43 19.97 -21.00
N GLU B 217 3.78 19.17 -22.01
CA GLU B 217 3.00 18.00 -22.36
C GLU B 217 3.48 16.77 -21.59
N ASN B 218 2.63 15.74 -21.60
CA ASN B 218 2.90 14.47 -20.92
C ASN B 218 3.26 14.70 -19.46
N ALA B 219 2.45 15.53 -18.80
CA ALA B 219 2.71 15.97 -17.44
C ALA B 219 1.73 15.42 -16.42
N THR B 220 0.49 15.17 -16.81
CA THR B 220 -0.53 14.72 -15.87
C THR B 220 -0.32 13.26 -15.49
N LYS B 221 -0.64 12.95 -14.23
CA LYS B 221 -0.65 11.57 -13.76
C LYS B 221 -1.95 10.85 -14.07
N GLY B 222 -2.93 11.55 -14.61
CA GLY B 222 -4.21 10.94 -14.92
C GLY B 222 -5.07 10.76 -13.68
N VAL B 223 -6.13 9.97 -13.86
CA VAL B 223 -7.06 9.73 -12.76
C VAL B 223 -6.49 8.74 -11.76
N VAL B 224 -5.43 8.03 -12.11
CA VAL B 224 -4.84 7.06 -11.17
C VAL B 224 -4.14 7.76 -10.01
N GLY B 225 -3.45 8.87 -10.27
CA GLY B 225 -2.83 9.61 -9.19
C GLY B 225 -3.86 10.19 -8.22
N VAL B 226 -4.92 10.78 -8.77
CA VAL B 226 -6.02 11.26 -7.93
C VAL B 226 -6.67 10.10 -7.19
N MET B 227 -6.74 8.94 -7.82
CA MET B 227 -7.29 7.75 -7.17
C MET B 227 -6.43 7.35 -5.97
N LYS B 228 -5.11 7.39 -6.12
CA LYS B 228 -4.23 7.07 -5.01
C LYS B 228 -4.37 8.09 -3.89
N LEU B 229 -4.47 9.38 -4.24
CA LEU B 229 -4.67 10.41 -3.24
C LEU B 229 -5.96 10.19 -2.47
N LEU B 230 -7.05 9.89 -3.20
CA LEU B 230 -8.34 9.66 -2.56
C LEU B 230 -8.30 8.39 -1.71
N ASP B 231 -7.60 7.35 -2.17
CA ASP B 231 -7.48 6.13 -1.39
C ASP B 231 -6.77 6.39 -0.07
N ASN B 232 -5.68 7.16 -0.11
CA ASN B 232 -5.00 7.51 1.14
C ASN B 232 -5.85 8.40 2.02
N ALA B 233 -6.62 9.31 1.41
CA ALA B 233 -7.50 10.18 2.20
C ALA B 233 -8.58 9.37 2.91
N PHE B 234 -9.16 8.40 2.21
CA PHE B 234 -10.18 7.56 2.83
C PHE B 234 -9.58 6.61 3.86
N ARG B 235 -8.34 6.16 3.64
CA ARG B 235 -7.67 5.37 4.66
C ARG B 235 -7.44 6.19 5.93
N TYR B 236 -7.03 7.46 5.77
CA TYR B 236 -6.77 8.30 6.92
C TYR B 236 -8.06 8.63 7.66
N ALA B 237 -9.10 9.04 6.93
CA ALA B 237 -10.39 9.37 7.54
C ALA B 237 -11.24 8.09 7.53
N ASP B 238 -11.12 7.32 8.62
CA ASP B 238 -11.80 6.03 8.70
C ASP B 238 -12.74 5.98 9.90
N GLN B 239 -13.56 7.03 10.07
CA GLN B 239 -14.55 7.09 11.15
C GLN B 239 -13.91 6.86 12.51
N MET B 240 -12.78 7.55 12.73
CA MET B 240 -12.03 7.44 13.99
C MET B 240 -11.61 6.00 14.26
N GLY B 241 -11.30 5.24 13.21
CA GLY B 241 -10.82 3.89 13.37
C GLY B 241 -11.88 2.84 13.65
N GLN B 242 -13.16 3.20 13.60
CA GLN B 242 -14.22 2.25 13.87
C GLN B 242 -14.65 1.49 12.62
N ARG B 243 -15.03 2.21 11.57
CA ARG B 243 -15.40 1.62 10.29
C ARG B 243 -14.42 2.08 9.23
N GLN B 244 -13.91 1.14 8.44
CA GLN B 244 -12.94 1.48 7.41
C GLN B 244 -13.52 2.51 6.45
N GLY B 245 -12.73 3.54 6.15
CA GLY B 245 -13.17 4.58 5.22
C GLY B 245 -13.46 4.02 3.84
N SER B 246 -14.68 4.22 3.36
CA SER B 246 -15.12 3.67 2.10
C SER B 246 -15.34 4.81 1.11
N GLY B 247 -14.67 4.73 -0.04
CA GLY B 247 -14.85 5.70 -1.09
C GLY B 247 -15.11 5.00 -2.41
N ALA B 248 -15.71 5.76 -3.32
CA ALA B 248 -16.00 5.28 -4.67
C ALA B 248 -15.47 6.28 -5.67
N ALA B 249 -14.85 5.78 -6.74
CA ALA B 249 -14.43 6.59 -7.87
C ALA B 249 -15.19 6.15 -9.10
N TYR B 250 -15.77 7.11 -9.83
CA TYR B 250 -16.51 6.82 -11.04
C TYR B 250 -15.81 7.46 -12.22
N LEU B 251 -15.63 6.68 -13.28
CA LEU B 251 -15.01 7.17 -14.50
C LEU B 251 -15.85 6.76 -15.69
N ASN B 252 -15.99 7.69 -16.65
CA ASN B 252 -16.68 7.37 -17.88
C ASN B 252 -15.85 6.37 -18.69
N ILE B 253 -16.54 5.46 -19.36
CA ILE B 253 -15.85 4.42 -20.13
C ILE B 253 -15.12 5.00 -21.34
N PHE B 254 -15.45 6.23 -21.74
CA PHE B 254 -14.78 6.89 -22.85
C PHE B 254 -13.58 7.71 -22.41
N HIS B 255 -13.30 7.76 -21.11
CA HIS B 255 -12.08 8.36 -20.62
C HIS B 255 -10.88 7.53 -21.05
N ARG B 256 -9.78 8.20 -21.40
CA ARG B 256 -8.60 7.48 -21.85
C ARG B 256 -8.01 6.60 -20.75
N ASP B 257 -8.15 7.01 -19.50
CA ASP B 257 -7.59 6.27 -18.37
C ASP B 257 -8.44 5.08 -17.96
N ILE B 258 -9.49 4.76 -18.72
CA ILE B 258 -10.47 3.76 -18.28
C ILE B 258 -9.79 2.42 -18.03
N ASN B 259 -8.80 2.07 -18.84
CA ASN B 259 -8.06 0.84 -18.61
C ASN B 259 -7.26 0.93 -17.31
N ASP B 260 -6.48 2.00 -17.16
CA ASP B 260 -5.68 2.18 -15.95
C ASP B 260 -6.58 2.23 -14.72
N PHE B 261 -7.68 2.98 -14.80
CA PHE B 261 -8.75 2.93 -13.82
C PHE B 261 -9.07 1.49 -13.45
N LEU B 262 -9.44 0.67 -14.44
CA LEU B 262 -9.76 -0.72 -14.17
C LEU B 262 -8.56 -1.47 -13.62
N ASP B 263 -7.36 -1.12 -14.09
CA ASP B 263 -6.16 -1.77 -13.59
C ASP B 263 -5.93 -1.53 -12.11
N THR B 264 -6.60 -0.53 -11.52
CA THR B 264 -6.49 -0.34 -10.08
C THR B 264 -7.09 -1.49 -9.29
N LYS B 265 -8.01 -2.25 -9.89
CA LYS B 265 -8.68 -3.35 -9.21
C LYS B 265 -8.18 -4.72 -9.63
N LYS B 266 -7.24 -4.80 -10.55
CA LYS B 266 -6.66 -6.09 -10.92
C LYS B 266 -5.86 -6.66 -9.76
N ILE B 267 -5.99 -7.97 -9.54
CA ILE B 267 -5.32 -8.60 -8.43
C ILE B 267 -3.81 -8.68 -8.64
N SER B 268 -3.33 -8.47 -9.87
CA SER B 268 -1.91 -8.49 -10.18
C SER B 268 -1.32 -7.09 -10.28
N ALA B 269 -2.09 -6.06 -9.93
CA ALA B 269 -1.62 -4.69 -10.05
C ALA B 269 -0.48 -4.41 -9.09
N ASP B 270 0.46 -3.57 -9.53
CA ASP B 270 1.57 -3.16 -8.69
C ASP B 270 1.07 -2.21 -7.60
N GLU B 271 1.90 -2.07 -6.55
CA GLU B 271 1.51 -1.25 -5.40
C GLU B 271 1.37 0.22 -5.78
N ASP B 272 2.14 0.69 -6.76
CA ASP B 272 2.02 2.08 -7.18
C ASP B 272 0.76 2.36 -7.97
N VAL B 273 0.04 1.33 -8.40
CA VAL B 273 -1.20 1.48 -9.14
C VAL B 273 -2.40 0.94 -8.36
N ARG B 274 -2.22 -0.16 -7.64
CA ARG B 274 -3.32 -0.80 -6.93
C ARG B 274 -3.93 0.13 -5.90
N VAL B 275 -5.27 0.16 -5.88
CA VAL B 275 -6.04 0.91 -4.90
C VAL B 275 -7.02 -0.05 -4.26
N LYS B 276 -7.05 -0.09 -2.92
CA LYS B 276 -7.75 -1.15 -2.20
C LYS B 276 -8.92 -0.68 -1.35
N THR B 277 -8.97 0.57 -0.91
CA THR B 277 -10.08 1.06 -0.11
C THR B 277 -11.03 1.96 -0.89
N LEU B 278 -10.85 2.10 -2.20
CA LEU B 278 -11.67 2.97 -3.04
C LEU B 278 -12.37 2.11 -4.08
N SER B 279 -13.69 1.99 -3.96
CA SER B 279 -14.48 1.28 -4.96
C SER B 279 -14.44 2.03 -6.28
N ILE B 280 -14.61 1.30 -7.37
CA ILE B 280 -14.55 1.87 -8.70
C ILE B 280 -15.87 1.62 -9.42
N GLY B 281 -16.31 2.62 -10.17
CA GLY B 281 -17.50 2.48 -10.99
C GLY B 281 -17.22 3.02 -12.37
N VAL B 282 -17.87 2.41 -13.36
CA VAL B 282 -17.70 2.77 -14.75
C VAL B 282 -19.04 3.22 -15.31
N VAL B 283 -19.05 4.38 -15.94
CA VAL B 283 -20.25 4.96 -16.55
C VAL B 283 -20.21 4.67 -18.04
N ILE B 284 -21.17 3.90 -18.52
CA ILE B 284 -21.19 3.41 -19.90
C ILE B 284 -22.35 4.09 -20.62
N PRO B 285 -22.08 5.02 -21.53
CA PRO B 285 -23.16 5.53 -22.39
C PRO B 285 -23.62 4.47 -23.39
N ASP B 286 -24.77 4.73 -24.00
CA ASP B 286 -25.30 3.82 -25.02
C ASP B 286 -24.38 3.73 -26.23
N LYS B 287 -23.55 4.75 -26.46
CA LYS B 287 -22.64 4.72 -27.60
C LYS B 287 -21.62 3.58 -27.46
N PHE B 288 -21.11 3.36 -26.25
CA PHE B 288 -20.14 2.29 -26.05
C PHE B 288 -20.77 0.93 -26.30
N VAL B 289 -22.00 0.71 -25.82
CA VAL B 289 -22.69 -0.56 -26.06
C VAL B 289 -22.98 -0.74 -27.54
N GLU B 290 -23.32 0.35 -28.23
CA GLU B 290 -23.56 0.27 -29.67
C GLU B 290 -22.28 -0.09 -30.41
N LEU B 291 -21.16 0.51 -30.04
CA LEU B 291 -19.88 0.19 -30.68
C LEU B 291 -19.47 -1.25 -30.42
N ALA B 292 -19.64 -1.73 -29.18
CA ALA B 292 -19.31 -3.12 -28.87
C ALA B 292 -20.22 -4.08 -29.62
N ARG B 293 -21.50 -3.73 -29.74
CA ARG B 293 -22.44 -4.59 -30.47
C ARG B 293 -22.06 -4.72 -31.94
N GLU B 294 -21.66 -3.62 -32.56
CA GLU B 294 -21.28 -3.62 -33.96
C GLU B 294 -19.83 -4.05 -34.17
N ASP B 295 -19.08 -4.31 -33.10
CA ASP B 295 -17.68 -4.74 -33.14
C ASP B 295 -16.78 -3.70 -33.80
N LYS B 296 -17.25 -2.46 -33.92
CA LYS B 296 -16.43 -1.38 -34.46
C LYS B 296 -15.49 -0.86 -33.38
N ALA B 297 -14.21 -0.72 -33.72
CA ALA B 297 -13.23 -0.26 -32.76
C ALA B 297 -13.60 1.13 -32.25
N ALA B 298 -13.56 1.30 -30.94
CA ALA B 298 -13.97 2.55 -30.32
C ALA B 298 -12.76 3.42 -30.03
N TYR B 299 -13.03 4.63 -29.56
CA TYR B 299 -11.98 5.59 -29.22
C TYR B 299 -12.24 6.15 -27.83
N VAL B 300 -11.25 6.03 -26.95
CA VAL B 300 -11.28 6.73 -25.67
C VAL B 300 -10.62 8.08 -25.87
N PHE B 301 -11.04 9.07 -25.08
CA PHE B 301 -10.69 10.45 -25.37
C PHE B 301 -9.92 11.08 -24.21
N TYR B 302 -9.12 12.08 -24.55
CA TYR B 302 -8.43 12.90 -23.57
C TYR B 302 -9.35 14.05 -23.19
N PRO B 303 -9.81 14.13 -21.93
CA PRO B 303 -10.80 15.16 -21.59
C PRO B 303 -10.32 16.58 -21.79
N HIS B 304 -9.03 16.85 -21.57
CA HIS B 304 -8.56 18.23 -21.63
C HIS B 304 -8.55 18.76 -23.06
N THR B 305 -8.22 17.91 -24.03
CA THR B 305 -8.27 18.35 -25.43
C THR B 305 -9.70 18.68 -25.83
N ILE B 306 -10.67 17.86 -25.41
CA ILE B 306 -12.06 18.12 -25.72
C ILE B 306 -12.52 19.41 -25.04
N TYR B 307 -12.11 19.63 -23.79
CA TYR B 307 -12.47 20.86 -23.10
C TYR B 307 -11.88 22.08 -23.79
N LYS B 308 -10.62 21.98 -24.24
CA LYS B 308 -10.00 23.08 -24.95
C LYS B 308 -10.72 23.38 -26.25
N GLU B 309 -11.10 22.34 -27.00
CA GLU B 309 -11.71 22.55 -28.30
C GLU B 309 -13.14 23.07 -28.19
N TYR B 310 -13.94 22.49 -27.28
CA TYR B 310 -15.35 22.80 -27.22
C TYR B 310 -15.76 23.69 -26.06
N GLY B 311 -14.89 23.86 -25.06
CA GLY B 311 -15.24 24.65 -23.89
C GLY B 311 -16.04 23.91 -22.84
N GLN B 312 -16.37 22.64 -23.08
CA GLN B 312 -17.12 21.83 -22.13
C GLN B 312 -16.39 20.52 -21.89
N HIS B 313 -16.66 19.91 -20.74
CA HIS B 313 -16.06 18.64 -20.40
C HIS B 313 -16.67 17.51 -21.23
N MET B 314 -15.90 16.42 -21.36
CA MET B 314 -16.35 15.30 -22.16
C MET B 314 -17.62 14.67 -21.59
N ASP B 315 -17.69 14.55 -20.27
CA ASP B 315 -18.88 14.00 -19.62
C ASP B 315 -19.99 15.03 -19.45
N GLU B 316 -19.75 16.28 -19.83
CA GLU B 316 -20.76 17.33 -19.74
C GLU B 316 -21.74 17.32 -20.91
N MET B 317 -21.46 16.56 -21.97
CA MET B 317 -22.30 16.53 -23.14
C MET B 317 -22.58 15.10 -23.56
N ASP B 318 -23.51 14.96 -24.51
CA ASP B 318 -24.01 13.66 -24.93
C ASP B 318 -23.00 13.02 -25.87
N MET B 319 -22.45 11.87 -25.46
CA MET B 319 -21.52 11.15 -26.32
C MET B 319 -22.21 10.52 -27.51
N ASN B 320 -23.50 10.19 -27.39
CA ASN B 320 -24.21 9.57 -28.50
C ASN B 320 -24.28 10.49 -29.71
N GLU B 321 -24.22 11.80 -29.49
CA GLU B 321 -24.27 12.76 -30.58
C GLU B 321 -22.93 13.46 -30.83
N MET B 322 -21.96 13.32 -29.93
CA MET B 322 -20.69 14.03 -30.06
C MET B 322 -19.51 13.09 -30.26
N TYR B 323 -19.73 11.77 -30.24
CA TYR B 323 -18.61 10.83 -30.40
C TYR B 323 -17.99 10.94 -31.78
N ASP B 324 -18.82 11.01 -32.82
CA ASP B 324 -18.29 11.13 -34.18
C ASP B 324 -17.56 12.46 -34.37
N LYS B 325 -18.07 13.53 -33.77
CA LYS B 325 -17.37 14.81 -33.83
C LYS B 325 -16.03 14.75 -33.11
N PHE B 326 -15.99 14.06 -31.96
CA PHE B 326 -14.72 13.87 -31.25
C PHE B 326 -13.73 13.10 -32.11
N VAL B 327 -14.20 12.03 -32.77
CA VAL B 327 -13.31 11.19 -33.56
C VAL B 327 -12.79 11.93 -34.78
N ASP B 328 -13.66 12.67 -35.47
CA ASP B 328 -13.27 13.36 -36.69
C ASP B 328 -12.52 14.66 -36.42
N ASN B 329 -12.43 15.10 -35.17
CA ASN B 329 -11.77 16.36 -34.85
C ASN B 329 -10.28 16.12 -34.64
N PRO B 330 -9.41 16.71 -35.46
CA PRO B 330 -7.96 16.50 -35.24
C PRO B 330 -7.44 17.14 -33.97
N ARG B 331 -8.10 18.18 -33.47
CA ARG B 331 -7.65 18.85 -32.26
C ARG B 331 -8.05 18.10 -30.99
N VAL B 332 -8.81 17.02 -31.12
CA VAL B 332 -9.16 16.17 -30.00
C VAL B 332 -8.23 14.96 -30.02
N LYS B 333 -7.60 14.66 -28.90
CA LYS B 333 -6.70 13.52 -28.80
C LYS B 333 -7.47 12.29 -28.33
N LYS B 334 -7.20 11.15 -28.95
CA LYS B 334 -7.91 9.93 -28.65
C LYS B 334 -7.02 8.73 -28.88
N GLU B 335 -7.41 7.62 -28.26
CA GLU B 335 -6.71 6.33 -28.38
C GLU B 335 -7.69 5.27 -28.83
N LYS B 336 -7.22 4.37 -29.69
CA LYS B 336 -8.06 3.28 -30.18
C LYS B 336 -8.16 2.18 -29.14
N ILE B 337 -9.39 1.67 -28.95
CA ILE B 337 -9.65 0.56 -28.05
C ILE B 337 -10.63 -0.39 -28.73
N ASN B 338 -10.69 -1.62 -28.21
CA ASN B 338 -11.69 -2.56 -28.65
C ASN B 338 -12.82 -2.57 -27.62
N PRO B 339 -14.00 -2.05 -27.95
CA PRO B 339 -15.09 -2.02 -26.96
C PRO B 339 -15.49 -3.39 -26.46
N ARG B 340 -15.44 -4.42 -27.30
CA ARG B 340 -15.74 -5.77 -26.84
C ARG B 340 -14.67 -6.27 -25.88
N LYS B 341 -13.40 -5.96 -26.17
CA LYS B 341 -12.34 -6.31 -25.23
C LYS B 341 -12.49 -5.57 -23.92
N LEU B 342 -12.91 -4.31 -23.96
CA LEU B 342 -13.16 -3.56 -22.73
C LEU B 342 -14.31 -4.16 -21.94
N LEU B 343 -15.37 -4.59 -22.64
CA LEU B 343 -16.48 -5.26 -21.96
C LEU B 343 -16.03 -6.56 -21.31
N GLU B 344 -15.20 -7.33 -22.02
CA GLU B 344 -14.68 -8.57 -21.45
C GLU B 344 -13.79 -8.29 -20.25
N LYS B 345 -13.01 -7.20 -20.31
CA LYS B 345 -12.20 -6.81 -19.15
C LYS B 345 -13.09 -6.44 -17.97
N LEU B 346 -14.19 -5.72 -18.24
CA LEU B 346 -15.13 -5.40 -17.17
C LEU B 346 -15.70 -6.66 -16.54
N ALA B 347 -16.09 -7.63 -17.37
CA ALA B 347 -16.65 -8.87 -16.86
C ALA B 347 -15.62 -9.65 -16.05
N MET B 348 -14.38 -9.72 -16.54
CA MET B 348 -13.33 -10.41 -15.81
C MET B 348 -13.04 -9.74 -14.46
N LEU B 349 -13.00 -8.40 -14.45
CA LEU B 349 -12.76 -7.67 -13.21
C LEU B 349 -13.89 -7.90 -12.22
N ARG B 350 -15.14 -7.90 -12.71
CA ARG B 350 -16.27 -8.14 -11.81
C ARG B 350 -16.28 -9.57 -11.30
N SER B 351 -15.86 -10.53 -12.11
CA SER B 351 -15.72 -11.90 -11.63
C SER B 351 -14.66 -12.01 -10.56
N GLU B 352 -13.52 -11.32 -10.75
CA GLU B 352 -12.42 -11.43 -9.80
C GLU B 352 -12.71 -10.73 -8.49
N SER B 353 -13.24 -9.50 -8.55
CA SER B 353 -13.36 -8.67 -7.35
C SER B 353 -14.72 -8.00 -7.18
N GLY B 354 -15.65 -8.16 -8.13
CA GLY B 354 -16.94 -7.51 -8.03
C GLY B 354 -16.96 -6.08 -8.52
N TYR B 355 -15.83 -5.55 -8.97
CA TYR B 355 -15.70 -4.20 -9.49
C TYR B 355 -15.45 -4.24 -10.99
N PRO B 356 -15.80 -3.18 -11.73
CA PRO B 356 -16.40 -1.91 -11.30
C PRO B 356 -17.91 -1.94 -11.16
N TYR B 357 -18.47 -0.92 -10.50
CA TYR B 357 -19.89 -0.64 -10.65
C TYR B 357 -20.16 -0.22 -12.08
N ILE B 358 -21.29 -0.65 -12.62
CA ILE B 358 -21.68 -0.35 -13.99
C ILE B 358 -22.86 0.61 -13.94
N MET B 359 -22.68 1.79 -14.55
CA MET B 359 -23.75 2.78 -14.64
C MET B 359 -24.05 3.00 -16.12
N PHE B 360 -25.23 2.58 -16.55
CA PHE B 360 -25.66 2.78 -17.93
C PHE B 360 -26.22 4.19 -18.03
N GLN B 361 -25.39 5.13 -18.51
CA GLN B 361 -25.71 6.55 -18.44
C GLN B 361 -26.98 6.87 -19.21
N ASP B 362 -27.14 6.31 -20.41
CA ASP B 362 -28.32 6.61 -21.20
C ASP B 362 -29.58 6.03 -20.57
N ASN B 363 -29.49 4.86 -19.93
CA ASN B 363 -30.63 4.32 -19.20
C ASN B 363 -31.04 5.23 -18.05
N VAL B 364 -30.06 5.86 -17.40
CA VAL B 364 -30.38 6.80 -16.33
C VAL B 364 -31.01 8.07 -16.88
N ASN B 365 -30.48 8.59 -17.98
CA ASN B 365 -30.86 9.92 -18.45
C ASN B 365 -32.05 9.91 -19.41
N LYS B 366 -32.48 8.75 -19.91
CA LYS B 366 -33.66 8.72 -20.75
C LYS B 366 -34.94 8.90 -19.94
N VAL B 367 -34.90 8.61 -18.65
CA VAL B 367 -36.03 8.84 -17.74
C VAL B 367 -35.69 9.82 -16.64
N HIS B 368 -34.51 10.41 -16.65
CA HIS B 368 -34.12 11.39 -15.65
C HIS B 368 -35.00 12.63 -15.77
N ALA B 369 -35.59 13.04 -14.66
CA ALA B 369 -36.54 14.15 -14.66
C ALA B 369 -35.88 15.52 -14.58
N ASN B 370 -34.58 15.58 -14.28
CA ASN B 370 -33.88 16.84 -14.06
C ASN B 370 -32.68 16.97 -14.98
N ASN B 371 -32.84 16.56 -16.25
CA ASN B 371 -31.77 16.71 -17.22
C ASN B 371 -31.44 18.17 -17.50
N HIS B 372 -32.40 19.07 -17.30
CA HIS B 372 -32.14 20.50 -17.51
C HIS B 372 -31.09 21.02 -16.55
N ILE B 373 -31.18 20.61 -15.27
CA ILE B 373 -30.15 21.00 -14.31
C ILE B 373 -28.81 20.41 -14.70
N SER B 374 -28.78 19.10 -14.96
CA SER B 374 -27.59 18.38 -15.35
C SER B 374 -27.95 16.94 -15.67
N LYS B 375 -27.18 16.29 -16.52
CA LYS B 375 -27.32 14.86 -16.72
C LYS B 375 -26.63 14.12 -15.57
N VAL B 376 -27.13 12.93 -15.26
CA VAL B 376 -26.51 12.10 -14.24
C VAL B 376 -25.26 11.47 -14.84
N LYS B 377 -24.10 11.84 -14.30
CA LYS B 377 -22.82 11.39 -14.86
C LYS B 377 -22.17 10.30 -14.04
N PHE B 378 -22.61 10.06 -12.81
CA PHE B 378 -22.03 9.02 -11.97
C PHE B 378 -23.01 8.69 -10.87
N SER B 379 -22.70 7.63 -10.10
CA SER B 379 -23.54 7.16 -9.03
C SER B 379 -22.78 7.22 -7.71
N ASN B 380 -23.39 6.70 -6.65
CA ASN B 380 -22.83 6.74 -5.32
C ASN B 380 -22.04 5.47 -5.03
N LEU B 381 -21.62 5.30 -3.78
CA LEU B 381 -20.84 4.14 -3.39
C LEU B 381 -21.65 2.85 -3.48
N CYS B 382 -22.96 2.91 -3.36
CA CYS B 382 -23.83 1.76 -3.51
C CYS B 382 -24.51 1.71 -4.87
N SER B 383 -24.20 2.66 -5.76
CA SER B 383 -24.68 2.67 -7.15
C SER B 383 -26.21 2.63 -7.22
N GLU B 384 -26.86 3.42 -6.37
CA GLU B 384 -28.30 3.60 -6.45
C GLU B 384 -28.75 5.05 -6.48
N VAL B 385 -27.86 5.99 -6.17
CA VAL B 385 -28.18 7.40 -6.23
C VAL B 385 -27.81 7.92 -7.61
N LEU B 386 -28.81 8.44 -8.33
CA LEU B 386 -28.63 8.93 -9.70
C LEU B 386 -29.32 10.28 -9.81
N GLN B 387 -28.55 11.35 -9.60
CA GLN B 387 -29.09 12.69 -9.54
C GLN B 387 -28.21 13.64 -10.34
N ALA B 388 -28.81 14.77 -10.72
CA ALA B 388 -28.06 15.80 -11.42
C ALA B 388 -27.02 16.43 -10.50
N SER B 389 -25.83 16.66 -11.05
CA SER B 389 -24.76 17.30 -10.30
C SER B 389 -24.06 18.31 -11.20
N GLN B 390 -23.73 19.47 -10.63
CA GLN B 390 -22.96 20.50 -11.31
C GLN B 390 -21.61 20.62 -10.63
N VAL B 391 -20.53 20.57 -11.43
CA VAL B 391 -19.19 20.61 -10.87
C VAL B 391 -18.92 21.99 -10.27
N SER B 392 -18.10 22.02 -9.23
CA SER B 392 -17.73 23.26 -8.57
C SER B 392 -16.38 23.73 -9.06
N SER B 393 -16.21 25.05 -9.11
CA SER B 393 -14.96 25.68 -9.51
C SER B 393 -14.29 26.21 -8.25
N TYR B 394 -13.49 25.36 -7.61
CA TYR B 394 -12.73 25.77 -6.43
C TYR B 394 -11.48 26.49 -6.91
N THR B 395 -11.42 27.80 -6.69
CA THR B 395 -10.36 28.64 -7.21
C THR B 395 -9.23 28.76 -6.19
N ASP B 396 -8.28 29.65 -6.48
CA ASP B 396 -7.15 29.86 -5.58
C ASP B 396 -7.62 30.51 -4.28
N TYR B 397 -6.74 30.48 -3.28
CA TYR B 397 -7.00 31.17 -2.04
C TYR B 397 -7.14 32.68 -2.30
N ASP B 398 -7.99 33.32 -1.51
CA ASP B 398 -8.37 34.73 -1.64
C ASP B 398 -9.18 35.00 -2.91
N GLU B 399 -9.65 33.95 -3.58
CA GLU B 399 -10.52 34.07 -4.73
C GLU B 399 -11.83 33.34 -4.44
N GLU B 400 -12.94 33.92 -4.89
CA GLU B 400 -14.24 33.32 -4.66
C GLU B 400 -14.39 32.04 -5.46
N ASP B 401 -14.92 31.01 -4.83
CA ASP B 401 -15.15 29.73 -5.49
C ASP B 401 -16.56 29.68 -6.07
N GLU B 402 -16.68 29.09 -7.25
CA GLU B 402 -17.99 28.86 -7.88
C GLU B 402 -18.50 27.53 -7.36
N ILE B 403 -19.46 27.58 -6.45
CA ILE B 403 -19.97 26.38 -5.79
C ILE B 403 -21.05 25.75 -6.66
N GLY B 404 -20.86 24.49 -7.00
CA GLY B 404 -21.82 23.74 -7.80
C GLY B 404 -22.78 22.94 -6.94
N LEU B 405 -23.21 21.80 -7.49
CA LEU B 405 -24.14 20.92 -6.81
C LEU B 405 -23.50 19.55 -6.66
N ASP B 406 -23.31 19.11 -5.42
CA ASP B 406 -22.79 17.79 -5.12
C ASP B 406 -23.89 16.96 -4.49
N ILE B 407 -24.15 15.79 -5.07
CA ILE B 407 -25.34 15.01 -4.71
C ILE B 407 -25.24 14.51 -3.27
N SER B 408 -26.38 14.52 -2.59
CA SER B 408 -26.51 13.96 -1.25
C SER B 408 -28.00 13.75 -0.97
N CYS B 409 -28.36 12.53 -0.60
CA CYS B 409 -29.76 12.22 -0.30
C CYS B 409 -29.83 11.38 0.97
N ASN B 410 -30.98 11.46 1.64
CA ASN B 410 -31.23 10.74 2.87
C ASN B 410 -31.99 9.46 2.56
N LEU B 411 -31.55 8.36 3.15
CA LEU B 411 -32.09 7.04 2.86
C LEU B 411 -33.15 6.64 3.88
N GLY B 412 -34.16 5.92 3.40
CA GLY B 412 -35.17 5.33 4.24
C GLY B 412 -35.90 4.25 3.48
N SER B 413 -36.13 3.10 4.10
CA SER B 413 -36.66 1.94 3.39
C SER B 413 -38.02 1.55 3.93
N LEU B 414 -38.97 1.34 3.03
CA LEU B 414 -40.24 0.74 3.39
C LEU B 414 -40.08 -0.77 3.53
N ASN B 415 -40.66 -1.33 4.59
CA ASN B 415 -40.72 -2.77 4.73
C ASN B 415 -41.96 -3.26 3.99
N ILE B 416 -41.74 -3.90 2.83
CA ILE B 416 -42.83 -4.23 1.93
C ILE B 416 -43.83 -5.16 2.61
N LEU B 417 -43.32 -6.16 3.34
CA LEU B 417 -44.21 -7.10 4.02
C LEU B 417 -45.07 -6.40 5.06
N ASN B 418 -44.46 -5.56 5.90
CA ASN B 418 -45.22 -4.87 6.93
C ASN B 418 -46.12 -3.79 6.35
N VAL B 419 -45.66 -3.11 5.29
CA VAL B 419 -46.49 -2.08 4.66
C VAL B 419 -47.74 -2.70 4.04
N MET B 420 -47.58 -3.83 3.33
CA MET B 420 -48.73 -4.45 2.69
C MET B 420 -49.60 -5.20 3.68
N GLU B 421 -49.03 -5.75 4.75
CA GLU B 421 -49.84 -6.38 5.78
C GLU B 421 -50.75 -5.37 6.46
N HIS B 422 -50.25 -4.16 6.71
CA HIS B 422 -51.04 -3.10 7.30
C HIS B 422 -51.89 -2.35 6.28
N LYS B 423 -51.76 -2.69 4.99
CA LYS B 423 -52.53 -2.03 3.92
C LYS B 423 -52.36 -0.51 3.98
N SER B 424 -51.12 -0.07 4.16
CA SER B 424 -50.82 1.33 4.43
C SER B 424 -49.68 1.82 3.55
N ILE B 425 -49.76 1.54 2.24
CA ILE B 425 -48.76 2.06 1.32
C ILE B 425 -48.76 3.60 1.34
N GLU B 426 -49.95 4.19 1.26
CA GLU B 426 -50.05 5.64 1.18
C GLU B 426 -49.52 6.30 2.44
N LYS B 427 -50.03 5.88 3.60
CA LYS B 427 -49.64 6.52 4.86
C LYS B 427 -48.15 6.34 5.13
N THR B 428 -47.65 5.13 4.93
CA THR B 428 -46.23 4.87 5.16
C THR B 428 -45.36 5.69 4.22
N VAL B 429 -45.73 5.76 2.94
CA VAL B 429 -44.93 6.53 1.98
C VAL B 429 -44.93 8.00 2.36
N LYS B 430 -46.09 8.57 2.70
CA LYS B 430 -46.15 9.98 3.03
C LYS B 430 -45.36 10.29 4.30
N LEU B 431 -45.50 9.45 5.34
CA LEU B 431 -44.76 9.67 6.57
C LEU B 431 -43.26 9.52 6.36
N ALA B 432 -42.85 8.54 5.56
CA ALA B 432 -41.43 8.38 5.25
C ALA B 432 -40.89 9.57 4.48
N THR B 433 -41.68 10.09 3.53
CA THR B 433 -41.27 11.27 2.80
C THR B 433 -41.12 12.47 3.73
N ASP B 434 -42.04 12.63 4.68
CA ASP B 434 -41.92 13.70 5.66
C ASP B 434 -40.68 13.54 6.52
N SER B 435 -40.39 12.32 6.96
CA SER B 435 -39.21 12.09 7.79
C SER B 435 -37.92 12.37 7.01
N LEU B 436 -37.87 11.95 5.74
CA LEU B 436 -36.69 12.22 4.92
C LEU B 436 -36.55 13.70 4.63
N THR B 437 -37.67 14.40 4.44
CA THR B 437 -37.62 15.85 4.27
C THR B 437 -37.08 16.52 5.51
N HIS B 438 -37.50 16.05 6.69
CA HIS B 438 -36.97 16.61 7.93
C HIS B 438 -35.48 16.34 8.05
N VAL B 439 -35.04 15.13 7.70
CA VAL B 439 -33.61 14.80 7.77
C VAL B 439 -32.81 15.69 6.84
N SER B 440 -33.33 15.94 5.64
CA SER B 440 -32.67 16.86 4.72
C SER B 440 -32.62 18.27 5.28
N GLU B 441 -33.73 18.72 5.87
CA GLU B 441 -33.80 20.10 6.37
C GLU B 441 -32.84 20.33 7.52
N THR B 442 -32.71 19.38 8.44
CA THR B 442 -31.83 19.52 9.58
C THR B 442 -30.38 19.14 9.28
N THR B 443 -30.07 18.76 8.04
CA THR B 443 -28.71 18.47 7.64
C THR B 443 -28.02 19.75 7.19
N ASP B 444 -26.88 20.07 7.82
CA ASP B 444 -26.09 21.23 7.47
C ASP B 444 -24.62 20.86 7.62
N ILE B 445 -23.92 20.71 6.50
CA ILE B 445 -22.52 20.31 6.50
C ILE B 445 -21.68 21.55 6.23
N ARG B 446 -20.81 21.89 7.17
CA ARG B 446 -20.06 23.14 7.15
C ARG B 446 -18.72 23.02 6.43
N ASN B 447 -18.36 21.85 5.94
CA ASN B 447 -17.09 21.67 5.23
C ASN B 447 -17.25 21.18 3.81
N ALA B 448 -18.48 20.91 3.36
CA ALA B 448 -18.76 20.54 1.97
C ALA B 448 -19.73 21.57 1.41
N PRO B 449 -19.24 22.59 0.70
CA PRO B 449 -20.14 23.66 0.26
C PRO B 449 -21.10 23.22 -0.84
N ALA B 450 -20.61 22.45 -1.81
CA ALA B 450 -21.48 21.99 -2.89
C ALA B 450 -22.53 21.01 -2.35
N VAL B 451 -22.15 20.15 -1.40
CA VAL B 451 -23.11 19.25 -0.78
C VAL B 451 -24.18 20.05 -0.04
N ARG B 452 -23.78 21.07 0.71
CA ARG B 452 -24.74 21.89 1.43
C ARG B 452 -25.69 22.61 0.47
N ARG B 453 -25.14 23.20 -0.59
CA ARG B 453 -25.98 23.92 -1.54
C ARG B 453 -26.94 22.97 -2.26
N ALA B 454 -26.48 21.78 -2.64
CA ALA B 454 -27.35 20.82 -3.29
C ALA B 454 -28.42 20.30 -2.34
N ASN B 455 -28.07 20.10 -1.07
CA ASN B 455 -29.08 19.69 -0.10
C ASN B 455 -30.15 20.77 0.07
N LYS B 456 -29.73 22.04 0.10
CA LYS B 456 -30.68 23.13 0.28
C LYS B 456 -31.54 23.34 -0.96
N ALA B 457 -31.00 23.11 -2.15
CA ALA B 457 -31.69 23.42 -3.39
C ALA B 457 -32.48 22.22 -3.93
N MET B 458 -31.79 21.10 -4.17
CA MET B 458 -32.42 19.91 -4.71
C MET B 458 -33.48 19.35 -3.76
N LYS B 459 -33.19 19.36 -2.45
CA LYS B 459 -34.06 18.76 -1.44
C LYS B 459 -34.30 17.28 -1.75
N SER B 460 -33.28 16.63 -2.29
CA SER B 460 -33.42 15.24 -2.74
C SER B 460 -33.42 14.29 -1.56
N ILE B 461 -34.32 13.31 -1.61
CA ILE B 461 -34.42 12.26 -0.60
C ILE B 461 -34.42 10.92 -1.31
N GLY B 462 -34.07 9.87 -0.56
CA GLY B 462 -34.14 8.53 -1.09
C GLY B 462 -35.03 7.62 -0.26
N LEU B 463 -36.17 7.24 -0.81
CA LEU B 463 -37.11 6.34 -0.13
C LEU B 463 -37.00 4.97 -0.79
N GLY B 464 -36.37 4.03 -0.08
CA GLY B 464 -36.16 2.70 -0.59
C GLY B 464 -37.23 1.73 -0.14
N ALA B 465 -36.95 0.44 -0.35
CA ALA B 465 -37.85 -0.62 0.06
C ALA B 465 -37.03 -1.85 0.40
N MET B 466 -37.50 -2.60 1.39
CA MET B 466 -36.88 -3.85 1.80
C MET B 466 -37.96 -4.93 1.89
N ASN B 467 -37.50 -6.18 2.01
CA ASN B 467 -38.38 -7.33 2.22
C ASN B 467 -39.29 -7.58 1.02
N LEU B 468 -38.79 -7.34 -0.18
CA LEU B 468 -39.53 -7.76 -1.37
C LEU B 468 -39.55 -9.27 -1.49
N HIS B 469 -38.38 -9.91 -1.38
CA HIS B 469 -38.32 -11.35 -1.47
C HIS B 469 -38.99 -12.01 -0.27
N GLY B 470 -38.86 -11.41 0.91
CA GLY B 470 -39.55 -11.94 2.06
C GLY B 470 -41.06 -11.94 1.89
N TYR B 471 -41.60 -10.82 1.40
CA TYR B 471 -43.03 -10.75 1.16
C TYR B 471 -43.47 -11.75 0.09
N LEU B 472 -42.70 -11.86 -0.99
CA LEU B 472 -43.07 -12.77 -2.07
C LEU B 472 -43.02 -14.22 -1.61
N ALA B 473 -41.98 -14.61 -0.86
CA ALA B 473 -41.84 -15.98 -0.43
C ALA B 473 -42.86 -16.33 0.65
N GLN B 474 -43.15 -15.39 1.55
CA GLN B 474 -44.15 -15.63 2.59
C GLN B 474 -45.57 -15.61 2.06
N ASN B 475 -45.77 -15.17 0.81
CA ASN B 475 -47.08 -15.19 0.17
C ASN B 475 -47.16 -16.21 -0.95
N GLY B 476 -46.19 -17.12 -1.04
CA GLY B 476 -46.21 -18.15 -2.06
C GLY B 476 -46.05 -17.65 -3.48
N ILE B 477 -45.16 -16.68 -3.69
CA ILE B 477 -44.88 -16.16 -5.02
C ILE B 477 -43.39 -16.30 -5.27
N ALA B 478 -43.04 -16.98 -6.37
CA ALA B 478 -41.64 -17.11 -6.75
C ALA B 478 -41.09 -15.77 -7.19
N TYR B 479 -39.88 -15.43 -6.73
CA TYR B 479 -39.29 -14.14 -7.04
C TYR B 479 -39.10 -13.96 -8.54
N GLU B 480 -38.82 -15.04 -9.27
CA GLU B 480 -38.65 -14.96 -10.71
C GLU B 480 -39.96 -15.05 -11.49
N SER B 481 -41.07 -15.34 -10.81
CA SER B 481 -42.33 -15.52 -11.49
C SER B 481 -42.84 -14.19 -12.05
N PRO B 482 -43.64 -14.24 -13.13
CA PRO B 482 -44.28 -13.00 -13.61
C PRO B 482 -45.21 -12.38 -12.60
N GLU B 483 -45.80 -13.19 -11.70
CA GLU B 483 -46.65 -12.64 -10.65
C GLU B 483 -45.86 -11.74 -9.71
N ALA B 484 -44.63 -12.13 -9.38
CA ALA B 484 -43.78 -11.29 -8.54
C ALA B 484 -43.46 -9.96 -9.22
N ARG B 485 -43.17 -10.00 -10.52
CA ARG B 485 -42.92 -8.75 -11.24
C ARG B 485 -44.18 -7.89 -11.33
N ASP B 486 -45.35 -8.52 -11.48
CA ASP B 486 -46.60 -7.77 -11.46
C ASP B 486 -46.81 -7.09 -10.10
N PHE B 487 -46.54 -7.81 -9.02
CA PHE B 487 -46.65 -7.21 -7.70
C PHE B 487 -45.68 -6.06 -7.54
N ALA B 488 -44.44 -6.23 -7.98
CA ALA B 488 -43.46 -5.15 -7.88
C ALA B 488 -43.90 -3.94 -8.68
N ASN B 489 -44.40 -4.17 -9.90
CA ASN B 489 -44.91 -3.08 -10.71
C ASN B 489 -45.99 -2.30 -9.99
N THR B 490 -47.00 -3.00 -9.49
CA THR B 490 -48.12 -2.31 -8.83
C THR B 490 -47.66 -1.61 -7.56
N PHE B 491 -46.91 -2.31 -6.71
CA PHE B 491 -46.50 -1.75 -5.43
C PHE B 491 -45.63 -0.53 -5.61
N PHE B 492 -44.66 -0.58 -6.52
CA PHE B 492 -43.77 0.55 -6.69
C PHE B 492 -44.42 1.67 -7.50
N MET B 493 -45.40 1.38 -8.34
CA MET B 493 -46.20 2.45 -8.91
C MET B 493 -46.98 3.17 -7.82
N MET B 494 -47.56 2.42 -6.87
CA MET B 494 -48.23 3.04 -5.73
C MET B 494 -47.26 3.88 -4.91
N VAL B 495 -46.06 3.36 -4.65
CA VAL B 495 -45.06 4.10 -3.88
C VAL B 495 -44.69 5.39 -4.61
N ASN B 496 -44.45 5.31 -5.92
CA ASN B 496 -44.13 6.50 -6.69
C ASN B 496 -45.29 7.51 -6.67
N PHE B 497 -46.52 7.02 -6.82
CA PHE B 497 -47.68 7.91 -6.82
C PHE B 497 -47.77 8.66 -5.50
N TYR B 498 -47.68 7.94 -4.40
CA TYR B 498 -47.85 8.60 -3.11
C TYR B 498 -46.63 9.43 -2.72
N SER B 499 -45.44 9.07 -3.20
CA SER B 499 -44.27 9.92 -2.99
C SER B 499 -44.40 11.22 -3.75
N ILE B 500 -44.86 11.16 -5.01
CA ILE B 500 -45.09 12.39 -5.77
C ILE B 500 -46.18 13.23 -5.13
N GLN B 501 -47.24 12.57 -4.65
CA GLN B 501 -48.32 13.30 -3.99
C GLN B 501 -47.82 14.00 -2.73
N ARG B 502 -47.02 13.31 -1.92
CA ARG B 502 -46.49 13.93 -0.72
C ARG B 502 -45.51 15.06 -1.06
N SER B 503 -44.70 14.88 -2.09
CA SER B 503 -43.77 15.94 -2.49
C SER B 503 -44.54 17.18 -2.94
N ALA B 504 -45.60 16.99 -3.73
CA ALA B 504 -46.42 18.11 -4.16
C ALA B 504 -47.14 18.76 -2.99
N GLU B 505 -47.61 17.95 -2.04
CA GLU B 505 -48.29 18.51 -0.87
C GLU B 505 -47.32 19.32 -0.01
N ILE B 506 -46.09 18.85 0.15
CA ILE B 506 -45.09 19.61 0.88
C ILE B 506 -44.76 20.91 0.15
N ALA B 507 -44.64 20.85 -1.17
CA ALA B 507 -44.40 22.06 -1.95
C ALA B 507 -45.54 23.05 -1.79
N LYS B 508 -46.78 22.56 -1.75
CA LYS B 508 -47.94 23.43 -1.56
C LYS B 508 -47.95 24.04 -0.16
N GLU B 509 -47.67 23.23 0.86
CA GLU B 509 -47.74 23.71 2.23
C GLU B 509 -46.58 24.66 2.57
N LYS B 510 -45.45 24.51 1.88
CA LYS B 510 -44.31 25.40 2.10
C LYS B 510 -44.19 26.49 1.04
N GLY B 511 -44.99 26.42 -0.02
CA GLY B 511 -44.94 27.42 -1.07
C GLY B 511 -43.65 27.44 -1.87
N GLU B 512 -42.82 26.40 -1.76
CA GLU B 512 -41.55 26.35 -2.45
C GLU B 512 -41.35 24.98 -3.06
N THR B 513 -40.74 24.94 -4.23
CA THR B 513 -40.33 23.72 -4.91
C THR B 513 -38.81 23.61 -4.86
N PHE B 514 -38.29 22.52 -5.40
CA PHE B 514 -36.85 22.40 -5.49
C PHE B 514 -36.32 23.31 -6.60
N ASP B 515 -35.04 23.67 -6.48
CA ASP B 515 -34.45 24.63 -7.41
C ASP B 515 -34.48 24.08 -8.83
N GLN B 516 -34.83 24.97 -9.78
CA GLN B 516 -34.95 24.63 -11.19
C GLN B 516 -35.98 23.54 -11.44
N TYR B 517 -37.06 23.52 -10.65
CA TYR B 517 -38.13 22.57 -10.89
C TYR B 517 -38.87 22.87 -12.18
N GLU B 518 -38.93 24.14 -12.58
CA GLU B 518 -39.74 24.55 -13.72
C GLU B 518 -39.28 23.89 -15.01
N GLY B 519 -37.99 23.63 -15.16
CA GLY B 519 -37.47 22.94 -16.32
C GLY B 519 -37.54 21.44 -16.27
N SER B 520 -37.97 20.87 -15.14
CA SER B 520 -38.01 19.44 -14.99
C SER B 520 -39.21 18.84 -15.72
N THR B 521 -39.14 17.51 -15.92
CA THR B 521 -40.26 16.81 -16.55
C THR B 521 -41.47 16.73 -15.64
N TYR B 522 -41.30 16.97 -14.33
CA TYR B 522 -42.46 17.08 -13.45
C TYR B 522 -43.29 18.32 -13.79
N ALA B 523 -42.62 19.44 -14.07
CA ALA B 523 -43.34 20.67 -14.36
C ALA B 523 -44.01 20.62 -15.73
N THR B 524 -43.34 20.02 -16.72
CA THR B 524 -43.89 19.93 -18.07
C THR B 524 -44.92 18.83 -18.22
N GLY B 525 -45.05 17.94 -17.23
CA GLY B 525 -45.98 16.84 -17.31
C GLY B 525 -45.50 15.64 -18.09
N GLU B 526 -44.29 15.68 -18.64
CA GLU B 526 -43.76 14.55 -19.40
C GLU B 526 -43.57 13.33 -18.49
N TYR B 527 -43.13 13.56 -17.25
CA TYR B 527 -42.84 12.47 -16.33
C TYR B 527 -44.05 11.55 -16.14
N PHE B 528 -45.25 12.13 -16.17
CA PHE B 528 -46.48 11.38 -15.93
C PHE B 528 -47.03 10.71 -17.18
N ASP B 529 -46.33 10.82 -18.31
CA ASP B 529 -46.84 10.29 -19.57
C ASP B 529 -47.22 8.81 -19.44
N LYS B 530 -46.24 7.96 -19.13
CA LYS B 530 -46.51 6.54 -19.00
C LYS B 530 -47.51 6.25 -17.88
N TYR B 531 -47.70 7.18 -16.95
CA TYR B 531 -48.66 6.99 -15.87
C TYR B 531 -50.06 7.44 -16.24
N VAL B 532 -50.21 8.27 -17.28
CA VAL B 532 -51.54 8.72 -17.70
C VAL B 532 -52.02 7.99 -18.94
N SER B 533 -51.29 6.98 -19.41
CA SER B 533 -51.68 6.24 -20.59
C SER B 533 -51.65 4.73 -20.34
N THR B 534 -50.84 4.30 -19.38
CA THR B 534 -50.68 2.90 -19.04
C THR B 534 -51.23 2.63 -17.64
N ASP B 535 -51.98 1.54 -17.51
CA ASP B 535 -52.53 1.14 -16.23
C ASP B 535 -51.59 0.14 -15.56
N PHE B 536 -51.24 0.40 -14.30
CA PHE B 536 -50.31 -0.45 -13.56
C PHE B 536 -51.01 -1.26 -12.48
N SER B 537 -52.32 -1.47 -12.61
CA SER B 537 -53.02 -2.36 -11.71
C SER B 537 -52.57 -3.81 -11.96
N PRO B 538 -52.63 -4.66 -10.94
CA PRO B 538 -52.16 -6.05 -11.11
C PRO B 538 -52.92 -6.78 -12.20
N LYS B 539 -52.18 -7.54 -13.00
CA LYS B 539 -52.76 -8.35 -14.06
C LYS B 539 -53.12 -9.76 -13.60
N TYR B 540 -52.71 -10.15 -12.40
CA TYR B 540 -52.99 -11.46 -11.85
C TYR B 540 -53.94 -11.33 -10.67
N GLU B 541 -54.86 -12.31 -10.55
CA GLU B 541 -55.86 -12.25 -9.50
C GLU B 541 -55.22 -12.35 -8.12
N LYS B 542 -54.16 -13.15 -7.99
CA LYS B 542 -53.49 -13.29 -6.70
C LYS B 542 -52.90 -11.97 -6.23
N ILE B 543 -52.26 -11.23 -7.14
CA ILE B 543 -51.67 -9.95 -6.78
C ILE B 543 -52.77 -8.94 -6.43
N ALA B 544 -53.87 -8.95 -7.20
CA ALA B 544 -54.98 -8.06 -6.90
C ALA B 544 -55.56 -8.35 -5.53
N ASN B 545 -55.68 -9.62 -5.16
CA ASN B 545 -56.12 -9.98 -3.82
C ASN B 545 -55.11 -9.51 -2.78
N LEU B 546 -53.82 -9.61 -3.09
CA LEU B 546 -52.79 -9.09 -2.19
C LEU B 546 -52.97 -7.59 -1.96
N PHE B 547 -53.41 -6.86 -2.99
CA PHE B 547 -53.61 -5.42 -2.89
C PHE B 547 -55.02 -5.05 -2.46
N GLU B 548 -55.82 -6.00 -1.98
CA GLU B 548 -57.17 -5.70 -1.55
C GLU B 548 -57.16 -4.83 -0.30
N GLY B 549 -58.18 -4.00 -0.16
CA GLY B 549 -58.25 -3.04 0.91
C GLY B 549 -57.44 -1.78 0.70
N MET B 550 -56.82 -1.63 -0.47
CA MET B 550 -55.99 -0.48 -0.78
C MET B 550 -56.37 0.04 -2.16
N HIS B 551 -56.49 1.35 -2.29
CA HIS B 551 -56.90 1.97 -3.55
C HIS B 551 -55.70 2.06 -4.47
N ILE B 552 -55.63 1.19 -5.47
CA ILE B 552 -54.57 1.21 -6.46
C ILE B 552 -54.82 2.38 -7.40
N PRO B 553 -53.89 3.32 -7.53
CA PRO B 553 -54.11 4.47 -8.42
C PRO B 553 -54.27 4.04 -9.87
N THR B 554 -55.21 4.66 -10.55
CA THR B 554 -55.48 4.41 -11.96
C THR B 554 -54.93 5.57 -12.79
N THR B 555 -55.22 5.55 -14.09
CA THR B 555 -54.78 6.65 -14.95
C THR B 555 -55.48 7.95 -14.57
N GLU B 556 -56.70 7.89 -14.06
CA GLU B 556 -57.39 9.11 -13.63
C GLU B 556 -56.75 9.71 -12.39
N ASP B 557 -56.38 8.87 -11.42
CA ASP B 557 -55.68 9.36 -10.24
C ASP B 557 -54.32 9.95 -10.63
N TRP B 558 -53.64 9.32 -11.58
CA TRP B 558 -52.36 9.85 -12.05
C TRP B 558 -52.54 11.18 -12.79
N LYS B 559 -53.63 11.32 -13.55
CA LYS B 559 -53.92 12.60 -14.20
C LYS B 559 -54.19 13.68 -13.17
N LYS B 560 -54.95 13.35 -12.12
CA LYS B 560 -55.21 14.32 -11.06
C LYS B 560 -53.91 14.70 -10.35
N LEU B 561 -53.04 13.72 -10.11
CA LEU B 561 -51.74 14.01 -9.49
C LEU B 561 -50.88 14.88 -10.40
N LYS B 562 -50.92 14.63 -11.71
CA LYS B 562 -50.17 15.46 -12.65
C LYS B 562 -50.67 16.89 -12.63
N ALA B 563 -52.00 17.08 -12.60
CA ALA B 563 -52.54 18.44 -12.50
C ALA B 563 -52.15 19.08 -11.18
N PHE B 564 -52.17 18.32 -10.09
CA PHE B 564 -51.78 18.85 -8.78
C PHE B 564 -50.32 19.28 -8.78
N VAL B 565 -49.44 18.49 -9.39
CA VAL B 565 -48.03 18.83 -9.49
C VAL B 565 -47.84 20.07 -10.35
N ALA B 566 -48.56 20.15 -11.47
CA ALA B 566 -48.46 21.33 -12.32
C ALA B 566 -48.90 22.58 -11.59
N GLU B 567 -49.92 22.47 -10.74
CA GLU B 567 -50.40 23.63 -10.00
C GLU B 567 -49.44 24.01 -8.87
N HIS B 568 -48.93 23.02 -8.13
CA HIS B 568 -48.18 23.30 -6.91
C HIS B 568 -46.69 22.99 -6.99
N GLY B 569 -46.27 22.16 -7.94
CA GLY B 569 -44.86 21.80 -8.01
C GLY B 569 -44.51 20.63 -7.11
N MET B 570 -43.22 20.32 -7.07
CA MET B 570 -42.71 19.24 -6.23
C MET B 570 -41.61 19.78 -5.33
N TYR B 571 -41.65 19.38 -4.06
CA TYR B 571 -40.64 19.84 -3.11
C TYR B 571 -39.31 19.13 -3.30
N HIS B 572 -39.31 17.89 -3.75
CA HIS B 572 -38.12 17.07 -3.85
C HIS B 572 -37.77 16.82 -5.31
N SER B 573 -36.51 17.11 -5.68
CA SER B 573 -36.04 16.76 -7.01
C SER B 573 -36.00 15.26 -7.22
N TYR B 574 -35.60 14.52 -6.19
CA TYR B 574 -35.53 13.07 -6.23
C TYR B 574 -36.14 12.52 -4.95
N ARG B 575 -36.90 11.44 -5.07
CA ARG B 575 -37.66 10.91 -3.95
C ARG B 575 -37.34 9.46 -3.62
N LEU B 576 -37.19 8.61 -4.63
CA LEU B 576 -37.07 7.17 -4.43
C LEU B 576 -35.71 6.68 -4.89
N CYS B 577 -35.00 6.00 -3.99
CA CYS B 577 -33.78 5.28 -4.34
C CYS B 577 -33.69 4.07 -3.43
N ILE B 578 -33.40 2.92 -4.01
CA ILE B 578 -33.44 1.65 -3.29
C ILE B 578 -31.99 1.29 -2.94
N ALA B 579 -31.61 1.58 -1.70
CA ALA B 579 -30.29 1.29 -1.17
C ALA B 579 -30.17 -0.20 -0.83
N PRO B 580 -28.95 -0.70 -0.69
CA PRO B 580 -28.78 -2.12 -0.30
C PRO B 580 -29.40 -2.48 1.03
N THR B 581 -29.42 -1.56 2.00
CA THR B 581 -29.96 -1.80 3.34
C THR B 581 -29.34 -3.05 3.97
N GLY B 582 -28.04 -2.94 4.21
CA GLY B 582 -27.26 -4.08 4.65
C GLY B 582 -27.59 -4.63 6.02
N SER B 583 -27.32 -3.85 7.07
CA SER B 583 -27.44 -4.36 8.43
C SER B 583 -28.75 -3.98 9.12
N ILE B 584 -29.39 -2.90 8.69
CA ILE B 584 -30.67 -2.52 9.30
C ILE B 584 -31.80 -3.45 8.87
N SER B 585 -31.58 -4.26 7.83
CA SER B 585 -32.58 -5.23 7.43
C SER B 585 -32.71 -6.35 8.47
N TYR B 586 -31.64 -6.60 9.23
CA TYR B 586 -31.72 -7.59 10.30
C TYR B 586 -32.71 -7.17 11.37
N VAL B 587 -32.64 -5.91 11.79
CA VAL B 587 -33.49 -5.41 12.87
C VAL B 587 -34.95 -5.47 12.47
N GLN B 588 -35.25 -5.19 11.21
CA GLN B 588 -36.62 -5.18 10.72
C GLN B 588 -37.14 -6.57 10.37
N SER B 589 -36.32 -7.60 10.52
CA SER B 589 -36.66 -8.97 10.13
C SER B 589 -37.13 -9.00 8.68
N SER B 590 -36.24 -8.51 7.80
CA SER B 590 -36.56 -8.31 6.40
C SER B 590 -35.39 -8.75 5.55
N THR B 591 -35.69 -9.19 4.32
CA THR B 591 -34.65 -9.48 3.36
C THR B 591 -34.05 -8.17 2.84
N ALA B 592 -32.75 -8.22 2.53
CA ALA B 592 -32.01 -7.01 2.19
C ALA B 592 -32.52 -6.43 0.87
N SER B 593 -33.08 -5.23 0.94
CA SER B 593 -33.46 -4.44 -0.24
C SER B 593 -34.49 -5.23 -1.06
N VAL B 594 -34.55 -4.95 -2.37
CA VAL B 594 -35.38 -5.71 -3.29
C VAL B 594 -34.61 -6.85 -3.94
N MET B 595 -33.37 -7.07 -3.52
CA MET B 595 -32.59 -8.19 -4.02
C MET B 595 -33.13 -9.50 -3.47
N PRO B 596 -32.99 -10.60 -4.21
CA PRO B 596 -33.31 -11.91 -3.65
C PRO B 596 -32.27 -12.34 -2.61
N ILE B 597 -32.69 -13.24 -1.73
CA ILE B 597 -31.85 -13.66 -0.61
C ILE B 597 -30.63 -14.41 -1.13
N MET B 598 -29.48 -14.14 -0.52
CA MET B 598 -28.27 -14.87 -0.87
C MET B 598 -28.34 -16.32 -0.41
N GLU B 599 -28.83 -16.54 0.81
CA GLU B 599 -28.94 -17.88 1.37
C GLU B 599 -30.17 -17.94 2.27
N ARG B 600 -30.73 -19.13 2.42
CA ARG B 600 -31.90 -19.36 3.27
C ARG B 600 -31.59 -19.21 4.74
N ILE B 601 -30.47 -19.79 5.17
CA ILE B 601 -29.94 -19.64 6.52
C ILE B 601 -28.47 -19.22 6.38
N GLU B 602 -28.13 -18.08 6.98
CA GLU B 602 -26.78 -17.55 6.90
C GLU B 602 -26.03 -17.81 8.20
N GLU B 603 -24.83 -18.35 8.10
CA GLU B 603 -23.98 -18.64 9.25
C GLU B 603 -22.96 -17.51 9.38
N ARG B 604 -23.08 -16.75 10.47
CA ARG B 604 -22.20 -15.62 10.73
C ARG B 604 -21.45 -15.84 12.03
N THR B 605 -20.15 -15.54 12.02
CA THR B 605 -19.31 -15.74 13.20
C THR B 605 -19.16 -14.42 13.94
N TYR B 606 -19.58 -14.40 15.19
CA TYR B 606 -19.45 -13.24 16.06
C TYR B 606 -18.62 -13.65 17.28
N GLY B 607 -17.56 -12.90 17.56
CA GLY B 607 -16.64 -13.29 18.62
C GLY B 607 -16.06 -14.66 18.32
N ASN B 608 -16.08 -15.52 19.32
CA ASN B 608 -15.68 -16.91 19.16
C ASN B 608 -16.87 -17.84 18.92
N SER B 609 -18.08 -17.29 18.80
CA SER B 609 -19.28 -18.07 18.59
C SER B 609 -19.77 -17.92 17.16
N LYS B 610 -20.63 -18.86 16.76
CA LYS B 610 -21.25 -18.84 15.45
C LYS B 610 -22.76 -18.86 15.61
N THR B 611 -23.46 -18.11 14.76
CA THR B 611 -24.90 -17.98 14.82
C THR B 611 -25.48 -18.22 13.44
N TYR B 612 -26.71 -18.72 13.41
CA TYR B 612 -27.42 -18.96 12.16
C TYR B 612 -28.67 -18.09 12.12
N TYR B 613 -28.79 -17.28 11.08
CA TYR B 613 -29.96 -16.44 10.86
C TYR B 613 -30.77 -17.01 9.71
N PRO B 614 -31.93 -17.61 9.97
CA PRO B 614 -32.82 -17.97 8.87
C PRO B 614 -33.47 -16.73 8.27
N MET B 615 -33.85 -16.84 7.00
CA MET B 615 -34.55 -15.74 6.36
C MET B 615 -35.90 -15.52 7.02
N PRO B 616 -36.38 -14.28 7.10
CA PRO B 616 -37.61 -14.01 7.84
C PRO B 616 -38.80 -14.76 7.27
N GLY B 617 -39.45 -15.56 8.11
CA GLY B 617 -40.58 -16.34 7.68
C GLY B 617 -40.23 -17.66 7.02
N LEU B 618 -38.95 -18.04 7.00
CA LEU B 618 -38.56 -19.31 6.40
C LEU B 618 -39.16 -20.47 7.20
N ALA B 619 -39.69 -21.45 6.47
CA ALA B 619 -40.33 -22.61 7.08
C ALA B 619 -40.35 -23.73 6.04
N SER B 620 -41.02 -24.83 6.39
CA SER B 620 -41.10 -25.96 5.46
C SER B 620 -41.97 -25.64 4.25
N ASN B 621 -43.09 -24.94 4.47
CA ASN B 621 -44.03 -24.69 3.39
C ASN B 621 -43.52 -23.64 2.40
N ASN B 622 -42.62 -22.76 2.82
CA ASN B 622 -42.08 -21.72 1.95
C ASN B 622 -40.57 -21.86 1.79
N TRP B 623 -40.00 -23.06 1.92
CA TRP B 623 -38.55 -23.27 1.74
C TRP B 623 -38.12 -23.01 0.31
N PHE B 624 -38.77 -23.64 -0.67
CA PHE B 624 -38.43 -23.47 -2.07
C PHE B 624 -38.94 -22.16 -2.68
N PHE B 625 -39.82 -21.44 -2.00
CA PHE B 625 -40.14 -20.06 -2.38
C PHE B 625 -39.00 -19.11 -2.00
N TYR B 626 -38.28 -19.40 -0.93
CA TYR B 626 -37.08 -18.65 -0.54
C TYR B 626 -35.87 -19.12 -1.34
N LYS B 627 -36.02 -19.12 -2.67
CA LYS B 627 -34.95 -19.57 -3.55
C LYS B 627 -33.74 -18.66 -3.42
N GLU B 628 -32.56 -19.27 -3.32
CA GLU B 628 -31.33 -18.51 -3.19
C GLU B 628 -31.03 -17.76 -4.48
N ALA B 629 -30.42 -16.58 -4.34
CA ALA B 629 -30.18 -15.71 -5.49
C ALA B 629 -29.24 -16.35 -6.49
N TYR B 630 -28.22 -17.05 -6.01
CA TYR B 630 -27.25 -17.68 -6.90
C TYR B 630 -27.90 -18.76 -7.76
N ASP B 631 -28.91 -19.44 -7.25
CA ASP B 631 -29.63 -20.46 -8.02
C ASP B 631 -30.62 -19.86 -8.99
N MET B 632 -30.84 -18.55 -8.96
CA MET B 632 -31.85 -17.91 -9.78
C MET B 632 -31.28 -17.51 -11.13
N ASP B 633 -32.16 -17.41 -12.12
CA ASP B 633 -31.78 -16.87 -13.42
C ASP B 633 -31.58 -15.37 -13.29
N MET B 634 -30.36 -14.90 -13.59
CA MET B 634 -30.07 -13.48 -13.49
C MET B 634 -30.88 -12.65 -14.47
N PHE B 635 -31.35 -13.25 -15.57
CA PHE B 635 -32.18 -12.50 -16.51
C PHE B 635 -33.53 -12.14 -15.91
N LYS B 636 -34.13 -13.06 -15.15
CA LYS B 636 -35.40 -12.76 -14.50
C LYS B 636 -35.22 -11.80 -13.33
N VAL B 637 -34.09 -11.85 -12.64
CA VAL B 637 -33.79 -10.85 -11.63
C VAL B 637 -33.63 -9.48 -12.29
N VAL B 638 -33.00 -9.44 -13.47
CA VAL B 638 -32.89 -8.19 -14.22
C VAL B 638 -34.29 -7.69 -14.60
N ASP B 639 -35.16 -8.61 -15.00
CA ASP B 639 -36.53 -8.22 -15.34
C ASP B 639 -37.24 -7.61 -14.13
N MET B 640 -37.09 -8.23 -12.96
CA MET B 640 -37.67 -7.67 -11.73
C MET B 640 -37.11 -6.29 -11.44
N ILE B 641 -35.79 -6.14 -11.55
CA ILE B 641 -35.18 -4.86 -11.19
C ILE B 641 -35.59 -3.77 -12.17
N ALA B 642 -35.74 -4.12 -13.45
CA ALA B 642 -36.23 -3.15 -14.43
C ALA B 642 -37.68 -2.78 -14.16
N THR B 643 -38.49 -3.76 -13.79
CA THR B 643 -39.89 -3.48 -13.44
C THR B 643 -39.99 -2.52 -12.27
N ILE B 644 -39.15 -2.72 -11.25
CA ILE B 644 -39.13 -1.79 -10.12
C ILE B 644 -38.56 -0.45 -10.55
N GLN B 645 -37.53 -0.47 -11.40
CA GLN B 645 -36.80 0.74 -11.78
C GLN B 645 -37.67 1.68 -12.59
N GLN B 646 -38.63 1.15 -13.34
CA GLN B 646 -39.51 2.02 -14.12
C GLN B 646 -40.32 2.95 -13.23
N HIS B 647 -40.46 2.64 -11.93
CA HIS B 647 -41.18 3.49 -11.00
C HIS B 647 -40.27 4.20 -10.01
N ILE B 648 -38.94 4.03 -10.11
CA ILE B 648 -37.98 4.66 -9.22
C ILE B 648 -37.23 5.73 -10.00
N ASP B 649 -37.25 6.96 -9.49
CA ASP B 649 -36.60 8.05 -10.21
C ASP B 649 -35.09 7.96 -10.14
N GLN B 650 -34.54 7.55 -9.00
CA GLN B 650 -33.12 7.26 -8.88
C GLN B 650 -32.89 5.78 -9.20
N GLY B 651 -31.71 5.26 -8.88
CA GLY B 651 -31.38 3.90 -9.23
C GLY B 651 -31.68 2.91 -8.11
N ILE B 652 -31.33 1.66 -8.38
CA ILE B 652 -31.48 0.56 -7.43
C ILE B 652 -30.14 -0.16 -7.33
N SER B 653 -29.70 -0.43 -6.11
CA SER B 653 -28.45 -1.14 -5.91
C SER B 653 -28.65 -2.60 -6.32
N PHE B 654 -28.31 -2.89 -7.57
CA PHE B 654 -28.58 -4.19 -8.19
C PHE B 654 -27.30 -5.01 -8.13
N THR B 655 -27.26 -5.98 -7.21
CA THR B 655 -26.14 -6.90 -7.10
C THR B 655 -26.42 -8.12 -7.96
N LEU B 656 -25.45 -8.49 -8.79
CA LEU B 656 -25.54 -9.70 -9.59
C LEU B 656 -25.03 -10.87 -8.76
N PHE B 657 -25.75 -11.98 -8.80
CA PHE B 657 -25.42 -13.18 -8.03
C PHE B 657 -25.05 -14.27 -9.03
N LEU B 658 -23.78 -14.64 -9.08
CA LEU B 658 -23.25 -15.49 -10.13
C LEU B 658 -22.76 -16.80 -9.54
N LYS B 659 -22.78 -17.84 -10.36
CA LYS B 659 -22.18 -19.12 -10.01
C LYS B 659 -20.75 -19.18 -10.52
N ASP B 660 -19.93 -19.99 -9.85
CA ASP B 660 -18.54 -20.15 -10.26
C ASP B 660 -18.41 -20.81 -11.62
N THR B 661 -19.40 -21.63 -12.01
CA THR B 661 -19.29 -22.36 -13.27
C THR B 661 -19.40 -21.43 -14.48
N MET B 662 -20.22 -20.38 -14.37
CA MET B 662 -20.46 -19.51 -15.50
C MET B 662 -19.22 -18.67 -15.82
N THR B 663 -19.14 -18.24 -17.07
CA THR B 663 -17.95 -17.57 -17.60
C THR B 663 -18.15 -16.06 -17.60
N THR B 664 -17.10 -15.34 -18.02
CA THR B 664 -17.21 -13.90 -18.17
C THR B 664 -18.17 -13.52 -19.29
N ARG B 665 -18.36 -14.42 -20.25
CA ARG B 665 -19.34 -14.19 -21.31
C ARG B 665 -20.76 -14.15 -20.75
N ASP B 666 -21.05 -15.01 -19.77
CA ASP B 666 -22.35 -14.97 -19.12
C ASP B 666 -22.54 -13.67 -18.35
N LEU B 667 -21.50 -13.19 -17.68
CA LEU B 667 -21.58 -11.91 -16.99
C LEU B 667 -21.82 -10.77 -17.96
N ASN B 668 -21.12 -10.80 -19.11
CA ASN B 668 -21.34 -9.77 -20.13
C ASN B 668 -22.74 -9.84 -20.69
N ARG B 669 -23.27 -11.05 -20.89
CA ARG B 669 -24.64 -11.20 -21.37
C ARG B 669 -25.64 -10.64 -20.37
N ILE B 670 -25.42 -10.89 -19.08
CA ILE B 670 -26.29 -10.34 -18.05
C ILE B 670 -26.22 -8.82 -18.05
N ASP B 671 -25.01 -8.26 -18.17
CA ASP B 671 -24.87 -6.81 -18.21
C ASP B 671 -25.57 -6.20 -19.42
N LEU B 672 -25.44 -6.84 -20.58
CA LEU B 672 -26.06 -6.33 -21.79
C LEU B 672 -27.58 -6.47 -21.75
N TYR B 673 -28.09 -7.53 -21.12
CA TYR B 673 -29.53 -7.65 -20.94
C TYR B 673 -30.06 -6.61 -19.97
N ALA B 674 -29.28 -6.32 -18.92
CA ALA B 674 -29.65 -5.25 -18.00
C ALA B 674 -29.72 -3.92 -18.73
N HIS B 675 -28.71 -3.63 -19.56
CA HIS B 675 -28.73 -2.41 -20.35
C HIS B 675 -29.92 -2.38 -21.30
N HIS B 676 -30.23 -3.52 -21.91
CA HIS B 676 -31.37 -3.60 -22.83
C HIS B 676 -32.69 -3.38 -22.11
N ARG B 677 -32.81 -3.92 -20.88
CA ARG B 677 -34.05 -3.84 -20.13
C ARG B 677 -34.24 -2.52 -19.41
N GLY B 678 -33.28 -1.60 -19.50
CA GLY B 678 -33.40 -0.31 -18.86
C GLY B 678 -32.79 -0.23 -17.48
N ILE B 679 -31.97 -1.20 -17.08
CA ILE B 679 -31.32 -1.13 -15.77
C ILE B 679 -30.37 0.06 -15.75
N LYS B 680 -30.48 0.87 -14.70
CA LYS B 680 -29.67 2.08 -14.63
C LYS B 680 -28.26 1.77 -14.12
N THR B 681 -28.16 1.02 -13.04
CA THR B 681 -26.86 0.72 -12.44
C THR B 681 -26.81 -0.75 -12.03
N ILE B 682 -25.60 -1.29 -12.01
CA ILE B 682 -25.33 -2.64 -11.51
C ILE B 682 -24.33 -2.51 -10.37
N TYR B 683 -24.67 -3.06 -9.21
CA TYR B 683 -23.87 -2.82 -8.00
C TYR B 683 -22.67 -3.77 -7.92
N TYR B 684 -22.93 -5.07 -7.77
CA TYR B 684 -21.87 -6.01 -7.46
C TYR B 684 -22.06 -7.28 -8.27
N ALA B 685 -20.93 -7.96 -8.50
CA ALA B 685 -20.92 -9.28 -9.10
C ALA B 685 -20.37 -10.23 -8.04
N ARG B 686 -21.27 -10.70 -7.17
CA ARG B 686 -20.89 -11.63 -6.11
C ARG B 686 -20.97 -13.05 -6.64
N THR B 687 -19.85 -13.76 -6.60
CA THR B 687 -19.77 -15.13 -7.10
C THR B 687 -19.80 -16.10 -5.94
N LYS B 688 -20.63 -17.13 -6.07
CA LYS B 688 -20.78 -18.13 -5.01
C LYS B 688 -19.56 -19.02 -4.91
N ASP C 37 38.65 -34.73 6.36
CA ASP C 37 39.59 -33.70 5.90
C ASP C 37 39.05 -32.78 4.81
N PHE C 38 37.84 -33.05 4.32
CA PHE C 38 37.35 -32.37 3.12
C PHE C 38 35.90 -31.83 3.17
N THR C 39 35.05 -32.40 4.03
CA THR C 39 33.63 -32.04 4.03
C THR C 39 33.39 -30.53 4.24
N GLN C 40 34.10 -29.94 5.21
CA GLN C 40 33.94 -28.50 5.50
C GLN C 40 34.22 -27.61 4.31
N MET C 41 35.29 -27.93 3.58
CA MET C 41 35.62 -27.15 2.38
C MET C 41 34.61 -27.37 1.24
N PHE C 42 34.05 -28.59 1.14
CA PHE C 42 32.95 -28.83 0.20
C PHE C 42 31.67 -28.13 0.61
N TYR C 43 31.39 -28.12 1.92
CA TYR C 43 30.24 -27.39 2.45
C TYR C 43 30.34 -25.91 2.05
N ASN C 44 31.49 -25.31 2.30
CA ASN C 44 31.71 -23.89 1.98
C ASN C 44 31.62 -23.62 0.48
N GLN C 45 32.21 -24.50 -0.33
CA GLN C 45 32.17 -24.37 -1.78
C GLN C 45 30.74 -24.49 -2.32
N ASN C 46 30.00 -25.48 -1.83
CA ASN C 46 28.62 -25.69 -2.27
C ASN C 46 27.72 -24.49 -1.96
N VAL C 47 27.78 -24.00 -0.71
CA VAL C 47 26.92 -22.88 -0.31
C VAL C 47 27.32 -21.55 -0.99
N LYS C 48 28.60 -21.39 -1.30
CA LYS C 48 29.06 -20.17 -1.98
C LYS C 48 28.73 -20.21 -3.48
N GLN C 49 28.41 -21.39 -3.99
CA GLN C 49 28.03 -21.53 -5.39
C GLN C 49 26.53 -21.40 -5.58
N PHE C 50 25.77 -21.17 -4.49
CA PHE C 50 24.31 -21.10 -4.58
C PHE C 50 23.80 -20.09 -5.61
N TRP C 51 22.83 -20.52 -6.42
CA TRP C 51 22.26 -19.68 -7.47
C TRP C 51 20.81 -20.08 -7.79
N LEU C 52 20.09 -19.20 -8.49
CA LEU C 52 18.75 -19.46 -9.00
C LEU C 52 18.67 -19.07 -10.48
N PRO C 53 17.95 -19.85 -11.30
CA PRO C 53 17.87 -19.55 -12.74
C PRO C 53 17.33 -18.14 -13.04
N GLU C 54 16.46 -17.64 -12.17
CA GLU C 54 15.87 -16.30 -12.32
C GLU C 54 16.91 -15.17 -12.30
N GLU C 55 18.12 -15.46 -11.82
CA GLU C 55 19.22 -14.49 -11.83
C GLU C 55 19.69 -14.18 -13.26
N ILE C 56 19.40 -15.10 -14.18
CA ILE C 56 19.80 -15.00 -15.59
C ILE C 56 18.56 -14.71 -16.45
N ALA C 57 18.55 -13.55 -17.10
CA ALA C 57 17.45 -13.21 -18.02
C ALA C 57 17.63 -13.97 -19.35
N LEU C 58 16.57 -14.59 -19.83
CA LEU C 58 16.69 -15.53 -20.95
C LEU C 58 16.20 -15.00 -22.29
N ASN C 59 15.51 -13.87 -22.26
CA ASN C 59 14.94 -13.29 -23.49
C ASN C 59 15.98 -12.91 -24.55
N GLY C 60 17.23 -12.76 -24.14
CA GLY C 60 18.36 -12.54 -25.05
C GLY C 60 18.67 -13.69 -26.00
N ASP C 61 18.33 -14.92 -25.62
CA ASP C 61 18.48 -16.09 -26.50
C ASP C 61 17.39 -16.23 -27.57
N LEU C 62 16.34 -15.42 -27.48
CA LEU C 62 15.16 -15.59 -28.36
C LEU C 62 15.48 -15.60 -29.84
N LEU C 63 16.38 -14.73 -30.27
CA LEU C 63 16.74 -14.64 -31.68
C LEU C 63 17.66 -15.74 -32.17
N THR C 64 18.74 -16.05 -31.45
CA THR C 64 19.61 -17.16 -31.86
C THR C 64 18.87 -18.51 -31.85
N TRP C 65 17.83 -18.63 -31.03
CA TRP C 65 16.98 -19.83 -31.01
C TRP C 65 16.10 -19.90 -32.25
N LYS C 66 15.41 -18.81 -32.52
CA LYS C 66 14.57 -18.66 -33.71
C LYS C 66 15.31 -19.05 -34.99
N TYR C 67 16.63 -18.79 -35.02
CA TYR C 67 17.48 -18.95 -36.20
C TYR C 67 18.01 -20.38 -36.43
N LEU C 68 17.88 -21.25 -35.43
CA LEU C 68 18.33 -22.63 -35.56
C LEU C 68 17.37 -23.42 -36.44
N GLY C 69 17.90 -24.42 -37.14
CA GLY C 69 17.06 -25.34 -37.91
C GLY C 69 16.14 -26.15 -37.02
N LYS C 70 15.08 -26.72 -37.60
CA LYS C 70 14.14 -27.55 -36.85
C LYS C 70 14.84 -28.77 -36.20
N ASN C 71 15.78 -29.37 -36.92
CA ASN C 71 16.60 -30.46 -36.40
C ASN C 71 17.39 -30.07 -35.15
N GLU C 72 17.98 -28.87 -35.21
CA GLU C 72 18.80 -28.37 -34.11
C GLU C 72 17.96 -28.08 -32.87
N GLN C 73 16.80 -27.46 -33.07
CA GLN C 73 15.88 -27.16 -31.97
C GLN C 73 15.36 -28.45 -31.33
N ASP C 74 15.04 -29.44 -32.16
CA ASP C 74 14.54 -30.73 -31.68
C ASP C 74 15.58 -31.41 -30.79
N THR C 75 16.82 -31.51 -31.27
CA THR C 75 17.90 -32.12 -30.52
C THR C 75 18.13 -31.36 -29.22
N TYR C 76 18.16 -30.03 -29.30
CA TYR C 76 18.36 -29.20 -28.12
C TYR C 76 17.29 -29.45 -27.03
N MET C 77 16.01 -29.45 -27.42
CA MET C 77 14.90 -29.68 -26.47
C MET C 77 15.03 -31.05 -25.81
N LYS C 78 15.38 -32.04 -26.61
CA LYS C 78 15.40 -33.42 -26.15
C LYS C 78 16.56 -33.64 -25.20
N VAL C 79 17.71 -33.08 -25.57
CA VAL C 79 18.92 -33.08 -24.75
C VAL C 79 18.65 -32.52 -23.34
N LEU C 80 18.02 -31.35 -23.27
CA LEU C 80 17.71 -30.72 -21.98
C LEU C 80 16.66 -31.52 -21.21
N ALA C 81 15.72 -32.14 -21.94
CA ALA C 81 14.70 -33.00 -21.30
C ALA C 81 15.33 -34.23 -20.65
N GLY C 82 16.32 -34.84 -21.32
CA GLY C 82 17.09 -35.94 -20.77
C GLY C 82 17.85 -35.55 -19.52
N LEU C 83 18.39 -34.33 -19.52
CA LEU C 83 19.05 -33.76 -18.35
C LEU C 83 18.06 -33.54 -17.22
N THR C 84 16.88 -33.01 -17.55
CA THR C 84 15.84 -32.76 -16.56
C THR C 84 15.46 -34.04 -15.84
N LEU C 85 15.34 -35.14 -16.58
CA LEU C 85 14.98 -36.43 -16.02
C LEU C 85 16.05 -36.90 -15.01
N LEU C 86 17.30 -36.86 -15.43
CA LEU C 86 18.43 -37.22 -14.56
C LEU C 86 18.46 -36.42 -13.25
N ASP C 87 18.33 -35.09 -13.34
CA ASP C 87 18.28 -34.23 -12.15
C ASP C 87 17.05 -34.44 -11.27
N THR C 88 15.91 -34.74 -11.90
CA THR C 88 14.70 -35.08 -11.17
C THR C 88 14.96 -36.28 -10.23
N GLU C 89 15.58 -37.32 -10.76
CA GLU C 89 15.83 -38.53 -9.98
C GLU C 89 17.01 -38.36 -9.01
N GLN C 90 18.01 -37.58 -9.41
CA GLN C 90 19.13 -37.28 -8.52
C GLN C 90 18.68 -36.47 -7.31
N GLY C 91 17.72 -35.57 -7.52
CA GLY C 91 17.17 -34.74 -6.45
C GLY C 91 16.13 -35.44 -5.60
N ASN C 92 15.20 -36.17 -6.24
CA ASN C 92 14.12 -36.87 -5.55
C ASN C 92 14.61 -38.09 -4.78
N THR C 93 15.63 -38.76 -5.33
CA THR C 93 15.96 -40.13 -4.88
C THR C 93 17.42 -40.29 -4.51
N GLY C 94 18.30 -40.02 -5.47
CA GLY C 94 19.74 -40.32 -5.35
C GLY C 94 20.42 -39.63 -4.19
N MET C 95 20.42 -38.30 -4.21
CA MET C 95 21.07 -37.55 -3.14
C MET C 95 20.44 -37.74 -1.75
N PRO C 96 19.09 -37.69 -1.62
CA PRO C 96 18.46 -37.94 -0.30
C PRO C 96 18.75 -39.33 0.27
N ILE C 97 18.72 -40.37 -0.57
CA ILE C 97 18.98 -41.72 -0.10
C ILE C 97 20.45 -41.93 0.35
N VAL C 98 21.40 -41.38 -0.41
CA VAL C 98 22.80 -41.39 0.01
C VAL C 98 22.98 -40.60 1.32
N ALA C 99 22.32 -39.44 1.41
CA ALA C 99 22.35 -38.64 2.65
C ALA C 99 21.89 -39.47 3.86
N GLU C 100 20.83 -40.27 3.66
CA GLU C 100 20.26 -41.09 4.73
C GLU C 100 21.27 -42.09 5.29
N HIS C 101 22.10 -42.65 4.41
CA HIS C 101 22.98 -43.75 4.80
C HIS C 101 24.40 -43.33 5.19
N VAL C 102 24.80 -42.11 4.86
CA VAL C 102 26.10 -41.57 5.21
C VAL C 102 26.07 -40.98 6.61
N ASP C 103 27.05 -41.36 7.43
CA ASP C 103 27.12 -40.90 8.83
C ASP C 103 27.83 -39.56 8.97
N GLY C 104 27.32 -38.73 9.89
CA GLY C 104 27.93 -37.44 10.22
C GLY C 104 27.09 -36.26 9.75
N HIS C 105 26.73 -35.38 10.69
CA HIS C 105 25.84 -34.25 10.41
C HIS C 105 26.34 -33.30 9.34
N GLN C 106 27.65 -33.11 9.28
CA GLN C 106 28.22 -32.23 8.25
C GLN C 106 28.19 -32.88 6.85
N ARG C 107 28.51 -34.18 6.79
CA ARG C 107 28.41 -34.92 5.53
C ARG C 107 26.97 -34.90 5.04
N LYS C 108 26.03 -35.11 5.96
CA LYS C 108 24.61 -35.06 5.61
C LYS C 108 24.16 -33.69 5.14
N ALA C 109 24.69 -32.64 5.74
CA ALA C 109 24.36 -31.26 5.33
C ALA C 109 24.80 -30.96 3.90
N VAL C 110 25.99 -31.44 3.52
CA VAL C 110 26.51 -31.28 2.16
C VAL C 110 25.62 -32.03 1.18
N LEU C 111 25.35 -33.30 1.49
CA LEU C 111 24.51 -34.12 0.62
C LEU C 111 23.08 -33.60 0.48
N ASN C 112 22.50 -33.12 1.58
CA ASN C 112 21.19 -32.45 1.54
C ASN C 112 21.17 -31.20 0.67
N PHE C 113 22.23 -30.38 0.78
CA PHE C 113 22.36 -29.20 -0.06
C PHE C 113 22.45 -29.57 -1.54
N MET C 114 23.29 -30.57 -1.86
CA MET C 114 23.41 -31.07 -3.24
C MET C 114 22.07 -31.58 -3.79
N ALA C 115 21.31 -32.32 -2.95
CA ALA C 115 19.96 -32.78 -3.31
C ALA C 115 19.01 -31.64 -3.67
N MET C 116 19.04 -30.58 -2.85
CA MET C 116 18.22 -29.41 -3.11
C MET C 116 18.58 -28.79 -4.46
N MET C 117 19.88 -28.65 -4.74
CA MET C 117 20.34 -28.09 -5.99
C MET C 117 19.79 -28.88 -7.19
N GLU C 118 19.83 -30.21 -7.09
CA GLU C 118 19.36 -31.09 -8.15
C GLU C 118 17.93 -30.80 -8.58
N ASN C 119 16.99 -30.82 -7.63
CA ASN C 119 15.59 -30.68 -8.00
C ASN C 119 14.96 -29.28 -7.84
N ALA C 120 15.45 -28.50 -6.89
CA ALA C 120 14.95 -27.14 -6.67
C ALA C 120 15.63 -26.11 -7.55
N VAL C 121 16.85 -26.40 -8.02
CA VAL C 121 17.57 -25.45 -8.87
C VAL C 121 17.82 -25.95 -10.29
N HIS C 122 18.50 -27.08 -10.43
CA HIS C 122 18.88 -27.61 -11.74
C HIS C 122 17.70 -28.03 -12.58
N ALA C 123 16.91 -28.97 -12.07
CA ALA C 123 15.77 -29.50 -12.82
C ALA C 123 14.82 -28.36 -13.22
N LYS C 124 14.61 -27.42 -12.30
CA LYS C 124 13.72 -26.27 -12.55
C LYS C 124 14.25 -25.30 -13.62
N SER C 125 15.56 -25.06 -13.64
CA SER C 125 16.18 -24.19 -14.63
C SER C 125 15.85 -24.61 -16.06
N TYR C 126 15.76 -25.91 -16.29
CA TYR C 126 15.44 -26.39 -17.64
C TYR C 126 14.06 -25.95 -18.07
N SER C 127 13.11 -25.92 -17.12
CA SER C 127 11.77 -25.43 -17.40
C SER C 127 11.78 -23.94 -17.69
N ASN C 128 12.66 -23.19 -17.04
CA ASN C 128 12.82 -21.76 -17.34
C ASN C 128 13.26 -21.59 -18.79
N ILE C 129 14.24 -22.40 -19.20
CA ILE C 129 14.70 -22.37 -20.59
C ILE C 129 13.56 -22.77 -21.54
N PHE C 130 12.90 -23.90 -21.28
CA PHE C 130 11.77 -24.35 -22.12
C PHE C 130 10.68 -23.30 -22.25
N MET C 131 10.31 -22.67 -21.13
CA MET C 131 9.19 -21.72 -21.11
C MET C 131 9.50 -20.44 -21.88
N THR C 132 10.77 -20.10 -21.98
CA THR C 132 11.23 -18.96 -22.76
C THR C 132 11.21 -19.25 -24.26
N LEU C 133 11.85 -20.36 -24.65
CA LEU C 133 12.10 -20.66 -26.06
C LEU C 133 10.97 -21.36 -26.82
N ALA C 134 10.18 -22.17 -26.11
CA ALA C 134 9.25 -23.07 -26.77
C ALA C 134 7.80 -22.84 -26.40
N PRO C 135 6.88 -23.09 -27.35
CA PRO C 135 5.45 -23.05 -27.05
C PRO C 135 5.04 -24.26 -26.23
N THR C 136 3.96 -24.13 -25.47
CA THR C 136 3.51 -25.16 -24.53
C THR C 136 3.39 -26.57 -25.13
N GLU C 137 2.93 -26.66 -26.39
CA GLU C 137 2.71 -27.95 -27.05
C GLU C 137 4.03 -28.70 -27.29
N THR C 138 5.06 -27.94 -27.64
CA THR C 138 6.39 -28.50 -27.85
C THR C 138 6.98 -28.95 -26.52
N ILE C 139 6.73 -28.17 -25.47
CA ILE C 139 7.13 -28.54 -24.11
C ILE C 139 6.42 -29.83 -23.67
N ASN C 140 5.09 -29.90 -23.83
CA ASN C 140 4.31 -31.09 -23.51
C ASN C 140 4.82 -32.33 -24.26
N GLU C 141 5.07 -32.17 -25.55
CA GLU C 141 5.57 -33.25 -26.41
C GLU C 141 6.93 -33.78 -25.96
N VAL C 142 7.85 -32.89 -25.59
CA VAL C 142 9.18 -33.37 -25.16
C VAL C 142 9.15 -34.13 -23.84
N PHE C 143 8.27 -33.73 -22.93
CA PHE C 143 8.12 -34.48 -21.67
C PHE C 143 7.44 -35.83 -21.89
N GLU C 144 6.52 -35.89 -22.86
CA GLU C 144 5.96 -37.17 -23.29
C GLU C 144 7.04 -38.05 -23.92
N TRP C 145 7.91 -37.42 -24.70
CA TRP C 145 9.03 -38.12 -25.34
C TRP C 145 10.02 -38.75 -24.33
N VAL C 146 10.30 -38.06 -23.22
CA VAL C 146 11.17 -38.71 -22.20
C VAL C 146 10.56 -40.00 -21.65
N LYS C 147 9.24 -40.00 -21.42
CA LYS C 147 8.55 -41.18 -20.87
C LYS C 147 8.65 -42.42 -21.75
N GLN C 148 8.70 -42.23 -23.07
CA GLN C 148 8.66 -43.34 -24.02
C GLN C 148 10.01 -43.65 -24.67
N ASN C 149 11.03 -42.84 -24.40
CA ASN C 149 12.36 -43.06 -24.97
C ASN C 149 13.06 -44.19 -24.24
N LYS C 150 13.44 -45.25 -24.97
CA LYS C 150 13.94 -46.48 -24.34
C LYS C 150 15.31 -46.37 -23.68
N TYR C 151 16.19 -45.53 -24.23
CA TYR C 151 17.52 -45.31 -23.67
C TYR C 151 17.49 -44.51 -22.38
N LEU C 152 16.62 -43.50 -22.34
CA LEU C 152 16.44 -42.68 -21.17
C LEU C 152 15.77 -43.48 -20.05
N GLN C 153 14.74 -44.27 -20.41
CA GLN C 153 14.15 -45.18 -19.42
C GLN C 153 15.12 -46.24 -18.90
N LYS C 154 15.91 -46.83 -19.79
CA LYS C 154 16.92 -47.80 -19.35
C LYS C 154 17.93 -47.19 -18.38
N LYS C 155 18.43 -45.99 -18.66
CA LYS C 155 19.47 -45.41 -17.79
C LYS C 155 18.91 -45.03 -16.44
N ALA C 156 17.69 -44.47 -16.43
CA ALA C 156 16.96 -44.22 -15.17
C ALA C 156 16.68 -45.50 -14.38
N GLN C 157 16.24 -46.56 -15.07
CA GLN C 157 15.98 -47.85 -14.42
C GLN C 157 17.22 -48.36 -13.70
N MET C 158 18.36 -48.27 -14.39
CA MET C 158 19.61 -48.80 -13.87
C MET C 158 20.14 -48.00 -12.69
N ILE C 159 20.10 -46.68 -12.82
CA ILE C 159 20.65 -45.82 -11.79
C ILE C 159 19.76 -45.84 -10.54
N VAL C 160 18.46 -45.65 -10.73
CA VAL C 160 17.51 -45.60 -9.62
C VAL C 160 17.40 -46.97 -8.95
N GLY C 161 17.57 -48.04 -9.73
CA GLY C 161 17.52 -49.38 -9.16
C GLY C 161 18.61 -49.56 -8.13
N LEU C 162 19.81 -49.10 -8.48
CA LEU C 162 20.93 -49.16 -7.54
C LEU C 162 20.71 -48.30 -6.29
N TYR C 163 20.16 -47.10 -6.46
CA TYR C 163 19.79 -46.26 -5.30
C TYR C 163 18.83 -46.97 -4.36
N LYS C 164 17.85 -47.63 -4.93
CA LYS C 164 16.81 -48.24 -4.12
C LYS C 164 17.23 -49.61 -3.55
N ALA C 165 18.36 -50.11 -4.01
CA ALA C 165 18.90 -51.35 -3.49
C ALA C 165 19.78 -51.16 -2.24
N ILE C 166 20.08 -49.91 -1.88
CA ILE C 166 20.90 -49.64 -0.69
C ILE C 166 20.23 -50.26 0.55
N GLN C 167 21.01 -51.00 1.33
CA GLN C 167 20.53 -51.60 2.56
C GLN C 167 21.20 -50.90 3.72
N LYS C 168 20.42 -50.60 4.75
CA LYS C 168 20.93 -49.94 5.94
C LYS C 168 22.12 -50.73 6.49
N ASP C 169 23.14 -50.01 6.93
CA ASP C 169 24.37 -50.61 7.49
C ASP C 169 25.11 -51.56 6.56
N ASP C 170 24.79 -51.52 5.27
CA ASP C 170 25.48 -52.36 4.30
C ASP C 170 26.25 -51.45 3.36
N GLU C 171 27.55 -51.36 3.63
CA GLU C 171 28.43 -50.42 2.96
C GLU C 171 28.65 -50.76 1.49
N ILE C 172 28.56 -52.05 1.14
CA ILE C 172 28.75 -52.48 -0.24
C ILE C 172 27.60 -52.00 -1.13
N SER C 173 26.36 -52.13 -0.68
CA SER C 173 25.23 -51.64 -1.47
C SER C 173 25.31 -50.12 -1.62
N LEU C 174 25.81 -49.45 -0.57
CA LEU C 174 25.99 -48.00 -0.59
C LEU C 174 27.05 -47.60 -1.61
N PHE C 175 28.20 -48.29 -1.59
CA PHE C 175 29.28 -48.07 -2.58
C PHE C 175 28.77 -48.17 -4.01
N LYS C 176 27.97 -49.20 -4.27
CA LYS C 176 27.43 -49.44 -5.62
C LYS C 176 26.55 -48.27 -6.07
N ALA C 177 25.70 -47.78 -5.16
CA ALA C 177 24.88 -46.61 -5.45
C ALA C 177 25.72 -45.32 -5.65
N MET C 178 26.80 -45.17 -4.88
CA MET C 178 27.70 -44.01 -5.04
C MET C 178 28.43 -44.05 -6.37
N VAL C 179 28.78 -45.25 -6.84
CA VAL C 179 29.39 -45.40 -8.16
C VAL C 179 28.38 -44.95 -9.23
N ALA C 180 27.14 -45.42 -9.07
CA ALA C 180 26.06 -45.04 -9.98
C ALA C 180 25.88 -43.51 -9.99
N SER C 181 25.87 -42.90 -8.81
CA SER C 181 25.77 -41.44 -8.68
C SER C 181 26.94 -40.71 -9.34
N VAL C 182 28.17 -41.14 -9.09
CA VAL C 182 29.31 -40.55 -9.80
C VAL C 182 29.15 -40.68 -11.31
N TYR C 183 28.72 -41.87 -11.79
CA TYR C 183 28.50 -42.05 -13.24
C TYR C 183 27.40 -41.13 -13.79
N LEU C 184 26.39 -40.86 -13.00
CA LEU C 184 25.35 -39.88 -13.38
C LEU C 184 25.93 -38.47 -13.40
N GLU C 185 26.69 -38.08 -12.36
CA GLU C 185 27.21 -36.71 -12.23
C GLU C 185 28.27 -36.36 -13.29
N SER C 186 29.18 -37.31 -13.51
CA SER C 186 30.44 -37.04 -14.18
C SER C 186 30.54 -37.67 -15.57
N PHE C 187 29.59 -38.53 -15.91
CA PHE C 187 29.57 -39.21 -17.21
C PHE C 187 28.24 -39.00 -17.96
N LEU C 188 27.14 -39.43 -17.37
CA LEU C 188 25.82 -39.46 -18.05
C LEU C 188 25.23 -38.09 -18.46
N PHE C 189 25.52 -37.05 -17.68
CA PHE C 189 25.04 -35.71 -18.02
C PHE C 189 25.68 -35.19 -19.31
N TYR C 190 26.83 -35.75 -19.68
CA TYR C 190 27.66 -35.09 -20.68
C TYR C 190 27.22 -35.23 -22.14
N SER C 191 26.44 -36.27 -22.44
CA SER C 191 25.83 -36.41 -23.76
C SER C 191 24.84 -35.26 -23.96
N GLY C 192 24.25 -34.80 -22.85
CA GLY C 192 23.36 -33.65 -22.81
C GLY C 192 24.09 -32.31 -22.80
N PHE C 193 25.06 -32.15 -21.90
CA PHE C 193 25.84 -30.89 -21.79
C PHE C 193 26.53 -30.48 -23.08
N TYR C 194 26.90 -31.45 -23.92
CA TYR C 194 27.67 -31.18 -25.14
C TYR C 194 27.04 -30.05 -25.97
N TYR C 195 25.74 -30.12 -26.17
CA TYR C 195 25.07 -29.28 -27.15
C TYR C 195 24.94 -27.81 -26.70
N PRO C 196 24.47 -27.56 -25.45
CA PRO C 196 24.51 -26.17 -24.96
C PRO C 196 25.92 -25.58 -24.96
N LEU C 197 26.93 -26.39 -24.64
CA LEU C 197 28.32 -25.94 -24.66
C LEU C 197 28.79 -25.64 -26.09
N TYR C 198 28.37 -26.49 -27.02
CA TYR C 198 28.72 -26.36 -28.43
C TYR C 198 28.18 -25.03 -28.97
N PHE C 199 26.95 -24.67 -28.60
CA PHE C 199 26.39 -23.37 -28.99
C PHE C 199 27.03 -22.18 -28.28
N TYR C 200 27.20 -22.28 -26.97
CA TYR C 200 27.85 -21.25 -26.16
C TYR C 200 29.20 -20.86 -26.77
N GLY C 201 29.96 -21.88 -27.16
CA GLY C 201 31.27 -21.70 -27.76
C GLY C 201 31.27 -20.99 -29.10
N GLN C 202 30.12 -20.94 -29.77
CA GLN C 202 29.96 -20.24 -31.05
C GLN C 202 29.27 -18.89 -30.86
N GLY C 203 29.01 -18.53 -29.60
CA GLY C 203 28.32 -17.28 -29.28
C GLY C 203 26.83 -17.36 -29.53
N LYS C 204 26.27 -18.55 -29.38
CA LYS C 204 24.84 -18.77 -29.60
C LYS C 204 24.19 -19.34 -28.34
N LEU C 205 22.95 -18.91 -28.08
CA LEU C 205 22.20 -19.32 -26.90
C LEU C 205 23.01 -19.14 -25.62
N MET C 206 23.56 -17.94 -25.45
CA MET C 206 24.53 -17.74 -24.40
C MET C 206 23.93 -17.58 -23.00
N GLN C 207 22.67 -17.18 -22.91
CA GLN C 207 22.00 -17.06 -21.61
C GLN C 207 21.64 -18.45 -21.05
N SER C 208 21.01 -19.27 -21.90
CA SER C 208 20.78 -20.69 -21.59
C SER C 208 22.10 -21.37 -21.27
N GLY C 209 23.12 -21.04 -22.06
CA GLY C 209 24.47 -21.59 -21.88
C GLY C 209 25.09 -21.23 -20.54
N GLU C 210 24.81 -20.00 -20.07
CA GLU C 210 25.27 -19.55 -18.77
C GLU C 210 24.65 -20.41 -17.65
N ILE C 211 23.36 -20.68 -17.76
CA ILE C 211 22.67 -21.58 -16.82
C ILE C 211 23.34 -22.97 -16.80
N ILE C 212 23.54 -23.52 -17.99
CA ILE C 212 24.14 -24.84 -18.14
C ILE C 212 25.56 -24.92 -17.53
N ASN C 213 26.36 -23.87 -17.73
CA ASN C 213 27.70 -23.80 -17.13
C ASN C 213 27.66 -23.78 -15.61
N LEU C 214 26.66 -23.12 -15.05
CA LEU C 214 26.47 -23.12 -13.60
C LEU C 214 26.08 -24.52 -13.10
N ILE C 215 25.17 -25.17 -13.81
CA ILE C 215 24.79 -26.56 -13.51
C ILE C 215 26.04 -27.45 -13.60
N LEU C 216 26.84 -27.29 -14.66
CA LEU C 216 28.02 -28.14 -14.85
C LEU C 216 29.06 -27.92 -13.75
N ARG C 217 29.28 -26.67 -13.38
CA ARG C 217 30.16 -26.32 -12.28
C ARG C 217 29.73 -27.05 -10.97
N ASP C 218 28.43 -27.07 -10.68
CA ASP C 218 27.88 -27.83 -9.54
C ASP C 218 28.14 -29.35 -9.67
N GLU C 219 27.81 -29.93 -10.83
CA GLU C 219 27.93 -31.39 -10.97
C GLU C 219 29.37 -31.85 -10.83
N ALA C 220 30.32 -31.04 -11.30
CA ALA C 220 31.74 -31.37 -11.18
C ALA C 220 32.14 -31.56 -9.70
N ILE C 221 31.72 -30.65 -8.83
CA ILE C 221 32.02 -30.78 -7.39
C ILE C 221 31.19 -31.88 -6.72
N HIS C 222 29.96 -32.09 -7.18
CA HIS C 222 29.12 -33.20 -6.69
C HIS C 222 29.76 -34.56 -6.99
N GLY C 223 30.26 -34.72 -8.21
CA GLY C 223 30.95 -35.96 -8.63
C GLY C 223 32.24 -36.22 -7.85
N VAL C 224 33.00 -35.18 -7.58
CA VAL C 224 34.21 -35.32 -6.78
C VAL C 224 33.87 -35.74 -5.35
N TYR C 225 32.92 -35.05 -4.73
CA TYR C 225 32.52 -35.33 -3.35
C TYR C 225 32.02 -36.76 -3.16
N VAL C 226 31.03 -37.16 -3.97
CA VAL C 226 30.51 -38.53 -3.90
C VAL C 226 31.61 -39.56 -4.21
N GLY C 227 32.47 -39.23 -5.16
CA GLY C 227 33.67 -40.05 -5.45
C GLY C 227 34.55 -40.29 -4.23
N LEU C 228 34.79 -39.24 -3.44
CA LEU C 228 35.59 -39.38 -2.23
C LEU C 228 34.91 -40.29 -1.18
N LEU C 229 33.60 -40.18 -1.05
CA LEU C 229 32.84 -41.07 -0.15
C LEU C 229 32.90 -42.53 -0.59
N ALA C 230 32.77 -42.75 -1.91
CA ALA C 230 32.90 -44.10 -2.47
C ALA C 230 34.28 -44.69 -2.20
N GLN C 231 35.33 -43.90 -2.41
CA GLN C 231 36.70 -44.36 -2.12
C GLN C 231 36.92 -44.73 -0.67
N GLU C 232 36.26 -44.02 0.25
CA GLU C 232 36.31 -44.35 1.67
C GLU C 232 35.85 -45.80 1.91
N ILE C 233 34.74 -46.17 1.28
CA ILE C 233 34.17 -47.50 1.45
C ILE C 233 35.04 -48.57 0.78
N TYR C 234 35.43 -48.29 -0.46
CA TYR C 234 36.35 -49.16 -1.21
C TYR C 234 37.65 -49.45 -0.42
N ASN C 235 38.21 -48.42 0.20
CA ASN C 235 39.47 -48.58 0.91
C ASN C 235 39.40 -49.44 2.17
N LYS C 236 38.19 -49.70 2.66
CA LYS C 236 37.97 -50.59 3.81
C LYS C 236 38.01 -52.07 3.45
N GLN C 237 37.98 -52.39 2.16
CA GLN C 237 37.80 -53.78 1.73
C GLN C 237 39.10 -54.57 1.63
N THR C 238 38.99 -55.90 1.66
CA THR C 238 40.11 -56.79 1.31
C THR C 238 40.49 -56.58 -0.16
N GLU C 239 41.68 -57.06 -0.54
CA GLU C 239 42.10 -56.97 -1.94
C GLU C 239 41.17 -57.74 -2.88
N GLU C 240 40.67 -58.89 -2.40
CA GLU C 240 39.73 -59.71 -3.15
C GLU C 240 38.41 -58.96 -3.39
N LYS C 241 37.89 -58.33 -2.34
CA LYS C 241 36.67 -57.54 -2.42
C LYS C 241 36.82 -56.33 -3.34
N LYS C 242 37.96 -55.64 -3.22
CA LYS C 242 38.31 -54.52 -4.10
C LYS C 242 38.29 -54.91 -5.57
N ALA C 243 38.88 -56.07 -5.87
CA ALA C 243 38.88 -56.61 -7.23
C ALA C 243 37.46 -56.80 -7.77
N GLU C 244 36.56 -57.28 -6.92
CA GLU C 244 35.14 -57.42 -7.30
C GLU C 244 34.45 -56.05 -7.51
N LEU C 245 34.77 -55.10 -6.66
CA LEU C 245 34.19 -53.75 -6.77
C LEU C 245 34.63 -53.02 -8.05
N ARG C 246 35.88 -53.21 -8.45
CA ARG C 246 36.39 -52.69 -9.72
C ARG C 246 35.65 -53.33 -10.88
N GLU C 247 35.44 -54.65 -10.80
CA GLU C 247 34.64 -55.36 -11.80
C GLU C 247 33.22 -54.78 -11.90
N PHE C 248 32.59 -54.58 -10.74
CA PHE C 248 31.26 -53.97 -10.71
C PHE C 248 31.28 -52.61 -11.41
N ALA C 249 32.26 -51.77 -11.06
CA ALA C 249 32.33 -50.39 -11.55
C ALA C 249 32.55 -50.35 -13.06
N ILE C 250 33.46 -51.20 -13.54
CA ILE C 250 33.77 -51.27 -14.97
C ILE C 250 32.64 -51.90 -15.79
N ASP C 251 32.06 -52.99 -15.28
CA ASP C 251 30.88 -53.59 -15.93
C ASP C 251 29.71 -52.60 -16.02
N LEU C 252 29.49 -51.86 -14.94
CA LEU C 252 28.40 -50.87 -14.93
C LEU C 252 28.69 -49.74 -15.92
N LEU C 253 29.94 -49.29 -15.92
CA LEU C 253 30.32 -48.21 -16.84
C LEU C 253 30.11 -48.62 -18.29
N ASN C 254 30.61 -49.82 -18.64
CA ASN C 254 30.43 -50.35 -20.01
C ASN C 254 28.95 -50.50 -20.40
N GLN C 255 28.13 -51.00 -19.48
CA GLN C 255 26.71 -51.14 -19.75
C GLN C 255 26.03 -49.78 -19.99
N LEU C 256 26.35 -48.80 -19.13
CA LEU C 256 25.83 -47.46 -19.29
C LEU C 256 26.36 -46.81 -20.59
N TYR C 257 27.64 -47.05 -20.85
CA TYR C 257 28.31 -46.50 -22.05
C TYR C 257 27.62 -46.98 -23.33
N GLU C 258 27.39 -48.29 -23.45
CA GLU C 258 26.76 -48.87 -24.64
C GLU C 258 25.37 -48.31 -24.87
N ASN C 259 24.61 -48.12 -23.80
CA ASN C 259 23.31 -47.48 -23.89
C ASN C 259 23.42 -46.00 -24.29
N GLU C 260 24.43 -45.31 -23.75
CA GLU C 260 24.62 -43.89 -24.05
C GLU C 260 25.01 -43.65 -25.52
N LEU C 261 25.76 -44.59 -26.09
CA LEU C 261 26.09 -44.56 -27.52
C LEU C 261 24.83 -44.53 -28.40
N GLU C 262 23.91 -45.44 -28.12
CA GLU C 262 22.64 -45.51 -28.85
C GLU C 262 21.80 -44.24 -28.65
N TYR C 263 21.73 -43.75 -27.42
CA TYR C 263 21.07 -42.49 -27.09
C TYR C 263 21.68 -41.33 -27.86
N THR C 264 23.01 -41.28 -27.88
CA THR C 264 23.73 -40.21 -28.56
C THR C 264 23.44 -40.21 -30.07
N GLU C 265 23.50 -41.39 -30.69
CA GLU C 265 23.19 -41.51 -32.11
C GLU C 265 21.77 -41.09 -32.41
N ASP C 266 20.84 -41.55 -31.56
CA ASP C 266 19.44 -41.21 -31.72
C ASP C 266 19.20 -39.68 -31.71
N LEU C 267 19.90 -38.96 -30.84
CA LEU C 267 19.73 -37.51 -30.74
C LEU C 267 20.53 -36.70 -31.74
N TYR C 268 21.79 -37.09 -31.94
CA TYR C 268 22.72 -36.25 -32.68
C TYR C 268 22.91 -36.54 -34.16
N ASP C 269 22.49 -37.71 -34.65
CA ASP C 269 22.62 -38.00 -36.09
C ASP C 269 21.94 -36.93 -36.95
N GLN C 270 20.79 -36.44 -36.51
CA GLN C 270 20.05 -35.42 -37.28
C GLN C 270 20.73 -34.04 -37.33
N VAL C 271 21.74 -33.83 -36.48
CA VAL C 271 22.52 -32.56 -36.48
C VAL C 271 24.00 -32.81 -36.84
N GLY C 272 24.33 -34.07 -37.14
CA GLY C 272 25.64 -34.44 -37.68
C GLY C 272 26.78 -34.50 -36.69
N LEU C 273 26.45 -34.67 -35.40
CA LEU C 273 27.46 -34.51 -34.34
C LEU C 273 27.76 -35.75 -33.50
N SER C 274 27.19 -36.90 -33.86
CA SER C 274 27.22 -38.07 -33.00
C SER C 274 28.64 -38.52 -32.63
N HIS C 275 29.53 -38.54 -33.63
CA HIS C 275 30.92 -38.97 -33.41
C HIS C 275 31.67 -38.04 -32.45
N ASP C 276 31.43 -36.74 -32.60
CA ASP C 276 32.03 -35.73 -31.74
C ASP C 276 31.57 -35.88 -30.29
N VAL C 277 30.26 -36.05 -30.09
CA VAL C 277 29.68 -36.25 -28.76
C VAL C 277 30.23 -37.52 -28.10
N LYS C 278 30.35 -38.58 -28.88
CA LYS C 278 30.92 -39.84 -28.39
C LYS C 278 32.33 -39.66 -27.81
N LYS C 279 33.15 -38.87 -28.48
CA LYS C 279 34.48 -38.56 -27.98
C LYS C 279 34.39 -37.84 -26.63
N PHE C 280 33.42 -36.92 -26.53
CA PHE C 280 33.21 -36.13 -25.31
C PHE C 280 32.78 -36.99 -24.12
N ILE C 281 31.86 -37.94 -24.35
CA ILE C 281 31.39 -38.80 -23.27
C ILE C 281 32.47 -39.77 -22.79
N ARG C 282 33.35 -40.21 -23.70
CA ARG C 282 34.49 -41.05 -23.32
C ARG C 282 35.47 -40.27 -22.44
N TYR C 283 35.75 -39.03 -22.84
CA TYR C 283 36.56 -38.10 -22.06
C TYR C 283 36.03 -37.98 -20.61
N ASN C 284 34.72 -37.75 -20.51
CA ASN C 284 34.10 -37.61 -19.20
C ASN C 284 33.95 -38.90 -18.41
N ALA C 285 33.77 -40.04 -19.10
CA ALA C 285 33.85 -41.35 -18.44
C ALA C 285 35.18 -41.54 -17.68
N ASN C 286 36.28 -41.14 -18.30
CA ASN C 286 37.60 -41.17 -17.64
C ASN C 286 37.67 -40.30 -16.38
N LYS C 287 37.01 -39.14 -16.42
CA LYS C 287 36.92 -38.24 -15.27
C LYS C 287 36.10 -38.87 -14.14
N ALA C 288 35.01 -39.55 -14.50
CA ALA C 288 34.20 -40.29 -13.52
C ALA C 288 35.03 -41.39 -12.85
N LEU C 289 35.75 -42.18 -13.65
CA LEU C 289 36.62 -43.21 -13.10
C LEU C 289 37.65 -42.60 -12.16
N MET C 290 38.25 -41.48 -12.57
CA MET C 290 39.23 -40.81 -11.72
C MET C 290 38.63 -40.31 -10.40
N ASN C 291 37.40 -39.81 -10.45
CA ASN C 291 36.67 -39.40 -9.24
C ASN C 291 36.48 -40.56 -8.26
N LEU C 292 36.47 -41.78 -8.80
CA LEU C 292 36.37 -43.02 -8.03
C LEU C 292 37.72 -43.64 -7.65
N GLY C 293 38.81 -42.96 -8.01
CA GLY C 293 40.17 -43.45 -7.72
C GLY C 293 40.66 -44.56 -8.65
N PHE C 294 40.07 -44.65 -9.84
CA PHE C 294 40.44 -45.67 -10.82
C PHE C 294 41.18 -45.04 -12.00
N ASP C 295 41.97 -45.86 -12.70
CA ASP C 295 42.68 -45.44 -13.90
C ASP C 295 41.72 -45.17 -15.07
N PRO C 296 42.08 -44.22 -15.96
CA PRO C 296 41.28 -43.98 -17.18
C PRO C 296 41.11 -45.26 -18.04
N TYR C 297 39.94 -45.41 -18.65
CA TYR C 297 39.58 -46.63 -19.39
C TYR C 297 39.61 -46.44 -20.91
N PHE C 298 39.33 -45.21 -21.36
CA PHE C 298 39.31 -44.91 -22.79
C PHE C 298 40.54 -44.13 -23.20
N GLU C 299 41.00 -44.32 -24.43
CA GLU C 299 42.16 -43.57 -24.92
C GLU C 299 41.78 -42.11 -25.19
N GLU C 300 42.75 -41.21 -25.01
CA GLU C 300 42.55 -39.77 -25.24
C GLU C 300 42.27 -39.44 -26.71
N GLU C 301 41.36 -38.51 -26.94
CA GLU C 301 40.99 -38.03 -28.29
C GLU C 301 40.83 -36.51 -28.29
N ASP C 302 40.96 -35.90 -29.47
CA ASP C 302 40.77 -34.45 -29.61
C ASP C 302 39.28 -34.11 -29.57
N ILE C 303 38.89 -33.31 -28.58
CA ILE C 303 37.52 -32.82 -28.44
C ILE C 303 37.33 -31.56 -29.28
N ASN C 304 36.12 -31.38 -29.84
CA ASN C 304 35.81 -30.18 -30.61
C ASN C 304 36.20 -28.92 -29.84
N PRO C 305 37.10 -28.08 -30.44
CA PRO C 305 37.58 -26.88 -29.72
C PRO C 305 36.48 -25.88 -29.42
N ILE C 306 35.38 -25.93 -30.17
CA ILE C 306 34.20 -25.12 -29.91
C ILE C 306 33.64 -25.42 -28.52
N VAL C 307 33.51 -26.70 -28.20
CA VAL C 307 33.02 -27.16 -26.90
C VAL C 307 33.96 -26.77 -25.76
N LEU C 308 35.27 -26.75 -26.04
CA LEU C 308 36.29 -26.32 -25.08
C LEU C 308 36.23 -24.82 -24.81
N ASN C 309 35.88 -24.04 -25.84
CA ASN C 309 35.56 -22.63 -25.67
C ASN C 309 34.22 -22.42 -24.96
N GLY C 310 33.34 -23.40 -25.04
CA GLY C 310 32.08 -23.40 -24.29
C GLY C 310 32.28 -23.50 -22.79
N LEU C 311 33.44 -24.01 -22.36
CA LEU C 311 33.79 -24.10 -20.95
C LEU C 311 34.45 -22.81 -20.44
N LYS C 330 22.79 -2.15 6.99
CA LYS C 330 23.00 -2.07 8.43
C LYS C 330 24.46 -1.74 8.76
N ALA C 331 24.66 -0.97 9.81
CA ALA C 331 25.99 -0.59 10.28
C ALA C 331 26.21 -1.12 11.70
N THR C 332 27.47 -1.35 12.04
CA THR C 332 27.82 -1.82 13.37
C THR C 332 27.37 -0.83 14.43
N VAL C 333 26.85 -1.37 15.53
CA VAL C 333 26.19 -0.57 16.56
C VAL C 333 26.96 -0.72 17.86
N GLU C 334 27.37 0.40 18.44
CA GLU C 334 27.90 0.40 19.80
C GLU C 334 27.00 1.24 20.70
N PRO C 335 26.84 0.85 21.96
CA PRO C 335 26.08 1.68 22.90
C PRO C 335 26.86 2.96 23.24
N LEU C 336 26.11 3.97 23.67
CA LEU C 336 26.68 5.25 24.04
C LEU C 336 27.18 5.21 25.48
N LYS C 337 28.45 5.54 25.67
CA LYS C 337 29.02 5.64 27.01
C LYS C 337 28.75 7.03 27.57
N ASP C 338 28.85 7.13 28.91
CA ASP C 338 28.67 8.41 29.57
C ASP C 338 29.78 9.40 29.22
N ASP C 339 30.92 8.92 28.73
CA ASP C 339 32.02 9.78 28.34
C ASP C 339 31.87 10.35 26.94
N ASP C 340 30.93 9.82 26.15
CA ASP C 340 30.67 10.35 24.81
C ASP C 340 29.79 11.60 24.84
N PHE C 341 29.26 11.97 26.00
CA PHE C 341 28.43 13.15 26.15
C PHE C 341 29.20 14.34 26.67
N TYR C 342 30.52 14.23 26.83
CA TYR C 342 31.35 15.29 27.36
C TYR C 342 32.56 15.47 26.48
N PHE C 343 32.95 16.73 26.27
CA PHE C 343 34.07 17.05 25.39
C PHE C 343 34.95 18.14 26.00
N ASP D 37 -2.38 -26.13 -6.16
CA ASP D 37 -2.73 -24.71 -6.15
C ASP D 37 -1.71 -23.82 -5.45
N PHE D 38 -0.70 -24.41 -4.82
CA PHE D 38 0.11 -23.65 -3.86
C PHE D 38 1.63 -23.88 -3.86
N THR D 39 2.09 -24.98 -4.43
CA THR D 39 3.51 -25.36 -4.33
C THR D 39 4.48 -24.37 -5.00
N GLN D 40 4.14 -23.88 -6.18
CA GLN D 40 5.02 -22.91 -6.84
C GLN D 40 5.11 -21.60 -6.06
N MET D 41 3.99 -21.13 -5.52
CA MET D 41 4.00 -19.97 -4.64
C MET D 41 4.91 -20.16 -3.40
N PHE D 42 4.83 -21.33 -2.78
CA PHE D 42 5.68 -21.60 -1.62
C PHE D 42 7.13 -21.78 -2.00
N TYR D 43 7.37 -22.35 -3.19
CA TYR D 43 8.71 -22.43 -3.74
C TYR D 43 9.34 -21.04 -3.76
N ASN D 44 8.61 -20.09 -4.34
CA ASN D 44 9.08 -18.72 -4.48
C ASN D 44 9.41 -18.08 -3.13
N GLN D 45 8.47 -18.17 -2.19
CA GLN D 45 8.65 -17.60 -0.86
C GLN D 45 9.82 -18.24 -0.11
N ASN D 46 9.98 -19.56 -0.24
CA ASN D 46 11.08 -20.26 0.39
C ASN D 46 12.45 -19.82 -0.12
N VAL D 47 12.62 -19.82 -1.44
CA VAL D 47 13.94 -19.53 -2.03
C VAL D 47 14.31 -18.05 -1.86
N LYS D 48 13.32 -17.18 -1.83
CA LYS D 48 13.63 -15.77 -1.63
C LYS D 48 13.97 -15.42 -0.16
N GLN D 49 13.70 -16.35 0.75
CA GLN D 49 14.05 -16.21 2.17
C GLN D 49 15.41 -16.82 2.48
N PHE D 50 16.15 -17.25 1.46
CA PHE D 50 17.42 -17.93 1.68
C PHE D 50 18.40 -17.01 2.40
N TRP D 51 19.13 -17.57 3.35
CA TRP D 51 20.11 -16.81 4.15
C TRP D 51 21.18 -17.77 4.65
N LEU D 52 22.28 -17.20 5.15
CA LEU D 52 23.40 -17.96 5.66
C LEU D 52 23.84 -17.42 7.02
N PRO D 53 24.33 -18.29 7.91
CA PRO D 53 24.77 -17.88 9.26
C PRO D 53 25.80 -16.74 9.26
N GLU D 54 26.79 -16.83 8.38
CA GLU D 54 27.88 -15.86 8.26
C GLU D 54 27.44 -14.40 8.10
N GLU D 55 26.21 -14.18 7.64
CA GLU D 55 25.68 -12.84 7.38
C GLU D 55 25.52 -12.00 8.65
N ILE D 56 25.24 -12.66 9.77
CA ILE D 56 25.10 -11.97 11.06
C ILE D 56 26.37 -12.17 11.89
N ALA D 57 27.03 -11.08 12.24
CA ALA D 57 28.18 -11.12 13.14
C ALA D 57 27.69 -11.32 14.58
N LEU D 58 28.21 -12.33 15.27
CA LEU D 58 27.70 -12.71 16.59
C LEU D 58 28.44 -12.12 17.80
N ASN D 59 29.70 -11.70 17.60
CA ASN D 59 30.57 -11.35 18.71
C ASN D 59 30.06 -10.23 19.63
N GLY D 60 29.32 -9.27 19.06
CA GLY D 60 28.76 -8.16 19.82
C GLY D 60 27.69 -8.51 20.85
N ASP D 61 27.26 -9.76 20.86
CA ASP D 61 26.33 -10.26 21.89
C ASP D 61 26.97 -10.39 23.26
N LEU D 62 28.28 -10.56 23.28
CA LEU D 62 29.03 -10.72 24.52
C LEU D 62 28.93 -9.48 25.41
N LEU D 63 28.58 -8.34 24.79
CA LEU D 63 28.41 -7.07 25.48
C LEU D 63 27.10 -6.97 26.28
N THR D 64 26.14 -7.86 26.00
CA THR D 64 24.94 -7.93 26.84
C THR D 64 24.85 -9.24 27.62
N TRP D 65 25.45 -10.29 27.05
CA TRP D 65 25.49 -11.62 27.68
C TRP D 65 26.15 -11.58 29.07
N LYS D 66 27.26 -10.85 29.17
CA LYS D 66 28.00 -10.67 30.41
C LYS D 66 27.19 -10.02 31.52
N TYR D 67 26.12 -9.32 31.16
CA TYR D 67 25.29 -8.63 32.16
C TYR D 67 24.06 -9.40 32.63
N LEU D 68 23.83 -10.59 32.07
CA LEU D 68 22.73 -11.42 32.52
C LEU D 68 23.11 -12.21 33.78
N GLY D 69 22.12 -12.45 34.65
CA GLY D 69 22.29 -13.32 35.81
C GLY D 69 22.51 -14.78 35.42
N LYS D 70 22.92 -15.58 36.40
CA LYS D 70 23.16 -17.00 36.18
C LYS D 70 21.91 -17.75 35.71
N ASN D 71 20.75 -17.44 36.33
CA ASN D 71 19.49 -18.08 35.95
C ASN D 71 19.09 -17.74 34.51
N GLU D 72 19.31 -16.48 34.11
CA GLU D 72 19.02 -16.05 32.74
C GLU D 72 19.91 -16.76 31.72
N GLN D 73 21.20 -16.87 32.06
CA GLN D 73 22.17 -17.54 31.19
C GLN D 73 21.85 -19.04 31.09
N ASP D 74 21.49 -19.63 32.24
CA ASP D 74 21.12 -21.04 32.33
C ASP D 74 19.87 -21.35 31.50
N THR D 75 18.83 -20.52 31.65
CA THR D 75 17.60 -20.73 30.89
C THR D 75 17.86 -20.61 29.39
N TYR D 76 18.55 -19.54 29.01
CA TYR D 76 18.91 -19.33 27.61
C TYR D 76 19.65 -20.54 27.00
N MET D 77 20.68 -21.01 27.69
CA MET D 77 21.45 -22.18 27.23
C MET D 77 20.55 -23.41 27.04
N LYS D 78 19.70 -23.67 28.04
CA LYS D 78 18.81 -24.83 28.03
C LYS D 78 17.77 -24.75 26.91
N VAL D 79 17.22 -23.55 26.71
CA VAL D 79 16.23 -23.31 25.64
C VAL D 79 16.89 -23.52 24.29
N LEU D 80 18.09 -22.95 24.14
CA LEU D 80 18.83 -23.03 22.90
C LEU D 80 19.12 -24.48 22.54
N ALA D 81 19.55 -25.27 23.53
CA ALA D 81 19.86 -26.69 23.32
C ALA D 81 18.59 -27.47 22.96
N GLY D 82 17.49 -27.12 23.59
CA GLY D 82 16.19 -27.70 23.27
C GLY D 82 15.83 -27.49 21.81
N LEU D 83 15.93 -26.25 21.34
CA LEU D 83 15.64 -25.92 19.94
C LEU D 83 16.59 -26.66 19.00
N THR D 84 17.86 -26.71 19.36
CA THR D 84 18.88 -27.35 18.53
C THR D 84 18.56 -28.84 18.34
N LEU D 85 18.30 -29.51 19.46
CA LEU D 85 18.00 -30.95 19.45
C LEU D 85 16.75 -31.27 18.64
N LEU D 86 15.66 -30.50 18.84
CA LEU D 86 14.45 -30.72 18.06
C LEU D 86 14.64 -30.45 16.56
N ASP D 87 15.40 -29.42 16.23
CA ASP D 87 15.59 -29.04 14.84
C ASP D 87 16.43 -30.07 14.07
N THR D 88 17.35 -30.73 14.77
CA THR D 88 18.16 -31.80 14.20
C THR D 88 17.29 -32.99 13.80
N GLU D 89 16.32 -33.34 14.64
CA GLU D 89 15.38 -34.39 14.28
C GLU D 89 14.63 -34.02 13.01
N GLN D 90 14.23 -32.75 12.90
CA GLN D 90 13.48 -32.29 11.73
C GLN D 90 14.33 -32.35 10.46
N GLY D 91 15.62 -32.00 10.57
CA GLY D 91 16.54 -32.07 9.44
C GLY D 91 16.94 -33.47 9.01
N ASN D 92 17.18 -34.34 9.98
CA ASN D 92 17.61 -35.70 9.66
C ASN D 92 16.48 -36.66 9.31
N THR D 93 15.29 -36.42 9.86
CA THR D 93 14.17 -37.35 9.70
C THR D 93 12.89 -36.68 9.20
N GLY D 94 12.39 -35.70 9.94
CA GLY D 94 11.10 -35.08 9.66
C GLY D 94 10.87 -34.61 8.24
N MET D 95 11.75 -33.75 7.75
CA MET D 95 11.58 -33.25 6.39
C MET D 95 11.94 -34.30 5.35
N PRO D 96 13.05 -35.02 5.53
CA PRO D 96 13.36 -36.01 4.48
C PRO D 96 12.35 -37.15 4.38
N ILE D 97 11.75 -37.55 5.49
CA ILE D 97 10.79 -38.66 5.45
C ILE D 97 9.51 -38.24 4.76
N VAL D 98 9.09 -36.99 4.97
CA VAL D 98 7.89 -36.46 4.31
C VAL D 98 8.15 -36.29 2.81
N ALA D 99 9.33 -35.76 2.46
CA ALA D 99 9.71 -35.63 1.05
C ALA D 99 9.70 -36.98 0.34
N GLU D 100 10.13 -38.03 1.05
CA GLU D 100 10.14 -39.38 0.49
C GLU D 100 8.74 -39.92 0.14
N HIS D 101 7.77 -39.70 1.02
CA HIS D 101 6.42 -40.28 0.83
C HIS D 101 5.42 -39.41 0.06
N VAL D 102 5.68 -38.11 -0.07
CA VAL D 102 4.81 -37.21 -0.82
C VAL D 102 5.05 -37.41 -2.34
N ASP D 103 3.97 -37.53 -3.10
CA ASP D 103 4.06 -37.61 -4.57
C ASP D 103 4.01 -36.23 -5.18
N GLY D 104 4.79 -36.03 -6.24
CA GLY D 104 4.82 -34.76 -6.96
C GLY D 104 6.24 -34.22 -6.99
N HIS D 105 6.77 -33.98 -8.19
CA HIS D 105 8.13 -33.46 -8.33
C HIS D 105 8.34 -32.11 -7.68
N GLN D 106 7.35 -31.22 -7.81
CA GLN D 106 7.52 -29.86 -7.33
C GLN D 106 7.46 -29.83 -5.81
N ARG D 107 6.58 -30.65 -5.23
CA ARG D 107 6.49 -30.78 -3.78
C ARG D 107 7.77 -31.35 -3.20
N LYS D 108 8.31 -32.39 -3.85
CA LYS D 108 9.58 -32.96 -3.40
C LYS D 108 10.71 -31.93 -3.42
N ALA D 109 10.69 -31.03 -4.40
CA ALA D 109 11.72 -30.00 -4.50
C ALA D 109 11.61 -28.98 -3.36
N VAL D 110 10.40 -28.54 -3.08
CA VAL D 110 10.16 -27.60 -1.97
C VAL D 110 10.57 -28.26 -0.65
N LEU D 111 10.09 -29.48 -0.42
CA LEU D 111 10.47 -30.23 0.78
C LEU D 111 11.98 -30.44 0.92
N ASN D 112 12.67 -30.74 -0.19
CA ASN D 112 14.15 -30.80 -0.20
C ASN D 112 14.79 -29.49 0.20
N PHE D 113 14.23 -28.38 -0.28
CA PHE D 113 14.74 -27.09 0.07
C PHE D 113 14.60 -26.82 1.58
N MET D 114 13.43 -27.16 2.13
CA MET D 114 13.21 -27.04 3.57
C MET D 114 14.16 -27.91 4.38
N ALA D 115 14.37 -29.17 3.95
CA ALA D 115 15.34 -30.06 4.63
C ALA D 115 16.74 -29.47 4.59
N MET D 116 17.13 -28.91 3.45
CA MET D 116 18.42 -28.22 3.31
C MET D 116 18.57 -27.09 4.36
N MET D 117 17.54 -26.27 4.51
CA MET D 117 17.57 -25.15 5.47
C MET D 117 17.78 -25.65 6.91
N GLU D 118 17.14 -26.77 7.26
CA GLU D 118 17.31 -27.36 8.59
C GLU D 118 18.76 -27.77 8.84
N ASN D 119 19.33 -28.50 7.88
CA ASN D 119 20.65 -29.14 8.04
C ASN D 119 21.86 -28.24 7.74
N ALA D 120 21.70 -27.40 6.72
CA ALA D 120 22.80 -26.57 6.24
C ALA D 120 22.81 -25.17 6.83
N VAL D 121 21.64 -24.67 7.22
CA VAL D 121 21.55 -23.28 7.66
C VAL D 121 21.21 -23.17 9.15
N HIS D 122 20.06 -23.73 9.53
CA HIS D 122 19.61 -23.67 10.93
C HIS D 122 20.59 -24.34 11.88
N ALA D 123 21.04 -25.55 11.55
CA ALA D 123 21.92 -26.30 12.46
C ALA D 123 23.26 -25.59 12.69
N LYS D 124 23.81 -25.01 11.62
CA LYS D 124 25.05 -24.26 11.71
C LYS D 124 24.84 -22.97 12.52
N SER D 125 23.66 -22.37 12.38
CA SER D 125 23.32 -21.13 13.08
C SER D 125 23.24 -21.32 14.59
N TYR D 126 22.60 -22.42 15.01
CA TYR D 126 22.50 -22.76 16.44
C TYR D 126 23.88 -23.04 17.02
N SER D 127 24.70 -23.79 16.28
CA SER D 127 26.07 -24.09 16.70
C SER D 127 26.89 -22.81 16.88
N ASN D 128 26.82 -21.90 15.90
CA ASN D 128 27.46 -20.58 15.96
C ASN D 128 27.08 -19.76 17.18
N ILE D 129 25.78 -19.71 17.48
CA ILE D 129 25.32 -19.01 18.69
C ILE D 129 25.96 -19.61 19.96
N PHE D 130 25.90 -20.93 20.08
CA PHE D 130 26.50 -21.62 21.22
C PHE D 130 28.00 -21.33 21.39
N MET D 131 28.77 -21.51 20.30
CA MET D 131 30.21 -21.31 20.32
C MET D 131 30.60 -19.89 20.68
N THR D 132 29.73 -18.93 20.37
CA THR D 132 29.98 -17.53 20.71
C THR D 132 29.78 -17.25 22.21
N LEU D 133 28.73 -17.83 22.80
CA LEU D 133 28.32 -17.51 24.17
C LEU D 133 28.94 -18.40 25.25
N ALA D 134 29.23 -19.65 24.94
CA ALA D 134 29.76 -20.56 25.97
C ALA D 134 31.07 -21.22 25.55
N PRO D 135 31.95 -21.53 26.52
CA PRO D 135 33.14 -22.34 26.18
C PRO D 135 32.76 -23.79 25.90
N THR D 136 33.64 -24.51 25.20
CA THR D 136 33.36 -25.88 24.74
C THR D 136 32.82 -26.80 25.84
N GLU D 137 33.45 -26.77 27.02
CA GLU D 137 33.05 -27.63 28.14
C GLU D 137 31.63 -27.34 28.61
N THR D 138 31.23 -26.07 28.65
CA THR D 138 29.88 -25.67 29.03
C THR D 138 28.83 -26.14 28.02
N ILE D 139 29.15 -26.06 26.73
CA ILE D 139 28.26 -26.53 25.67
C ILE D 139 28.00 -28.04 25.82
N ASN D 140 29.07 -28.82 25.99
CA ASN D 140 28.96 -30.27 26.18
C ASN D 140 28.09 -30.66 27.39
N GLU D 141 28.21 -29.91 28.49
CA GLU D 141 27.44 -30.18 29.70
C GLU D 141 25.95 -29.84 29.56
N VAL D 142 25.64 -28.70 28.93
CA VAL D 142 24.27 -28.29 28.67
C VAL D 142 23.56 -29.33 27.78
N PHE D 143 24.25 -29.80 26.75
CA PHE D 143 23.68 -30.82 25.87
C PHE D 143 23.50 -32.17 26.55
N GLU D 144 24.43 -32.52 27.43
CA GLU D 144 24.28 -33.70 28.28
C GLU D 144 23.01 -33.59 29.17
N TRP D 145 22.80 -32.43 29.78
CA TRP D 145 21.65 -32.17 30.64
C TRP D 145 20.34 -32.22 29.86
N VAL D 146 20.28 -31.47 28.77
CA VAL D 146 19.06 -31.38 27.97
C VAL D 146 18.75 -32.73 27.30
N LYS D 147 19.80 -33.48 26.96
CA LYS D 147 19.65 -34.83 26.41
C LYS D 147 19.00 -35.81 27.40
N GLN D 148 19.22 -35.59 28.69
CA GLN D 148 18.64 -36.43 29.74
C GLN D 148 17.30 -35.90 30.28
N ASN D 149 17.00 -34.63 29.97
CA ASN D 149 15.80 -33.97 30.46
C ASN D 149 14.49 -34.66 30.05
N LYS D 150 13.65 -34.95 31.04
CA LYS D 150 12.43 -35.71 30.84
C LYS D 150 11.41 -35.06 29.88
N TYR D 151 11.23 -33.74 29.99
CA TYR D 151 10.20 -33.04 29.20
C TYR D 151 10.64 -32.81 27.76
N LEU D 152 11.92 -32.50 27.56
CA LEU D 152 12.47 -32.39 26.21
C LEU D 152 12.42 -33.75 25.52
N GLN D 153 12.90 -34.80 26.18
CA GLN D 153 12.83 -36.17 25.62
C GLN D 153 11.41 -36.63 25.30
N LYS D 154 10.47 -36.37 26.20
CA LYS D 154 9.10 -36.82 25.95
C LYS D 154 8.59 -36.29 24.60
N LYS D 155 8.66 -34.97 24.40
CA LYS D 155 8.20 -34.40 23.14
C LYS D 155 9.06 -34.83 21.95
N ALA D 156 10.39 -34.85 22.09
CA ALA D 156 11.25 -35.25 20.96
C ALA D 156 10.90 -36.67 20.48
N GLN D 157 10.75 -37.61 21.42
CA GLN D 157 10.47 -38.99 21.06
C GLN D 157 9.03 -39.21 20.55
N MET D 158 8.07 -38.45 21.06
CA MET D 158 6.70 -38.51 20.54
C MET D 158 6.63 -38.16 19.05
N ILE D 159 7.33 -37.09 18.68
CA ILE D 159 7.36 -36.62 17.29
C ILE D 159 8.07 -37.65 16.40
N VAL D 160 9.26 -38.09 16.82
CA VAL D 160 10.09 -39.05 16.10
C VAL D 160 9.36 -40.38 15.92
N GLY D 161 8.61 -40.79 16.94
CA GLY D 161 7.80 -42.01 16.89
C GLY D 161 6.81 -41.99 15.72
N LEU D 162 6.14 -40.85 15.52
CA LEU D 162 5.20 -40.71 14.41
C LEU D 162 5.88 -40.71 13.04
N TYR D 163 7.07 -40.11 12.94
CA TYR D 163 7.86 -40.18 11.69
C TYR D 163 8.29 -41.60 11.36
N LYS D 164 8.69 -42.36 12.38
CA LYS D 164 9.09 -43.75 12.19
C LYS D 164 7.94 -44.70 11.82
N ALA D 165 6.70 -44.27 12.09
CA ALA D 165 5.52 -45.10 11.85
C ALA D 165 4.88 -44.92 10.47
N ILE D 166 5.42 -44.02 9.65
CA ILE D 166 4.93 -43.84 8.28
C ILE D 166 5.15 -45.14 7.49
N GLN D 167 4.11 -45.60 6.81
CA GLN D 167 4.21 -46.78 5.97
C GLN D 167 4.07 -46.40 4.50
N LYS D 168 4.86 -47.06 3.64
CA LYS D 168 4.77 -46.86 2.20
C LYS D 168 3.34 -46.98 1.70
N ASP D 169 2.92 -46.05 0.85
CA ASP D 169 1.57 -46.02 0.26
C ASP D 169 0.41 -45.98 1.26
N ASP D 170 0.67 -45.52 2.48
CA ASP D 170 -0.42 -45.35 3.44
C ASP D 170 -0.51 -43.88 3.82
N GLU D 171 -1.51 -43.21 3.25
CA GLU D 171 -1.69 -41.77 3.42
C GLU D 171 -2.17 -41.38 4.82
N ILE D 172 -2.78 -42.32 5.56
CA ILE D 172 -3.20 -42.05 6.93
C ILE D 172 -1.99 -41.87 7.85
N SER D 173 -1.03 -42.78 7.74
CA SER D 173 0.20 -42.69 8.53
C SER D 173 1.04 -41.47 8.12
N LEU D 174 0.99 -41.12 6.84
CA LEU D 174 1.68 -39.91 6.37
C LEU D 174 1.04 -38.68 7.00
N PHE D 175 -0.29 -38.63 7.00
CA PHE D 175 -1.02 -37.50 7.57
C PHE D 175 -0.66 -37.30 9.06
N LYS D 176 -0.64 -38.40 9.81
CA LYS D 176 -0.29 -38.36 11.23
C LYS D 176 1.10 -37.78 11.47
N ALA D 177 2.04 -38.18 10.62
CA ALA D 177 3.39 -37.62 10.67
C ALA D 177 3.42 -36.14 10.31
N MET D 178 2.56 -35.74 9.36
CA MET D 178 2.50 -34.32 8.94
C MET D 178 1.95 -33.46 10.07
N VAL D 179 0.97 -34.01 10.78
CA VAL D 179 0.43 -33.35 11.97
C VAL D 179 1.51 -33.14 13.01
N ALA D 180 2.29 -34.21 13.27
CA ALA D 180 3.44 -34.13 14.17
C ALA D 180 4.43 -33.05 13.71
N SER D 181 4.72 -33.03 12.40
CA SER D 181 5.63 -32.03 11.84
C SER D 181 5.12 -30.60 12.02
N VAL D 182 3.85 -30.38 11.69
CA VAL D 182 3.24 -29.06 11.90
C VAL D 182 3.28 -28.65 13.37
N TYR D 183 3.00 -29.61 14.27
CA TYR D 183 3.07 -29.32 15.69
C TYR D 183 4.48 -28.91 16.11
N LEU D 184 5.50 -29.52 15.52
CA LEU D 184 6.87 -29.14 15.86
C LEU D 184 7.17 -27.73 15.31
N GLU D 185 6.95 -27.54 14.01
CA GLU D 185 7.24 -26.27 13.33
C GLU D 185 6.48 -25.06 13.88
N SER D 186 5.21 -25.26 14.19
CA SER D 186 4.30 -24.15 14.48
C SER D 186 3.90 -24.05 15.95
N PHE D 187 4.41 -24.94 16.80
CA PHE D 187 3.92 -24.98 18.18
C PHE D 187 5.03 -25.32 19.17
N LEU D 188 5.65 -26.49 19.04
CA LEU D 188 6.65 -26.96 20.02
C LEU D 188 7.91 -26.08 20.14
N PHE D 189 8.35 -25.49 19.02
CA PHE D 189 9.49 -24.58 19.03
C PHE D 189 9.24 -23.32 19.87
N TYR D 190 7.98 -22.95 20.05
CA TYR D 190 7.69 -21.60 20.57
C TYR D 190 7.88 -21.40 22.08
N SER D 191 7.80 -22.47 22.87
CA SER D 191 8.19 -22.39 24.27
C SER D 191 9.68 -22.02 24.36
N GLY D 192 10.43 -22.40 23.34
CA GLY D 192 11.85 -22.07 23.23
C GLY D 192 12.11 -20.70 22.63
N PHE D 193 11.49 -20.41 21.49
CA PHE D 193 11.65 -19.10 20.82
C PHE D 193 11.33 -17.93 21.74
N TYR D 194 10.44 -18.15 22.71
CA TYR D 194 9.99 -17.09 23.61
C TYR D 194 11.17 -16.29 24.18
N TYR D 195 12.17 -17.00 24.69
CA TYR D 195 13.22 -16.34 25.45
C TYR D 195 14.12 -15.45 24.57
N PRO D 196 14.67 -15.98 23.45
CA PRO D 196 15.43 -15.10 22.54
C PRO D 196 14.62 -13.91 22.05
N LEU D 197 13.33 -14.11 21.77
CA LEU D 197 12.45 -13.00 21.36
C LEU D 197 12.25 -11.98 22.48
N TYR D 198 12.14 -12.48 23.72
CA TYR D 198 12.04 -11.65 24.93
C TYR D 198 13.27 -10.76 25.09
N PHE D 199 14.47 -11.34 24.95
CA PHE D 199 15.68 -10.53 24.97
C PHE D 199 15.77 -9.55 23.80
N TYR D 200 15.48 -10.06 22.60
CA TYR D 200 15.51 -9.30 21.35
C TYR D 200 14.61 -8.07 21.43
N GLY D 201 13.43 -8.24 22.04
CA GLY D 201 12.50 -7.13 22.25
C GLY D 201 12.94 -6.10 23.28
N GLN D 202 13.95 -6.45 24.09
CA GLN D 202 14.52 -5.57 25.12
C GLN D 202 15.84 -4.92 24.73
N GLY D 203 16.37 -5.29 23.57
CA GLY D 203 17.68 -4.78 23.13
C GLY D 203 18.86 -5.62 23.59
N LYS D 204 18.58 -6.81 24.12
CA LYS D 204 19.62 -7.73 24.57
C LYS D 204 19.83 -8.87 23.59
N LEU D 205 21.08 -9.34 23.48
CA LEU D 205 21.45 -10.44 22.56
C LEU D 205 20.79 -10.28 21.18
N MET D 206 21.02 -9.12 20.59
CA MET D 206 20.42 -8.71 19.32
C MET D 206 20.88 -9.50 18.10
N GLN D 207 22.15 -9.91 18.08
CA GLN D 207 22.71 -10.65 16.94
C GLN D 207 22.14 -12.07 16.89
N SER D 208 22.16 -12.76 18.02
CA SER D 208 21.59 -14.11 18.08
C SER D 208 20.07 -14.06 17.96
N GLY D 209 19.46 -12.99 18.47
CA GLY D 209 18.01 -12.77 18.32
C GLY D 209 17.58 -12.55 16.88
N GLU D 210 18.43 -11.87 16.10
CA GLU D 210 18.18 -11.71 14.67
C GLU D 210 18.24 -13.07 13.97
N ILE D 211 19.26 -13.86 14.29
CA ILE D 211 19.36 -15.22 13.76
C ILE D 211 18.12 -16.04 14.11
N ILE D 212 17.69 -15.98 15.38
CA ILE D 212 16.54 -16.77 15.81
C ILE D 212 15.27 -16.35 15.06
N ASN D 213 15.13 -15.05 14.84
CA ASN D 213 14.00 -14.52 14.10
C ASN D 213 13.94 -15.02 12.64
N LEU D 214 15.12 -15.21 12.04
CA LEU D 214 15.19 -15.73 10.68
C LEU D 214 14.82 -17.21 10.65
N ILE D 215 15.32 -17.94 11.65
CA ILE D 215 15.00 -19.35 11.80
C ILE D 215 13.49 -19.50 11.99
N LEU D 216 12.94 -18.73 12.93
CA LEU D 216 11.52 -18.81 13.24
C LEU D 216 10.68 -18.52 12.00
N ARG D 217 11.09 -17.52 11.22
CA ARG D 217 10.39 -17.17 9.97
C ARG D 217 10.39 -18.35 8.97
N ASP D 218 11.50 -19.09 8.87
CA ASP D 218 11.53 -20.33 8.09
C ASP D 218 10.58 -21.40 8.67
N GLU D 219 10.61 -21.63 9.98
CA GLU D 219 9.74 -22.68 10.57
C GLU D 219 8.25 -22.36 10.37
N ALA D 220 7.90 -21.08 10.43
CA ALA D 220 6.52 -20.64 10.17
C ALA D 220 6.02 -21.08 8.80
N ILE D 221 6.77 -20.74 7.75
CA ILE D 221 6.42 -21.19 6.41
C ILE D 221 6.49 -22.73 6.24
N HIS D 222 7.44 -23.39 6.89
CA HIS D 222 7.49 -24.86 6.87
C HIS D 222 6.19 -25.44 7.41
N GLY D 223 5.76 -24.95 8.58
CA GLY D 223 4.51 -25.36 9.22
C GLY D 223 3.28 -25.14 8.34
N VAL D 224 3.18 -23.97 7.71
CA VAL D 224 2.06 -23.67 6.81
C VAL D 224 2.02 -24.61 5.60
N TYR D 225 3.19 -24.85 5.01
CA TYR D 225 3.30 -25.71 3.82
C TYR D 225 2.94 -27.17 4.13
N VAL D 226 3.57 -27.74 5.15
CA VAL D 226 3.26 -29.11 5.55
C VAL D 226 1.79 -29.22 5.94
N GLY D 227 1.26 -28.17 6.57
CA GLY D 227 -0.18 -28.09 6.90
C GLY D 227 -1.10 -28.24 5.70
N LEU D 228 -0.72 -27.59 4.60
CA LEU D 228 -1.51 -27.68 3.36
C LEU D 228 -1.46 -29.10 2.78
N LEU D 229 -0.28 -29.73 2.84
CA LEU D 229 -0.15 -31.14 2.41
C LEU D 229 -0.97 -32.10 3.26
N ALA D 230 -1.07 -31.83 4.57
CA ALA D 230 -1.92 -32.62 5.46
C ALA D 230 -3.41 -32.45 5.15
N GLN D 231 -3.83 -31.21 4.93
CA GLN D 231 -5.23 -30.91 4.56
C GLN D 231 -5.64 -31.61 3.26
N GLU D 232 -4.73 -31.66 2.29
CA GLU D 232 -4.96 -32.41 1.06
C GLU D 232 -5.31 -33.88 1.32
N ILE D 233 -4.56 -34.52 2.22
CA ILE D 233 -4.87 -35.92 2.60
C ILE D 233 -6.20 -35.99 3.36
N TYR D 234 -6.36 -35.12 4.35
CA TYR D 234 -7.58 -35.06 5.16
C TYR D 234 -8.83 -34.94 4.28
N ASN D 235 -8.77 -34.09 3.26
CA ASN D 235 -9.92 -33.83 2.38
C ASN D 235 -10.26 -34.98 1.44
N LYS D 236 -9.36 -35.96 1.34
CA LYS D 236 -9.61 -37.14 0.53
C LYS D 236 -10.33 -38.24 1.32
N GLN D 237 -10.57 -37.98 2.61
CA GLN D 237 -11.13 -39.00 3.50
C GLN D 237 -12.64 -38.90 3.64
N THR D 238 -13.26 -40.01 4.07
CA THR D 238 -14.68 -40.03 4.41
C THR D 238 -14.96 -39.17 5.63
N GLU D 239 -16.24 -38.94 5.93
CA GLU D 239 -16.62 -38.15 7.09
C GLU D 239 -16.25 -38.83 8.41
N GLU D 240 -16.42 -40.14 8.47
CA GLU D 240 -16.06 -40.90 9.68
C GLU D 240 -14.54 -40.89 9.89
N LYS D 241 -13.80 -41.06 8.79
CA LYS D 241 -12.33 -41.05 8.85
C LYS D 241 -11.80 -39.66 9.22
N LYS D 242 -12.46 -38.60 8.71
CA LYS D 242 -12.12 -37.23 9.07
C LYS D 242 -12.28 -37.00 10.58
N ALA D 243 -13.44 -37.38 11.13
CA ALA D 243 -13.71 -37.25 12.56
C ALA D 243 -12.64 -37.98 13.41
N GLU D 244 -12.18 -39.11 12.89
CA GLU D 244 -11.16 -39.93 13.53
C GLU D 244 -9.77 -39.26 13.48
N LEU D 245 -9.46 -38.64 12.34
CA LEU D 245 -8.23 -37.86 12.20
C LEU D 245 -8.24 -36.59 13.05
N ARG D 246 -9.40 -35.95 13.20
CA ARG D 246 -9.55 -34.80 14.08
C ARG D 246 -9.30 -35.19 15.54
N GLU D 247 -9.88 -36.31 15.95
CA GLU D 247 -9.66 -36.83 17.30
C GLU D 247 -8.18 -37.12 17.53
N PHE D 248 -7.52 -37.74 16.55
CA PHE D 248 -6.07 -37.98 16.61
C PHE D 248 -5.30 -36.68 16.86
N ALA D 249 -5.59 -35.66 16.05
CA ALA D 249 -4.88 -34.37 16.10
C ALA D 249 -5.07 -33.67 17.45
N ILE D 250 -6.31 -33.66 17.95
CA ILE D 250 -6.62 -33.01 19.23
C ILE D 250 -5.99 -33.78 20.40
N ASP D 251 -6.07 -35.11 20.35
CA ASP D 251 -5.47 -35.96 21.37
C ASP D 251 -3.94 -35.75 21.42
N LEU D 252 -3.30 -35.77 20.26
CA LEU D 252 -1.87 -35.49 20.18
C LEU D 252 -1.53 -34.10 20.72
N LEU D 253 -2.32 -33.10 20.32
CA LEU D 253 -2.10 -31.72 20.79
C LEU D 253 -2.17 -31.66 22.31
N ASN D 254 -3.20 -32.29 22.90
CA ASN D 254 -3.36 -32.36 24.35
C ASN D 254 -2.15 -32.97 25.07
N GLN D 255 -1.64 -34.08 24.55
CA GLN D 255 -0.48 -34.74 25.16
C GLN D 255 0.72 -33.81 25.13
N LEU D 256 0.98 -33.22 23.96
CA LEU D 256 2.12 -32.31 23.79
C LEU D 256 1.95 -31.06 24.64
N TYR D 257 0.73 -30.53 24.69
CA TYR D 257 0.46 -29.32 25.47
C TYR D 257 0.70 -29.53 26.97
N GLU D 258 0.24 -30.65 27.51
CA GLU D 258 0.42 -30.91 28.93
C GLU D 258 1.90 -31.06 29.30
N ASN D 259 2.67 -31.70 28.43
CA ASN D 259 4.12 -31.77 28.59
C ASN D 259 4.82 -30.40 28.42
N GLU D 260 4.33 -29.56 27.50
CA GLU D 260 4.85 -28.18 27.33
C GLU D 260 4.68 -27.34 28.59
N LEU D 261 3.57 -27.51 29.29
CA LEU D 261 3.34 -26.78 30.53
C LEU D 261 4.40 -27.15 31.56
N GLU D 262 4.68 -28.45 31.66
CA GLU D 262 5.73 -28.93 32.58
C GLU D 262 7.12 -28.48 32.14
N TYR D 263 7.40 -28.59 30.84
CA TYR D 263 8.66 -28.11 30.25
C TYR D 263 8.86 -26.63 30.57
N THR D 264 7.78 -25.86 30.44
CA THR D 264 7.79 -24.42 30.64
C THR D 264 8.13 -24.06 32.09
N GLU D 265 7.43 -24.66 33.05
CA GLU D 265 7.71 -24.40 34.46
C GLU D 265 9.13 -24.78 34.82
N ASP D 266 9.59 -25.91 34.29
CA ASP D 266 10.94 -26.43 34.54
C ASP D 266 12.05 -25.42 34.15
N LEU D 267 11.83 -24.68 33.06
CA LEU D 267 12.83 -23.75 32.53
C LEU D 267 12.64 -22.30 32.97
N TYR D 268 11.38 -21.86 33.03
CA TYR D 268 11.05 -20.44 33.18
C TYR D 268 10.65 -19.95 34.58
N ASP D 269 10.28 -20.87 35.48
CA ASP D 269 10.00 -20.43 36.87
C ASP D 269 11.19 -19.69 37.50
N GLN D 270 12.42 -20.14 37.23
CA GLN D 270 13.62 -19.51 37.81
C GLN D 270 13.87 -18.08 37.33
N VAL D 271 13.23 -17.70 36.23
CA VAL D 271 13.31 -16.32 35.74
C VAL D 271 11.95 -15.61 35.73
N GLY D 272 10.95 -16.25 36.36
CA GLY D 272 9.63 -15.63 36.60
C GLY D 272 8.71 -15.37 35.41
N LEU D 273 8.88 -16.15 34.34
CA LEU D 273 8.20 -15.84 33.09
C LEU D 273 7.11 -16.83 32.66
N SER D 274 6.93 -17.91 33.41
CA SER D 274 6.12 -19.06 32.97
C SER D 274 4.68 -18.71 32.57
N HIS D 275 4.02 -17.85 33.35
CA HIS D 275 2.65 -17.41 33.03
C HIS D 275 2.53 -16.86 31.59
N ASP D 276 3.43 -15.95 31.23
CA ASP D 276 3.43 -15.35 29.91
C ASP D 276 3.83 -16.32 28.81
N VAL D 277 4.78 -17.21 29.12
CA VAL D 277 5.20 -18.24 28.14
C VAL D 277 4.03 -19.17 27.81
N LYS D 278 3.25 -19.54 28.82
CA LYS D 278 2.06 -20.38 28.63
C LYS D 278 1.04 -19.75 27.67
N LYS D 279 0.81 -18.43 27.79
CA LYS D 279 -0.06 -17.73 26.84
C LYS D 279 0.47 -17.83 25.41
N PHE D 280 1.79 -17.73 25.25
CA PHE D 280 2.47 -17.82 23.95
C PHE D 280 2.40 -19.21 23.32
N ILE D 281 2.53 -20.24 24.14
CA ILE D 281 2.32 -21.62 23.70
C ILE D 281 0.90 -21.84 23.14
N ARG D 282 -0.13 -21.37 23.84
CA ARG D 282 -1.53 -21.58 23.42
C ARG D 282 -1.85 -20.83 22.13
N TYR D 283 -1.35 -19.60 22.05
CA TYR D 283 -1.48 -18.77 20.85
C TYR D 283 -0.85 -19.48 19.63
N ASN D 284 0.31 -20.10 19.81
CA ASN D 284 0.97 -20.80 18.72
C ASN D 284 0.35 -22.17 18.42
N ALA D 285 -0.18 -22.84 19.45
CA ALA D 285 -0.99 -24.05 19.25
C ALA D 285 -2.19 -23.78 18.32
N ASN D 286 -2.87 -22.66 18.54
CA ASN D 286 -3.98 -22.23 17.68
C ASN D 286 -3.54 -21.99 16.22
N LYS D 287 -2.35 -21.41 16.03
CA LYS D 287 -1.81 -21.22 14.68
C LYS D 287 -1.54 -22.57 14.00
N ALA D 288 -0.98 -23.51 14.74
CA ALA D 288 -0.71 -24.87 14.25
C ALA D 288 -2.00 -25.58 13.82
N LEU D 289 -3.03 -25.47 14.63
CA LEU D 289 -4.34 -26.01 14.28
C LEU D 289 -4.88 -25.36 13.02
N MET D 290 -4.79 -24.04 12.93
CA MET D 290 -5.26 -23.36 11.73
C MET D 290 -4.49 -23.79 10.48
N ASN D 291 -3.17 -24.02 10.61
CA ASN D 291 -2.36 -24.60 9.52
C ASN D 291 -2.88 -25.96 9.01
N LEU D 292 -3.50 -26.72 9.91
CA LEU D 292 -4.07 -28.02 9.58
C LEU D 292 -5.56 -27.93 9.21
N GLY D 293 -6.04 -26.69 9.03
CA GLY D 293 -7.42 -26.45 8.66
C GLY D 293 -8.43 -26.70 9.76
N PHE D 294 -7.95 -26.74 11.01
CA PHE D 294 -8.81 -26.98 12.18
C PHE D 294 -9.13 -25.69 12.94
N ASP D 295 -10.20 -25.71 13.73
CA ASP D 295 -10.58 -24.57 14.57
C ASP D 295 -9.59 -24.37 15.73
N PRO D 296 -9.46 -23.12 16.21
CA PRO D 296 -8.60 -22.91 17.38
C PRO D 296 -9.14 -23.66 18.60
N TYR D 297 -8.23 -24.17 19.43
CA TYR D 297 -8.62 -24.96 20.60
C TYR D 297 -8.74 -24.07 21.85
N PHE D 298 -7.88 -23.06 21.91
CA PHE D 298 -7.75 -22.20 23.09
C PHE D 298 -8.38 -20.82 22.84
N GLU D 299 -8.92 -20.22 23.89
CA GLU D 299 -9.43 -18.85 23.83
C GLU D 299 -8.30 -17.88 23.47
N GLU D 300 -8.67 -16.79 22.79
CA GLU D 300 -7.71 -15.76 22.39
C GLU D 300 -7.16 -15.04 23.63
N GLU D 301 -5.85 -14.85 23.64
CA GLU D 301 -5.17 -14.15 24.72
C GLU D 301 -4.21 -13.14 24.13
N ASP D 302 -3.93 -12.07 24.87
CA ASP D 302 -2.93 -11.10 24.44
C ASP D 302 -1.55 -11.65 24.78
N ILE D 303 -0.55 -11.26 24.00
CA ILE D 303 0.81 -11.74 24.24
C ILE D 303 1.71 -10.67 24.86
N ASN D 304 2.70 -11.10 25.63
CA ASN D 304 3.68 -10.20 26.22
C ASN D 304 4.21 -9.18 25.18
N PRO D 305 4.10 -7.88 25.47
CA PRO D 305 4.47 -6.85 24.49
C PRO D 305 5.95 -6.80 24.15
N ILE D 306 6.82 -7.26 25.04
CA ILE D 306 8.24 -7.31 24.78
C ILE D 306 8.54 -8.38 23.73
N VAL D 307 7.97 -9.56 23.92
CA VAL D 307 8.03 -10.62 22.92
C VAL D 307 7.40 -10.19 21.60
N LEU D 308 6.27 -9.49 21.64
CA LEU D 308 5.68 -8.92 20.42
C LEU D 308 6.63 -7.98 19.68
N ASN D 309 7.33 -7.13 20.44
CA ASN D 309 8.30 -6.23 19.84
C ASN D 309 9.47 -6.99 19.19
N GLY D 310 9.83 -8.12 19.80
CA GLY D 310 10.82 -9.03 19.21
C GLY D 310 10.31 -9.64 17.92
N LEU D 311 9.07 -10.15 17.94
CA LEU D 311 8.45 -10.79 16.79
C LEU D 311 8.28 -9.86 15.59
N LYS D 330 -10.69 -16.05 -10.60
CA LYS D 330 -10.47 -16.05 -12.03
C LYS D 330 -11.50 -16.92 -12.76
N ALA D 331 -12.60 -16.31 -13.17
CA ALA D 331 -13.59 -17.00 -13.98
C ALA D 331 -13.07 -17.23 -15.39
N THR D 332 -13.63 -18.23 -16.07
CA THR D 332 -13.19 -18.61 -17.40
C THR D 332 -13.51 -17.47 -18.36
N VAL D 333 -12.47 -16.95 -19.02
CA VAL D 333 -12.64 -15.87 -19.99
C VAL D 333 -13.17 -16.47 -21.29
N GLU D 334 -14.38 -16.08 -21.68
CA GLU D 334 -14.98 -16.55 -22.91
C GLU D 334 -15.35 -15.36 -23.78
N PRO D 335 -14.86 -15.25 -25.01
CA PRO D 335 -15.12 -14.05 -25.81
C PRO D 335 -16.59 -13.90 -26.15
N LEU D 336 -17.02 -12.65 -26.29
CA LEU D 336 -18.37 -12.36 -26.76
C LEU D 336 -18.52 -12.77 -28.21
N LYS D 337 -19.56 -13.56 -28.48
CA LYS D 337 -19.74 -14.21 -29.77
C LYS D 337 -20.71 -13.47 -30.68
N ASP D 338 -21.11 -12.24 -30.32
CA ASP D 338 -22.17 -11.50 -31.00
C ASP D 338 -23.49 -12.23 -30.82
N ASP D 339 -24.60 -11.54 -31.10
CA ASP D 339 -25.95 -12.02 -30.81
C ASP D 339 -26.16 -12.13 -29.30
N ASP D 340 -25.13 -11.80 -28.54
CA ASP D 340 -25.25 -11.55 -27.11
C ASP D 340 -25.66 -10.11 -26.83
N PHE D 341 -25.67 -9.28 -27.88
CA PHE D 341 -26.10 -7.88 -27.78
C PHE D 341 -27.56 -7.73 -28.20
N TYR D 342 -28.22 -8.82 -28.59
CA TYR D 342 -29.58 -8.77 -29.09
C TYR D 342 -30.45 -9.72 -28.27
N PHE D 343 -31.69 -9.30 -28.02
CA PHE D 343 -32.58 -10.05 -27.14
C PHE D 343 -33.99 -10.09 -27.71
N VAL E 19 -48.25 -47.82 -6.02
CA VAL E 19 -46.93 -47.45 -5.50
C VAL E 19 -46.28 -46.47 -6.44
N VAL E 20 -45.93 -45.29 -5.90
CA VAL E 20 -45.35 -44.18 -6.65
C VAL E 20 -44.04 -43.75 -6.02
N LEU E 21 -42.98 -43.63 -6.82
CA LEU E 21 -41.72 -42.99 -6.43
C LEU E 21 -41.73 -41.55 -6.95
N ALA E 22 -41.92 -40.59 -6.05
CA ALA E 22 -41.90 -39.17 -6.36
C ALA E 22 -40.51 -38.58 -6.12
N ASP E 23 -39.90 -38.00 -7.17
CA ASP E 23 -38.61 -37.34 -7.14
C ASP E 23 -38.77 -35.81 -7.16
N PHE E 24 -38.43 -35.19 -6.03
CA PHE E 24 -38.34 -33.75 -5.87
C PHE E 24 -36.94 -33.31 -6.27
N TRP E 25 -36.85 -32.55 -7.36
CA TRP E 25 -35.59 -32.21 -8.00
C TRP E 25 -35.57 -30.75 -8.45
N ALA E 26 -34.41 -30.26 -8.89
CA ALA E 26 -34.29 -28.97 -9.56
C ALA E 26 -33.22 -29.01 -10.68
N PRO E 27 -33.29 -28.13 -11.70
CA PRO E 27 -32.35 -28.13 -12.83
C PRO E 27 -30.91 -27.77 -12.45
N TRP E 28 -30.72 -27.02 -11.38
CA TRP E 28 -29.41 -26.60 -10.87
C TRP E 28 -28.77 -27.63 -9.93
N CYS E 29 -29.53 -28.60 -9.44
CA CYS E 29 -29.07 -29.59 -8.47
C CYS E 29 -28.22 -30.68 -9.16
N GLY E 30 -26.91 -30.70 -8.88
CA GLY E 30 -25.98 -31.71 -9.40
C GLY E 30 -26.39 -33.15 -9.07
N PRO E 31 -26.64 -33.50 -7.79
CA PRO E 31 -27.11 -34.83 -7.42
C PRO E 31 -28.43 -35.25 -8.09
N CYS E 32 -29.33 -34.30 -8.34
CA CYS E 32 -30.58 -34.55 -9.06
C CYS E 32 -30.34 -34.94 -10.53
N LYS E 33 -29.29 -34.40 -11.17
CA LYS E 33 -28.89 -34.83 -12.52
C LYS E 33 -28.32 -36.24 -12.51
N MET E 34 -27.63 -36.64 -11.43
CA MET E 34 -27.08 -37.99 -11.30
C MET E 34 -28.18 -39.04 -11.09
N ILE E 35 -29.27 -38.69 -10.41
CA ILE E 35 -30.37 -39.63 -10.13
C ILE E 35 -31.29 -39.84 -11.35
N ALA E 36 -31.34 -38.88 -12.28
CA ALA E 36 -32.18 -38.97 -13.48
C ALA E 36 -32.01 -40.27 -14.29
N PRO E 37 -30.79 -40.68 -14.71
CA PRO E 37 -30.60 -41.95 -15.43
C PRO E 37 -30.94 -43.18 -14.58
N VAL E 38 -30.74 -43.12 -13.26
CA VAL E 38 -31.08 -44.21 -12.34
C VAL E 38 -32.60 -44.44 -12.33
N LEU E 39 -33.39 -43.38 -12.34
CA LEU E 39 -34.85 -43.46 -12.41
C LEU E 39 -35.34 -43.97 -13.77
N GLU E 40 -34.65 -43.65 -14.87
CA GLU E 40 -34.97 -44.18 -16.20
C GLU E 40 -34.74 -45.69 -16.29
N GLU E 41 -33.63 -46.19 -15.75
CA GLU E 41 -33.38 -47.63 -15.65
C GLU E 41 -34.42 -48.32 -14.74
N LEU E 42 -34.75 -47.69 -13.61
CA LEU E 42 -35.75 -48.22 -12.70
C LEU E 42 -37.13 -48.32 -13.35
N ASP E 43 -37.51 -47.33 -14.17
CA ASP E 43 -38.76 -47.39 -14.93
C ASP E 43 -38.77 -48.52 -15.96
N GLN E 44 -37.63 -48.80 -16.60
CA GLN E 44 -37.53 -49.91 -17.56
C GLN E 44 -37.69 -51.27 -16.89
N GLU E 45 -37.16 -51.44 -15.67
CA GLU E 45 -37.18 -52.71 -14.95
C GLU E 45 -38.47 -52.93 -14.14
N MET E 46 -39.05 -51.86 -13.60
CA MET E 46 -40.13 -51.94 -12.61
C MET E 46 -41.38 -51.14 -12.98
N GLY E 47 -41.39 -50.48 -14.15
CA GLY E 47 -42.44 -49.55 -14.56
C GLY E 47 -43.85 -50.14 -14.73
N ASP E 48 -44.01 -51.47 -14.62
CA ASP E 48 -45.32 -52.16 -14.60
C ASP E 48 -45.94 -52.19 -13.20
N LYS E 49 -45.13 -52.04 -12.15
CA LYS E 49 -45.56 -52.10 -10.73
C LYS E 49 -45.31 -50.79 -9.98
N LEU E 50 -44.43 -49.96 -10.51
CA LEU E 50 -44.01 -48.69 -9.94
C LEU E 50 -44.29 -47.58 -10.94
N LYS E 51 -44.94 -46.51 -10.48
CA LYS E 51 -45.01 -45.26 -11.21
C LYS E 51 -43.92 -44.33 -10.71
N ILE E 52 -43.18 -43.69 -11.60
CA ILE E 52 -42.19 -42.68 -11.23
C ILE E 52 -42.73 -41.31 -11.62
N VAL E 53 -42.78 -40.41 -10.65
CA VAL E 53 -43.24 -39.03 -10.80
C VAL E 53 -42.10 -38.09 -10.48
N LYS E 54 -41.79 -37.12 -11.34
CA LYS E 54 -40.81 -36.06 -11.07
C LYS E 54 -41.53 -34.73 -10.89
N ILE E 55 -41.13 -33.96 -9.88
CA ILE E 55 -41.66 -32.62 -9.62
C ILE E 55 -40.51 -31.64 -9.41
N ASP E 56 -40.48 -30.58 -10.22
CA ASP E 56 -39.47 -29.53 -10.13
C ASP E 56 -39.83 -28.56 -8.99
N VAL E 57 -39.01 -28.52 -7.94
CA VAL E 57 -39.26 -27.68 -6.76
C VAL E 57 -39.09 -26.19 -7.02
N ASP E 58 -38.42 -25.80 -8.11
CA ASP E 58 -38.29 -24.40 -8.50
C ASP E 58 -39.58 -23.85 -9.13
N GLU E 59 -40.41 -24.72 -9.70
CA GLU E 59 -41.68 -24.35 -10.34
C GLU E 59 -42.90 -24.75 -9.52
N ASN E 60 -42.73 -25.64 -8.53
CA ASN E 60 -43.80 -26.26 -7.76
C ASN E 60 -43.49 -26.24 -6.25
N GLN E 61 -43.35 -25.04 -5.71
CA GLN E 61 -42.98 -24.83 -4.31
C GLN E 61 -44.07 -25.28 -3.33
N GLU E 62 -45.36 -25.26 -3.71
CA GLU E 62 -46.45 -25.59 -2.80
C GLU E 62 -46.42 -27.08 -2.41
N THR E 63 -46.22 -27.97 -3.38
CA THR E 63 -46.11 -29.41 -3.13
C THR E 63 -44.85 -29.72 -2.33
N ALA E 64 -43.71 -29.15 -2.69
CA ALA E 64 -42.48 -29.33 -1.93
C ALA E 64 -42.65 -28.89 -0.47
N GLY E 65 -43.34 -27.76 -0.24
CA GLY E 65 -43.69 -27.28 1.09
C GLY E 65 -44.67 -28.21 1.83
N LYS E 66 -45.71 -28.71 1.16
CA LYS E 66 -46.72 -29.64 1.72
C LYS E 66 -46.08 -30.91 2.26
N TYR E 67 -45.12 -31.47 1.54
CA TYR E 67 -44.39 -32.67 1.95
C TYR E 67 -43.14 -32.36 2.80
N GLY E 68 -42.91 -31.08 3.15
CA GLY E 68 -41.81 -30.66 4.02
C GLY E 68 -40.43 -30.90 3.42
N VAL E 69 -40.32 -30.98 2.11
CA VAL E 69 -39.03 -31.16 1.45
C VAL E 69 -38.18 -29.90 1.73
N MET E 70 -36.93 -30.06 2.17
CA MET E 70 -35.99 -28.96 2.48
C MET E 70 -34.58 -29.24 1.93
N SER E 71 -34.49 -30.20 1.01
CA SER E 71 -33.29 -30.63 0.28
C SER E 71 -33.71 -31.50 -0.90
N ILE E 72 -32.83 -31.63 -1.88
CA ILE E 72 -33.01 -32.31 -3.14
C ILE E 72 -31.72 -33.05 -3.56
N PRO E 73 -31.83 -34.22 -4.21
CA PRO E 73 -33.07 -34.92 -4.49
C PRO E 73 -33.67 -35.48 -3.20
N THR E 74 -34.99 -35.37 -3.08
CA THR E 74 -35.77 -36.09 -2.07
C THR E 74 -36.72 -37.01 -2.80
N LEU E 75 -36.63 -38.29 -2.48
CA LEU E 75 -37.48 -39.34 -3.02
C LEU E 75 -38.51 -39.74 -1.98
N LEU E 76 -39.78 -39.60 -2.31
CA LEU E 76 -40.89 -40.10 -1.51
C LEU E 76 -41.46 -41.35 -2.15
N VAL E 77 -41.58 -42.44 -1.37
CA VAL E 77 -42.42 -43.57 -1.77
C VAL E 77 -43.80 -43.30 -1.22
N LEU E 78 -44.77 -43.19 -2.12
CA LEU E 78 -46.17 -43.07 -1.79
C LEU E 78 -46.88 -44.39 -2.11
N LYS E 79 -47.81 -44.79 -1.26
CA LYS E 79 -48.73 -45.90 -1.50
C LYS E 79 -50.15 -45.40 -1.29
N ASP E 80 -50.96 -45.46 -2.34
CA ASP E 80 -52.36 -45.03 -2.32
C ASP E 80 -52.54 -43.60 -1.74
N GLY E 81 -51.63 -42.69 -2.12
CA GLY E 81 -51.63 -41.29 -1.68
C GLY E 81 -50.88 -40.98 -0.38
N GLU E 82 -50.54 -41.98 0.44
CA GLU E 82 -49.79 -41.77 1.70
C GLU E 82 -48.29 -42.00 1.55
N VAL E 83 -47.47 -41.14 2.16
CA VAL E 83 -46.01 -41.30 2.18
C VAL E 83 -45.63 -42.41 3.16
N VAL E 84 -45.06 -43.49 2.63
CA VAL E 84 -44.65 -44.67 3.42
C VAL E 84 -43.15 -44.74 3.68
N GLU E 85 -42.33 -44.12 2.82
CA GLU E 85 -40.88 -44.03 3.01
C GLU E 85 -40.33 -42.74 2.39
N THR E 86 -39.25 -42.21 2.96
CA THR E 86 -38.58 -40.99 2.48
C THR E 86 -37.09 -41.25 2.42
N SER E 87 -36.47 -40.92 1.29
CA SER E 87 -35.04 -41.03 1.07
C SER E 87 -34.49 -39.71 0.57
N VAL E 88 -33.44 -39.21 1.22
CA VAL E 88 -32.79 -37.94 0.87
C VAL E 88 -31.41 -38.21 0.29
N GLY E 89 -31.04 -37.42 -0.71
CA GLY E 89 -29.75 -37.51 -1.40
C GLY E 89 -29.75 -38.55 -2.51
N PHE E 90 -28.59 -38.70 -3.15
CA PHE E 90 -28.44 -39.65 -4.24
C PHE E 90 -28.53 -41.10 -3.73
N LYS E 91 -29.16 -41.96 -4.52
CA LYS E 91 -29.24 -43.40 -4.26
C LYS E 91 -28.98 -44.17 -5.56
N PRO E 92 -28.17 -45.25 -5.51
CA PRO E 92 -28.00 -46.15 -6.64
C PRO E 92 -29.29 -46.95 -6.89
N LYS E 93 -29.39 -47.56 -8.07
CA LYS E 93 -30.58 -48.29 -8.51
C LYS E 93 -30.99 -49.38 -7.53
N GLU E 94 -30.04 -50.19 -7.08
CA GLU E 94 -30.29 -51.33 -6.20
C GLU E 94 -30.90 -50.88 -4.87
N ALA E 95 -30.43 -49.75 -4.33
CA ALA E 95 -30.99 -49.18 -3.11
C ALA E 95 -32.42 -48.65 -3.31
N LEU E 96 -32.72 -48.07 -4.47
CA LEU E 96 -34.08 -47.64 -4.82
C LEU E 96 -35.03 -48.81 -5.03
N GLN E 97 -34.54 -49.89 -5.66
CA GLN E 97 -35.30 -51.13 -5.80
C GLN E 97 -35.64 -51.73 -4.45
N GLU E 98 -34.67 -51.83 -3.54
CA GLU E 98 -34.92 -52.30 -2.17
C GLU E 98 -35.94 -51.42 -1.45
N LEU E 99 -35.83 -50.10 -1.59
CA LEU E 99 -36.73 -49.14 -0.97
C LEU E 99 -38.17 -49.29 -1.46
N VAL E 100 -38.37 -49.46 -2.78
CA VAL E 100 -39.69 -49.63 -3.38
C VAL E 100 -40.27 -51.03 -3.14
N ASN E 101 -39.45 -52.08 -3.26
CA ASN E 101 -39.90 -53.47 -3.14
C ASN E 101 -40.52 -53.80 -1.77
N LYS E 102 -40.17 -53.04 -0.73
CA LYS E 102 -40.81 -53.15 0.59
C LYS E 102 -42.31 -52.84 0.59
N HIS E 103 -42.78 -52.10 -0.42
CA HIS E 103 -44.14 -51.55 -0.47
C HIS E 103 -45.00 -52.04 -1.64
N LEU E 104 -44.44 -52.88 -2.51
CA LEU E 104 -45.14 -53.50 -3.65
C LEU E 104 -46.15 -54.59 -3.23
PG ATP F . 35.61 34.88 -30.72
O1G ATP F . 35.93 35.58 -32.01
O2G ATP F . 35.53 35.83 -29.52
O3G ATP F . 34.33 34.04 -30.78
PB ATP F . 37.99 33.70 -29.34
O1B ATP F . 39.07 34.65 -29.65
O2B ATP F . 37.43 33.77 -27.93
O3B ATP F . 36.76 33.84 -30.34
PA ATP F . 37.84 30.74 -29.35
O1A ATP F . 38.54 30.04 -28.25
O2A ATP F . 37.84 30.01 -30.70
O3A ATP F . 38.44 32.19 -29.60
O5' ATP F . 36.33 31.04 -28.96
C5' ATP F . 35.26 30.82 -29.89
C4' ATP F . 33.94 31.08 -29.18
O4' ATP F . 33.47 29.84 -28.60
C3' ATP F . 34.01 32.08 -28.04
O3' ATP F . 33.78 33.40 -28.50
C2' ATP F . 32.89 31.59 -27.12
O2' ATP F . 31.61 32.06 -27.56
C1' ATP F . 32.98 30.07 -27.30
N9 ATP F . 33.89 29.44 -26.35
C8 ATP F . 35.06 28.78 -26.64
N7 ATP F . 35.68 28.30 -25.59
C5 ATP F . 34.86 28.66 -24.53
C6 ATP F . 34.95 28.44 -23.14
N6 ATP F . 35.95 27.78 -22.55
N1 ATP F . 33.95 28.94 -22.36
C2 ATP F . 32.95 29.59 -22.94
N3 ATP F . 32.76 29.86 -24.24
C4 ATP F . 33.75 29.36 -24.98
PB GDP G . 26.48 45.43 -32.44
O1B GDP G . 27.60 44.98 -31.53
O2B GDP G . 26.80 46.82 -32.97
O3B GDP G . 26.34 44.48 -33.60
O3A GDP G . 25.11 45.49 -31.59
PA GDP G . 24.41 44.15 -31.06
O1A GDP G . 22.92 44.19 -31.32
O2A GDP G . 25.01 42.92 -31.69
O5' GDP G . 24.71 44.20 -29.48
C5' GDP G . 23.86 43.49 -28.58
C4' GDP G . 24.69 42.73 -27.57
O4' GDP G . 23.93 41.59 -27.13
C3' GDP G . 25.98 42.21 -28.19
O3' GDP G . 27.10 42.71 -27.44
C2' GDP G . 25.93 40.70 -28.08
O2' GDP G . 27.10 40.22 -27.41
C1' GDP G . 24.68 40.39 -27.28
N9 GDP G . 23.85 39.32 -27.90
C8 GDP G . 23.23 38.36 -27.21
N7 GDP G . 22.54 37.52 -28.03
C5 GDP G . 22.71 37.97 -29.29
C6 GDP G . 22.25 37.55 -30.63
O6 GDP G . 21.51 36.55 -30.77
N1 GDP G . 22.64 38.28 -31.68
C2 GDP G . 23.44 39.35 -31.55
N2 GDP G . 23.79 40.03 -32.67
N3 GDP G . 23.89 39.79 -30.35
C4 GDP G . 23.57 39.16 -29.20
PA TTP H . -9.92 17.71 14.42
O1A TTP H . -10.41 17.39 13.02
O2A TTP H . -9.84 19.19 14.65
O3A TTP H . -10.84 17.02 15.53
PB TTP H . -12.26 17.62 15.96
O1B TTP H . -12.30 19.12 15.84
O2B TTP H . -13.38 16.99 15.16
O3B TTP H . -12.36 17.17 17.50
PG TTP H . -11.31 17.71 18.59
O1G TTP H . -10.86 19.10 18.25
O2G TTP H . -11.95 17.71 19.96
O3G TTP H . -10.12 16.78 18.62
O5' TTP H . -8.50 17.02 14.70
C5' TTP H . -8.47 15.68 15.20
C4' TTP H . -7.08 15.12 15.02
O4' TTP H . -7.20 13.71 14.82
C3' TTP H . -6.40 15.72 13.80
O3' TTP H . -5.17 16.33 14.17
C2' TTP H . -6.14 14.57 12.86
C1' TTP H . -6.61 13.32 13.57
N1 TTP H . -7.62 12.62 12.78
C2 TTP H . -7.39 11.28 12.37
O2 TTP H . -6.33 10.72 12.71
N3 TTP H . -8.29 10.62 11.64
C4 TTP H . -9.43 11.21 11.27
O4 TTP H . -10.27 10.59 10.58
C5 TTP H . -9.69 12.62 11.67
C5M TTP H . -10.96 13.31 11.27
C6 TTP H . -8.73 13.26 12.43
MG MG I . -9.81 20.28 16.42
PA TTP J . -4.39 22.67 -12.87
O1A TTP J . -4.48 22.94 -11.39
O2A TTP J . -5.62 23.18 -13.59
O3A TTP J . -3.04 23.32 -13.47
PB TTP J . -3.05 24.73 -14.25
O1B TTP J . -4.34 25.49 -14.07
O2B TTP J . -1.89 25.57 -13.80
O3B TTP J . -2.86 24.24 -15.77
PG TTP J . -3.98 24.52 -16.88
O1G TTP J . -4.02 26.00 -17.22
O2G TTP J . -3.67 23.73 -18.12
O3G TTP J . -5.34 24.10 -16.35
O5' TTP J . -4.17 21.12 -13.18
C5' TTP J . -5.09 20.46 -14.05
C4' TTP J . -4.79 18.97 -14.09
O4' TTP J . -3.38 18.75 -14.07
C3' TTP J . -5.35 18.26 -12.88
O3' TTP J . -6.60 17.63 -13.19
C2' TTP J . -4.31 17.21 -12.52
C1' TTP J . -3.10 17.53 -13.38
N1 TTP J . -1.92 17.69 -12.53
C2 TTP J . -1.10 16.57 -12.25
O2 TTP J . -1.41 15.46 -12.75
N3 TTP J . -0.03 16.66 -11.47
C4 TTP J . 0.32 17.83 -10.93
O4 TTP J . 1.33 17.91 -10.20
C5 TTP J . -0.51 19.03 -11.20
C5M TTP J . -0.16 20.36 -10.60
C6 TTP J . -1.63 18.89 -12.01
MG MG K . -6.60 24.61 -14.66
PG ATP L . -44.62 -9.38 28.77
O1G ATP L . -43.62 -8.28 28.61
O2G ATP L . -46.06 -8.88 28.91
O3G ATP L . -44.56 -10.42 27.64
PB ATP L . -43.88 -11.67 30.56
O1B ATP L . -42.99 -11.60 31.75
O2B ATP L . -45.14 -12.53 30.72
O3B ATP L . -44.34 -10.22 30.11
PA ATP L . -41.62 -12.14 28.73
O1A ATP L . -41.58 -11.77 27.30
O2A ATP L . -40.95 -13.47 29.07
O3A ATP L . -43.10 -12.19 29.28
O5' ATP L . -40.94 -11.02 29.61
C5' ATP L . -39.53 -10.77 29.57
C4' ATP L . -39.28 -9.37 29.06
O4' ATP L . -38.10 -9.36 28.22
C3' ATP L . -40.39 -8.78 28.21
O3' ATP L . -41.34 -8.09 29.01
C2' ATP L . -39.63 -7.83 27.28
O2' ATP L . -39.36 -6.58 27.91
C1' ATP L . -38.33 -8.60 27.05
N9 ATP L . -38.38 -9.51 25.91
C8 ATP L . -38.47 -10.88 25.94
N7 ATP L . -38.48 -11.44 24.76
C5 ATP L . -38.40 -10.37 23.89
C6 ATP L . -38.36 -10.28 22.47
N6 ATP L . -38.42 -11.35 21.67
N1 ATP L . -38.27 -9.06 21.92
C2 ATP L . -38.21 -7.99 22.72
N3 ATP L . -38.23 -7.95 24.06
C4 ATP L . -38.33 -9.17 24.58
PB GDP M . -44.97 5.90 35.37
O1B GDP M . -44.31 4.73 36.06
O2B GDP M . -46.45 5.86 35.65
O3B GDP M . -44.39 7.19 35.90
O3A GDP M . -44.73 5.80 33.78
PA GDP M . -43.28 5.99 33.14
O1A GDP M . -42.77 7.40 33.29
O2A GDP M . -42.29 5.01 33.74
O5' GDP M . -43.54 5.64 31.59
C5' GDP M . -42.79 6.27 30.56
C4' GDP M . -42.73 5.34 29.36
O4' GDP M . -41.38 5.30 28.90
C3' GDP M . -43.13 3.93 29.75
O3' GDP M . -44.12 3.43 28.84
C2' GDP M . -41.87 3.09 29.65
O2' GDP M . -42.13 1.88 28.94
C1' GDP M . -40.88 3.96 28.89
N9 GDP M . -39.51 3.92 29.46
C8 GDP M . -38.39 3.94 28.72
N7 GDP M . -37.28 3.90 29.51
C5 GDP M . -37.70 3.85 30.78
C6 GDP M . -37.04 3.80 32.11
O6 GDP M . -35.80 3.78 32.21
N1 GDP M . -37.82 3.77 33.19
C2 GDP M . -39.16 3.79 33.11
N2 GDP M . -39.88 3.75 34.26
N3 GDP M . -39.83 3.84 31.93
C4 GDP M . -39.17 3.88 30.75
MN MN N . 24.69 -33.37 -9.11
MN MN O . 22.21 -31.48 -11.17
MN MN P . 11.55 -26.36 9.85
MN MN Q . 14.98 -25.50 11.52
#